data_8S2E
#
_entry.id   8S2E
#
_cell.length_a   1.00
_cell.length_b   1.00
_cell.length_c   1.00
_cell.angle_alpha   90.00
_cell.angle_beta   90.00
_cell.angle_gamma   90.00
#
_symmetry.space_group_name_H-M   'P 1'
#
loop_
_entity.id
_entity.type
_entity.pdbx_description
1 polymer 'variable heavy chain'
2 polymer 'variable light chain'
3 polymer 'Envelope glycoprotein gp120'
4 polymer 'Envelope glycoprotein gp41'
5 branched 2-acetamido-2-deoxy-beta-D-glucopyranose-(1-4)-2-acetamido-2-deoxy-beta-D-glucopyranose
6 branched alpha-D-mannopyranose-(1-2)-alpha-D-mannopyranose-(1-3)-beta-D-mannopyranose-(1-4)-2-acetamido-2-deoxy-beta-D-glucopyranose-(1-4)-2-acetamido-2-deoxy-beta-D-glucopyranose
7 branched beta-D-mannopyranose-(1-4)-2-acetamido-2-deoxy-beta-D-glucopyranose-(1-4)-2-acetamido-2-deoxy-beta-D-glucopyranose
8 non-polymer 2-acetamido-2-deoxy-beta-D-glucopyranose
#
loop_
_entity_poly.entity_id
_entity_poly.type
_entity_poly.pdbx_seq_one_letter_code
_entity_poly.pdbx_strand_id
1 'polypeptide(L)'
;QVHVMQSGDQVKKPGASVQVSCTTSGSSFIEDSLHWIQQVPGQEPEWLGWVNPRHGAVNYSWKIRDRITMTRDISKSTMY
VQMRGLQSDDTAMYYCAKSRRGANWALYWGWGTRITVSSASTKGPSVFPLAPSSKSTSGGTAALGCLVKDYFPEPVTVSW
NSGALTSGVHTFPAVLQSSGLYSLSSVVTVPSSSLGTQTYICNVNHKPSNTKVDKKVEPK
;
H
2 'polypeptide(L)'
;DIQLTQSPSYLAASVGDRVTITCRESNDLNWYLQRPGKPPKLLISGASKLERGVPSRFRGSSSGSLTISGLQPEDIGTYY
CQVFEFFGGGTRVDIKRTVAAPSVFIFPPSDEQLKSGTASVVCLLNNFYPREAKVQWKVDNALQSGNSQESVTEQDSKDS
TYSLSSTLTLSKADYEKHKVYACEVTHQGLSSPVTKSFNRGEC
;
L
3 'polypeptide(L)'
;AENLWVTVYYGVPVWKDAETTLFCASDHNVWATHACVPTDPNPQEIHLENVTEEFNMWKNNMVEQMHTDIISLWDQSLKP
CVKLTPLCVTLQCTNVTNNITDDMRGELKNCSFNMTTELRDKKQKVYSLFYRLDVVQIKEYRLINCNTSACTQACPKVSF
EPIPIHYCAPAGFAILKCKDKKFNGTGPCPSVSTVQCTHGIKPVVSTQLLLNGSLAEEEVMIRSENITNNAKNILVQFNT
PVQINCTRPNNNTRKSIRIGPGQAFYATGDIIGDIRQAHCNVSKATWNETLGKVVKQLRKHFGNNTIIRFANSSGGDLEV
TTHSFNCGGEFFYCNTSGLFNSTWISNSNDSITLPCRIKQIINMWQRIGQCMYAPPIQGVIRCVSNITGLILTRDGGSTN
STTETFRPGGGDMRDNWRSELYKYKVVKIEPLGVAPTRCKR
;
A,E,C
4 'polypeptide(L)'
;AVGIGAVFLGFLGAAGSTMGAASMTLTVQARNLLSTVWGIKQLQARVLAVERYLRDQQLLGIWGCSGKLICCTNVPWNSS
WSNRNLSEIWDNMTWLQWDKEISNYTQIIYGLLEESQNQQEKNEQDLLAL
;
B,D,F
#
loop_
_chem_comp.id
_chem_comp.type
_chem_comp.name
_chem_comp.formula
BMA D-saccharide, beta linking beta-D-mannopyranose 'C6 H12 O6'
MAN D-saccharide, alpha linking alpha-D-mannopyranose 'C6 H12 O6'
NAG D-saccharide, beta linking 2-acetamido-2-deoxy-beta-D-glucopyranose 'C8 H15 N O6'
#
# COMPACT_ATOMS: atom_id res chain seq x y z
N GLN A 1 -20.10 17.44 18.93
CA GLN A 1 -21.02 18.55 19.13
C GLN A 1 -21.92 18.75 17.93
N VAL A 2 -22.20 17.65 17.21
CA VAL A 2 -23.06 17.71 16.04
C VAL A 2 -24.48 18.09 16.45
N HIS A 3 -25.06 19.05 15.74
CA HIS A 3 -26.40 19.54 16.05
C HIS A 3 -27.18 19.68 14.77
N VAL A 4 -28.49 19.90 14.92
CA VAL A 4 -29.38 20.14 13.79
C VAL A 4 -30.15 21.43 14.03
N MET A 5 -30.58 22.06 12.94
CA MET A 5 -31.34 23.30 12.99
C MET A 5 -32.45 23.25 11.96
N GLN A 6 -33.48 24.06 12.18
CA GLN A 6 -34.60 24.13 11.27
C GLN A 6 -35.22 25.53 11.36
N SER A 7 -36.08 25.83 10.38
CA SER A 7 -36.72 27.13 10.33
C SER A 7 -37.76 27.26 11.45
N GLY A 8 -38.30 28.47 11.58
CA GLY A 8 -39.25 28.76 12.64
C GLY A 8 -40.64 28.17 12.41
N ASP A 9 -41.65 28.83 12.95
CA ASP A 9 -43.03 28.38 12.85
C ASP A 9 -43.78 29.25 11.85
N GLN A 10 -44.67 28.61 11.07
CA GLN A 10 -45.48 29.31 10.08
C GLN A 10 -46.94 28.95 10.27
N VAL A 11 -47.80 29.94 10.01
CA VAL A 11 -49.25 29.75 10.07
C VAL A 11 -49.83 30.17 8.73
N LYS A 12 -50.60 29.27 8.11
CA LYS A 12 -51.26 29.56 6.84
C LYS A 12 -52.52 28.73 6.71
N LYS A 13 -53.38 29.14 5.79
CA LYS A 13 -54.69 28.53 5.64
C LYS A 13 -54.56 27.10 5.11
N PRO A 14 -55.53 26.24 5.42
CA PRO A 14 -55.46 24.86 4.94
C PRO A 14 -55.67 24.78 3.43
N GLY A 15 -55.10 23.72 2.85
CA GLY A 15 -55.14 23.53 1.41
C GLY A 15 -53.97 24.14 0.66
N ALA A 16 -53.06 24.81 1.34
CA ALA A 16 -51.91 25.43 0.71
C ALA A 16 -50.65 24.60 0.96
N SER A 17 -49.77 24.56 -0.04
CA SER A 17 -48.52 23.83 0.09
C SER A 17 -47.63 24.50 1.12
N VAL A 18 -46.99 23.68 1.94
CA VAL A 18 -46.08 24.15 2.99
C VAL A 18 -44.69 23.65 2.65
N GLN A 19 -43.67 24.45 3.00
CA GLN A 19 -42.28 24.09 2.78
C GLN A 19 -41.48 24.44 4.03
N VAL A 20 -40.57 23.53 4.42
CA VAL A 20 -39.68 23.72 5.56
C VAL A 20 -38.28 23.26 5.17
N SER A 21 -37.30 23.77 5.90
CA SER A 21 -35.90 23.46 5.65
C SER A 21 -35.21 23.05 6.95
N CYS A 22 -34.24 22.16 6.81
CA CYS A 22 -33.45 21.66 7.92
C CYS A 22 -31.98 21.64 7.51
N THR A 23 -31.11 21.70 8.51
CA THR A 23 -29.68 21.62 8.29
C THR A 23 -29.01 20.89 9.44
N THR A 24 -27.83 20.34 9.18
CA THR A 24 -27.04 19.62 10.17
C THR A 24 -25.63 20.15 10.16
N SER A 25 -25.05 20.35 11.34
CA SER A 25 -23.71 20.90 11.47
C SER A 25 -22.88 20.03 12.40
N GLY A 26 -21.63 19.81 12.02
CA GLY A 26 -20.67 19.09 12.84
C GLY A 26 -20.45 17.64 12.47
N SER A 27 -21.09 17.14 11.41
CA SER A 27 -20.94 15.74 11.05
C SER A 27 -21.02 15.59 9.53
N SER A 28 -20.59 14.44 9.05
CA SER A 28 -20.70 14.12 7.63
C SER A 28 -22.17 14.01 7.23
N PHE A 29 -22.50 14.45 6.01
CA PHE A 29 -23.94 14.47 5.61
C PHE A 29 -24.27 13.33 4.64
N ILE A 30 -23.34 12.98 3.76
CA ILE A 30 -23.65 11.95 2.71
C ILE A 30 -24.21 10.69 3.35
N GLU A 31 -23.53 10.08 4.32
CA GLU A 31 -24.02 8.81 4.86
C GLU A 31 -24.64 9.06 6.23
N ASP A 32 -25.85 9.61 6.23
CA ASP A 32 -26.70 9.76 7.41
C ASP A 32 -28.15 9.94 6.97
N SER A 33 -29.00 8.98 7.33
CA SER A 33 -30.38 8.96 6.88
C SER A 33 -31.20 9.93 7.75
N LEU A 34 -31.76 10.95 7.10
CA LEU A 34 -32.57 11.93 7.83
C LEU A 34 -34.02 11.47 7.88
N HIS A 35 -34.74 11.94 8.89
CA HIS A 35 -36.14 11.58 9.10
C HIS A 35 -36.96 12.84 9.33
N TRP A 36 -38.23 12.77 8.96
CA TRP A 36 -39.19 13.85 9.19
C TRP A 36 -40.41 13.22 9.84
N ILE A 37 -40.72 13.63 11.08
CA ILE A 37 -41.82 13.04 11.84
C ILE A 37 -42.67 14.15 12.43
N GLN A 38 -43.94 13.84 12.69
CA GLN A 38 -44.89 14.77 13.29
C GLN A 38 -45.61 14.09 14.44
N GLN A 39 -46.10 14.89 15.38
CA GLN A 39 -46.83 14.39 16.54
C GLN A 39 -47.87 15.41 16.99
N VAL A 40 -49.01 14.91 17.45
CA VAL A 40 -49.96 15.74 18.20
C VAL A 40 -49.50 15.78 19.66
N PRO A 41 -49.35 16.96 20.26
CA PRO A 41 -48.75 17.05 21.59
C PRO A 41 -49.50 16.21 22.62
N GLY A 42 -48.74 15.59 23.52
CA GLY A 42 -49.33 14.67 24.49
C GLY A 42 -49.91 13.42 23.87
N GLN A 43 -49.29 12.92 22.81
CA GLN A 43 -49.76 11.72 22.12
C GLN A 43 -48.55 10.98 21.55
N GLU A 44 -48.82 10.08 20.61
CA GLU A 44 -47.80 9.18 20.09
C GLU A 44 -47.34 9.68 18.72
N PRO A 45 -46.08 10.08 18.56
CA PRO A 45 -45.63 10.56 17.24
C PRO A 45 -45.77 9.49 16.17
N GLU A 46 -46.17 9.93 14.98
CA GLU A 46 -46.30 9.06 13.82
C GLU A 46 -45.24 9.46 12.80
N TRP A 47 -44.39 8.51 12.44
CA TRP A 47 -43.31 8.79 11.49
C TRP A 47 -43.87 9.07 10.10
N LEU A 48 -43.37 10.12 9.47
CA LEU A 48 -43.84 10.55 8.16
C LEU A 48 -42.92 10.10 7.02
N GLY A 49 -41.61 10.28 7.15
CA GLY A 49 -40.75 9.82 6.07
C GLY A 49 -39.29 9.86 6.43
N TRP A 50 -38.48 9.26 5.56
CA TRP A 50 -37.04 9.33 5.69
C TRP A 50 -36.39 9.48 4.32
N VAL A 51 -35.19 10.05 4.32
CA VAL A 51 -34.43 10.34 3.11
C VAL A 51 -32.99 9.90 3.32
N ASN A 52 -32.36 9.43 2.25
CA ASN A 52 -30.94 9.04 2.28
C ASN A 52 -30.17 9.95 1.34
N PRO A 53 -29.46 10.99 1.86
CA PRO A 53 -28.75 11.98 1.03
C PRO A 53 -27.67 11.36 0.14
N ARG A 54 -27.23 10.14 0.44
CA ARG A 54 -26.14 9.55 -0.34
C ARG A 54 -26.55 9.40 -1.81
N HIS A 55 -27.78 8.98 -2.05
CA HIS A 55 -28.31 8.86 -3.41
C HIS A 55 -29.67 9.49 -3.60
N GLY A 56 -30.22 10.15 -2.57
CA GLY A 56 -31.50 10.82 -2.70
C GLY A 56 -32.72 9.92 -2.55
N ALA A 57 -32.52 8.62 -2.31
CA ALA A 57 -33.66 7.72 -2.18
C ALA A 57 -34.51 8.10 -0.98
N VAL A 58 -35.83 8.16 -1.18
CA VAL A 58 -36.76 8.57 -0.13
C VAL A 58 -37.74 7.44 0.12
N ASN A 59 -38.35 7.49 1.30
CA ASN A 59 -39.42 6.56 1.65
C ASN A 59 -40.42 7.29 2.51
N TYR A 60 -41.70 7.05 2.24
CA TYR A 60 -42.80 7.75 2.89
C TYR A 60 -43.63 6.77 3.70
N SER A 61 -44.74 7.28 4.22
CA SER A 61 -45.62 6.50 5.08
C SER A 61 -46.96 6.25 4.37
N TRP A 62 -47.87 5.62 5.12
CA TRP A 62 -49.13 5.15 4.57
C TRP A 62 -50.17 6.27 4.47
N LYS A 63 -50.17 7.20 5.43
CA LYS A 63 -51.12 8.31 5.42
C LYS A 63 -50.55 9.60 4.85
N ILE A 64 -49.32 9.59 4.35
CA ILE A 64 -48.68 10.80 3.85
C ILE A 64 -48.32 10.68 2.36
N ARG A 65 -48.49 9.50 1.78
CA ARG A 65 -48.18 9.31 0.37
C ARG A 65 -49.01 10.24 -0.50
N ASP A 66 -48.40 10.77 -1.55
CA ASP A 66 -48.93 11.71 -2.53
C ASP A 66 -49.02 13.12 -1.93
N ARG A 67 -48.73 13.29 -0.64
CA ARG A 67 -48.80 14.59 0.02
C ARG A 67 -47.47 14.98 0.66
N ILE A 68 -46.37 14.45 0.14
CA ILE A 68 -45.05 14.67 0.73
C ILE A 68 -44.02 14.72 -0.39
N THR A 69 -43.00 15.57 -0.22
CA THR A 69 -41.88 15.68 -1.14
C THR A 69 -40.63 16.00 -0.35
N MET A 70 -39.64 15.12 -0.42
CA MET A 70 -38.39 15.27 0.31
C MET A 70 -37.26 15.51 -0.68
N THR A 71 -36.45 16.52 -0.41
CA THR A 71 -35.30 16.84 -1.25
C THR A 71 -34.09 17.09 -0.36
N ARG A 72 -32.91 16.75 -0.86
CA ARG A 72 -31.69 16.89 -0.02
C ARG A 72 -30.62 17.62 -0.83
N ASP A 73 -29.69 18.29 -0.15
CA ASP A 73 -28.59 19.01 -0.83
C ASP A 73 -27.30 18.86 -0.01
N ILE A 74 -26.72 17.65 -0.01
CA ILE A 74 -25.49 17.40 0.79
C ILE A 74 -24.49 18.53 0.54
N SER A 75 -24.48 19.10 -0.67
CA SER A 75 -23.59 20.25 -0.95
C SER A 75 -23.74 21.28 0.18
N LYS A 76 -24.97 21.77 0.40
CA LYS A 76 -25.22 22.69 1.54
C LYS A 76 -25.77 21.87 2.71
N SER A 77 -25.64 20.54 2.62
CA SER A 77 -26.12 19.64 3.70
C SER A 77 -27.47 20.12 4.25
N THR A 78 -28.37 20.60 3.38
CA THR A 78 -29.68 20.98 3.89
C THR A 78 -30.77 20.15 3.22
N MET A 79 -31.88 19.97 3.93
CA MET A 79 -32.97 19.12 3.49
C MET A 79 -34.26 19.93 3.45
N TYR A 80 -35.04 19.74 2.39
CA TYR A 80 -36.29 20.45 2.18
C TYR A 80 -37.45 19.46 2.25
N VAL A 81 -38.50 19.84 2.97
CA VAL A 81 -39.72 19.04 3.08
C VAL A 81 -40.87 19.91 2.61
N GLN A 82 -41.59 19.47 1.59
CA GLN A 82 -42.69 20.23 1.03
C GLN A 82 -43.92 19.32 0.93
N MET A 83 -45.02 19.77 1.53
CA MET A 83 -46.26 19.00 1.57
C MET A 83 -47.36 19.77 0.86
N ARG A 84 -48.08 19.10 -0.04
CA ARG A 84 -49.16 19.69 -0.79
C ARG A 84 -50.51 19.10 -0.37
N GLY A 85 -51.58 19.83 -0.69
CA GLY A 85 -52.91 19.37 -0.34
C GLY A 85 -53.14 19.23 1.14
N LEU A 86 -52.68 20.21 1.92
CA LEU A 86 -52.80 20.13 3.37
C LEU A 86 -54.26 20.13 3.79
N GLN A 87 -54.58 19.30 4.78
CA GLN A 87 -55.94 19.12 5.27
C GLN A 87 -56.11 19.86 6.60
N SER A 88 -57.32 19.78 7.15
CA SER A 88 -57.61 20.47 8.40
C SER A 88 -56.95 19.78 9.58
N ASP A 89 -57.04 18.45 9.65
CA ASP A 89 -56.55 17.70 10.80
C ASP A 89 -55.06 17.40 10.72
N ASP A 90 -54.26 18.45 10.48
CA ASP A 90 -52.80 18.33 10.49
C ASP A 90 -52.14 19.39 11.37
N THR A 91 -52.92 20.12 12.16
CA THR A 91 -52.36 21.10 13.08
C THR A 91 -51.69 20.35 14.22
N ALA A 92 -50.40 20.06 14.05
CA ALA A 92 -49.61 19.33 15.03
C ALA A 92 -48.22 19.94 15.04
N MET A 93 -47.28 19.27 15.68
CA MET A 93 -45.91 19.73 15.75
C MET A 93 -44.99 18.78 14.97
N TYR A 94 -43.87 19.30 14.48
CA TYR A 94 -43.02 18.57 13.54
C TYR A 94 -41.56 18.65 13.98
N TYR A 95 -40.86 17.52 13.87
CA TYR A 95 -39.42 17.47 14.08
C TYR A 95 -38.71 16.90 12.87
N CYS A 96 -37.54 17.47 12.59
CA CYS A 96 -36.62 17.06 11.54
C CYS A 96 -35.49 16.30 12.21
N ALA A 97 -35.66 14.99 12.36
CA ALA A 97 -34.74 14.17 13.12
C ALA A 97 -33.57 13.70 12.27
N LYS A 98 -32.45 13.45 12.94
CA LYS A 98 -31.24 12.97 12.29
C LYS A 98 -30.76 11.71 13.00
N SER A 99 -30.34 10.72 12.21
CA SER A 99 -29.91 9.43 12.73
C SER A 99 -28.45 9.19 12.35
N ARG A 100 -27.63 8.83 13.32
CA ARG A 100 -26.23 8.55 13.07
C ARG A 100 -26.06 7.21 12.36
N ARG A 101 -24.98 7.10 11.60
CA ARG A 101 -24.57 5.89 10.88
C ARG A 101 -25.56 5.47 9.79
N GLY A 102 -26.49 6.34 9.43
CA GLY A 102 -27.46 6.00 8.39
C GLY A 102 -28.38 4.87 8.74
N ALA A 103 -28.46 4.50 10.02
CA ALA A 103 -29.26 3.38 10.46
C ALA A 103 -30.68 3.83 10.78
N ASN A 104 -31.40 2.97 11.50
CA ASN A 104 -32.81 3.31 11.82
C ASN A 104 -32.87 4.33 12.94
N TRP A 105 -34.03 4.48 13.57
CA TRP A 105 -34.29 5.42 14.66
C TRP A 105 -33.73 6.80 14.36
N ALA A 106 -33.52 7.59 15.42
CA ALA A 106 -32.94 8.93 15.30
C ALA A 106 -32.50 9.37 16.69
N LEU A 107 -31.53 10.27 16.74
CA LEU A 107 -31.02 10.75 18.01
C LEU A 107 -31.16 12.26 18.17
N TYR A 108 -30.81 13.03 17.15
CA TYR A 108 -30.83 14.49 17.23
C TYR A 108 -32.16 15.02 16.72
N TRP A 109 -32.84 15.79 17.57
CA TRP A 109 -34.13 16.38 17.24
C TRP A 109 -33.96 17.87 16.90
N GLY A 110 -34.91 18.37 16.11
CA GLY A 110 -34.87 19.75 15.67
C GLY A 110 -35.35 20.74 16.71
N TRP A 111 -35.49 21.99 16.28
CA TRP A 111 -35.92 23.07 17.17
C TRP A 111 -37.44 23.25 17.20
N GLY A 112 -38.21 22.22 16.84
CA GLY A 112 -39.64 22.29 17.03
C GLY A 112 -40.43 23.08 16.00
N THR A 113 -40.49 22.58 14.76
CA THR A 113 -41.27 23.28 13.74
C THR A 113 -42.77 23.22 14.09
N ARG A 114 -43.44 24.36 14.02
CA ARG A 114 -44.86 24.45 14.34
C ARG A 114 -45.61 24.85 13.07
N ILE A 115 -46.17 23.86 12.38
CA ILE A 115 -46.98 24.10 11.19
C ILE A 115 -48.44 23.97 11.58
N THR A 116 -49.19 25.07 11.44
CA THR A 116 -50.56 25.13 11.91
C THR A 116 -51.46 25.73 10.84
N VAL A 117 -52.72 25.28 10.83
CA VAL A 117 -53.76 25.82 9.96
C VAL A 117 -54.97 26.17 10.82
N SER A 118 -55.76 27.11 10.31
CA SER A 118 -56.94 27.59 11.02
C SER A 118 -58.15 27.52 10.10
N SER A 119 -59.30 27.21 10.69
CA SER A 119 -60.55 27.10 9.94
C SER A 119 -61.34 28.41 10.02
N ASP B 1 -50.37 -5.69 13.25
CA ASP B 1 -48.91 -5.77 13.21
C ASP B 1 -48.35 -6.19 14.57
N ILE B 2 -47.54 -5.28 15.14
CA ILE B 2 -46.91 -5.53 16.46
C ILE B 2 -47.34 -4.42 17.42
N GLN B 3 -47.83 -4.79 18.60
CA GLN B 3 -48.28 -3.85 19.61
C GLN B 3 -47.54 -4.16 20.91
N LEU B 4 -46.75 -3.19 21.37
CA LEU B 4 -45.90 -3.40 22.57
C LEU B 4 -46.73 -3.41 23.85
N THR B 5 -46.50 -4.39 24.71
CA THR B 5 -47.16 -4.51 26.00
C THR B 5 -46.48 -3.57 26.99
N GLN B 6 -47.11 -2.44 27.27
CA GLN B 6 -46.53 -1.39 28.11
C GLN B 6 -47.27 -1.33 29.44
N SER B 7 -46.51 -1.08 30.52
CA SER B 7 -47.10 -0.91 31.83
C SER B 7 -47.85 0.42 31.90
N PRO B 8 -48.75 0.58 32.88
CA PRO B 8 -49.48 1.84 33.01
C PRO B 8 -48.54 3.02 33.16
N SER B 9 -48.91 4.14 32.55
CA SER B 9 -48.04 5.31 32.46
C SER B 9 -48.39 6.31 33.58
N TYR B 10 -47.97 5.96 34.79
CA TYR B 10 -48.12 6.84 35.93
C TYR B 10 -47.22 6.34 37.06
N LEU B 11 -46.43 7.26 37.64
CA LEU B 11 -45.56 6.95 38.75
C LEU B 11 -45.59 8.09 39.76
N ALA B 12 -45.28 7.76 41.01
CA ALA B 12 -45.22 8.73 42.08
C ALA B 12 -43.82 8.88 42.66
N ALA B 13 -42.81 8.37 41.97
CA ALA B 13 -41.43 8.49 42.45
C ALA B 13 -40.98 9.95 42.42
N SER B 14 -40.23 10.34 43.45
CA SER B 14 -39.74 11.71 43.57
C SER B 14 -38.22 11.79 43.45
N VAL B 15 -37.49 11.11 44.34
CA VAL B 15 -36.03 11.17 44.36
C VAL B 15 -35.49 9.86 44.92
N GLY B 16 -34.54 9.26 44.21
CA GLY B 16 -33.80 8.11 44.71
C GLY B 16 -34.64 6.90 45.06
N ASP B 17 -35.24 6.27 44.04
CA ASP B 17 -36.01 5.05 44.24
C ASP B 17 -36.05 4.28 42.94
N ARG B 18 -35.60 3.03 42.97
CA ARG B 18 -35.49 2.22 41.77
C ARG B 18 -36.88 1.89 41.22
N VAL B 19 -37.17 2.35 40.01
CA VAL B 19 -38.39 2.04 39.30
C VAL B 19 -38.03 1.55 37.91
N THR B 20 -38.97 0.87 37.27
CA THR B 20 -38.76 0.34 35.94
C THR B 20 -39.97 0.61 35.08
N ILE B 21 -39.75 0.63 33.77
CA ILE B 21 -40.80 0.82 32.77
C ILE B 21 -40.82 -0.42 31.88
N THR B 22 -42.00 -1.04 31.76
CA THR B 22 -42.15 -2.30 31.05
C THR B 22 -42.50 -2.02 29.60
N CYS B 23 -41.72 -2.59 28.68
CA CYS B 23 -41.95 -2.50 27.24
C CYS B 23 -41.79 -3.89 26.62
N ARG B 24 -42.43 -4.88 27.25
CA ARG B 24 -42.16 -6.28 26.94
C ARG B 24 -42.64 -6.63 25.54
N GLU B 25 -41.69 -6.87 24.65
CA GLU B 25 -41.91 -7.39 23.30
C GLU B 25 -40.56 -7.85 22.77
N SER B 26 -40.50 -8.15 21.47
CA SER B 26 -39.25 -8.57 20.85
C SER B 26 -38.20 -7.46 20.98
N ASN B 27 -36.94 -7.81 20.74
CA ASN B 27 -35.86 -6.79 20.77
C ASN B 27 -36.07 -5.86 21.97
N ASP B 28 -31.91 -2.28 19.81
CA ASP B 28 -33.26 -2.68 20.29
C ASP B 28 -33.73 -1.72 21.38
N LEU B 29 -34.83 -2.04 22.06
CA LEU B 29 -35.38 -1.17 23.13
C LEU B 29 -34.78 0.23 23.03
N ASN B 30 -35.25 1.04 22.08
CA ASN B 30 -34.75 2.43 21.92
C ASN B 30 -35.58 3.35 22.81
N TRP B 31 -34.94 4.02 23.77
CA TRP B 31 -35.70 4.86 24.69
C TRP B 31 -35.26 6.31 24.60
N TYR B 32 -36.24 7.20 24.55
CA TYR B 32 -36.05 8.64 24.42
C TYR B 32 -36.75 9.38 25.55
N LEU B 33 -36.26 10.58 25.82
CA LEU B 33 -36.89 11.49 26.77
C LEU B 33 -37.48 12.67 26.01
N GLN B 34 -38.79 12.89 26.20
CA GLN B 34 -39.48 13.99 25.55
C GLN B 34 -39.44 15.21 26.47
N ARG B 35 -39.07 16.35 25.90
CA ARG B 35 -38.93 17.54 26.73
C ARG B 35 -40.08 18.51 26.48
N PRO B 36 -40.58 19.16 27.53
CA PRO B 36 -41.69 20.12 27.35
C PRO B 36 -41.23 21.39 26.66
N GLY B 37 -41.60 21.55 25.39
CA GLY B 37 -41.14 22.69 24.62
C GLY B 37 -39.72 22.51 24.10
N LYS B 38 -38.82 22.12 24.99
CA LYS B 38 -37.44 21.87 24.60
C LYS B 38 -37.37 20.65 23.68
N PRO B 39 -36.39 20.57 22.79
CA PRO B 39 -36.25 19.40 21.92
C PRO B 39 -36.04 18.14 22.74
N PRO B 40 -36.62 17.02 22.31
CA PRO B 40 -36.41 15.76 23.02
C PRO B 40 -34.99 15.25 22.87
N LYS B 41 -34.54 14.48 23.85
CA LYS B 41 -33.21 13.91 23.87
C LYS B 41 -33.32 12.39 24.02
N LEU B 42 -32.60 11.66 23.16
CA LEU B 42 -32.57 10.20 23.27
C LEU B 42 -31.87 9.79 24.56
N LEU B 43 -32.35 8.71 25.16
CA LEU B 43 -31.77 8.19 26.39
C LEU B 43 -30.86 6.99 26.17
N ILE B 44 -31.34 5.94 25.54
CA ILE B 44 -30.50 4.76 25.27
C ILE B 44 -30.90 4.18 23.93
N SER B 45 -29.88 3.82 23.13
CA SER B 45 -30.07 3.19 21.84
C SER B 45 -29.52 1.76 21.91
N GLY B 46 -30.35 0.80 21.50
CA GLY B 46 -29.98 -0.60 21.55
C GLY B 46 -30.20 -1.27 22.89
N ALA B 47 -30.61 -0.52 23.92
CA ALA B 47 -30.90 -0.98 25.27
C ALA B 47 -29.66 -1.48 26.00
N SER B 48 -28.48 -1.45 25.38
CA SER B 48 -27.26 -1.94 26.01
C SER B 48 -26.05 -1.05 25.83
N LYS B 49 -26.03 -0.16 24.84
CA LYS B 49 -24.86 0.65 24.53
C LYS B 49 -25.20 2.13 24.83
N LEU B 50 -24.73 2.60 25.98
CA LEU B 50 -24.89 3.99 26.35
C LEU B 50 -24.05 4.89 25.44
N GLU B 51 -24.53 6.12 25.24
CA GLU B 51 -23.80 7.09 24.45
C GLU B 51 -23.02 8.02 25.38
N ARG B 52 -22.48 9.10 24.82
CA ARG B 52 -21.71 10.06 25.59
C ARG B 52 -22.63 11.15 26.14
N GLY B 53 -22.43 11.49 27.41
CA GLY B 53 -23.19 12.55 28.04
C GLY B 53 -24.46 12.11 28.75
N VAL B 54 -24.72 10.81 28.85
CA VAL B 54 -25.92 10.33 29.52
C VAL B 54 -25.54 9.71 30.85
N PRO B 55 -26.40 9.79 31.87
CA PRO B 55 -26.04 9.23 33.18
C PRO B 55 -25.87 7.72 33.13
N SER B 56 -24.97 7.21 33.97
CA SER B 56 -24.70 5.78 34.02
C SER B 56 -25.81 4.98 34.69
N ARG B 57 -26.75 5.66 35.36
CA ARG B 57 -27.85 4.94 36.00
C ARG B 57 -28.83 4.37 34.97
N PHE B 58 -28.98 5.03 33.83
CA PHE B 58 -29.90 4.59 32.79
C PHE B 58 -29.46 3.23 32.26
N ARG B 59 -30.30 2.22 32.45
CA ARG B 59 -29.98 0.85 32.08
C ARG B 59 -31.18 0.21 31.40
N GLY B 60 -30.94 -0.41 30.25
CA GLY B 60 -31.98 -1.13 29.52
C GLY B 60 -31.88 -2.62 29.77
N SER B 61 -33.03 -3.24 30.00
CA SER B 61 -33.08 -4.67 30.33
C SER B 61 -33.08 -5.54 29.08
N SER B 62 -32.11 -5.32 28.19
CA SER B 62 -31.94 -6.10 26.98
C SER B 62 -33.24 -6.17 26.17
N SER B 63 -33.77 -7.37 25.99
CA SER B 63 -35.03 -7.57 25.27
C SER B 63 -36.22 -7.48 26.22
N GLY B 64 -36.30 -6.37 26.96
CA GLY B 64 -37.38 -6.15 27.89
C GLY B 64 -38.40 -5.14 27.40
N SER B 65 -36.35 -2.97 28.75
CA SER B 65 -36.94 -2.21 29.84
C SER B 65 -35.91 -1.26 30.46
N LEU B 66 -36.23 0.02 30.48
CA LEU B 66 -35.33 1.04 31.06
C LEU B 66 -35.52 1.01 32.57
N THR B 67 -34.70 0.20 33.24
CA THR B 67 -34.71 0.12 34.70
C THR B 67 -33.78 1.19 35.25
N ILE B 68 -34.33 2.12 36.02
CA ILE B 68 -33.59 3.25 36.55
C ILE B 68 -33.54 3.11 38.07
N SER B 69 -32.33 3.23 38.63
CA SER B 69 -32.13 3.05 40.07
C SER B 69 -32.69 4.22 40.89
N GLY B 70 -33.07 5.32 40.26
CA GLY B 70 -33.62 6.44 41.00
C GLY B 70 -34.11 7.50 40.04
N LEU B 71 -34.73 8.53 40.62
CA LEU B 71 -35.26 9.66 39.87
C LEU B 71 -34.53 10.93 40.28
N GLN B 72 -34.06 11.68 39.30
CA GLN B 72 -33.33 12.93 39.50
C GLN B 72 -33.96 14.00 38.64
N PRO B 73 -33.74 15.28 38.97
CA PRO B 73 -34.40 16.36 38.21
C PRO B 73 -34.09 16.36 36.72
N GLU B 74 -32.91 15.91 36.31
CA GLU B 74 -32.53 15.97 34.90
C GLU B 74 -33.12 14.83 34.07
N ASP B 75 -33.79 13.86 34.69
CA ASP B 75 -34.39 12.74 33.95
C ASP B 75 -35.90 12.79 33.94
N ILE B 76 -36.51 13.88 34.43
CA ILE B 76 -37.96 13.98 34.42
C ILE B 76 -38.46 14.16 33.00
N GLY B 77 -39.69 13.70 32.74
CA GLY B 77 -40.31 13.83 31.45
C GLY B 77 -40.81 12.50 30.92
N THR B 78 -41.53 12.59 29.81
CA THR B 78 -42.11 11.41 29.18
C THR B 78 -41.01 10.52 28.60
N TYR B 79 -41.13 9.21 28.84
CA TYR B 79 -40.18 8.23 28.33
C TYR B 79 -40.84 7.43 27.21
N TYR B 80 -40.25 7.47 26.03
CA TYR B 80 -40.80 6.82 24.84
C TYR B 80 -39.97 5.61 24.47
N CYS B 81 -40.64 4.47 24.29
CA CYS B 81 -39.96 3.19 23.94
C CYS B 81 -40.19 2.92 22.46
N GLN B 82 -39.43 3.57 21.57
CA GLN B 82 -39.66 3.43 20.12
C GLN B 82 -39.14 2.08 19.60
N VAL B 83 -39.41 1.77 18.33
CA VAL B 83 -38.96 0.48 17.74
C VAL B 83 -38.30 0.75 16.38
N PHE B 84 -38.00 -0.31 15.61
CA PHE B 84 -37.40 -0.14 14.26
C PHE B 84 -38.03 1.07 13.57
N GLU B 85 -40.71 1.65 11.49
CA GLU B 85 -40.58 2.94 12.22
C GLU B 85 -41.79 3.13 13.12
N PHE B 86 -42.11 2.12 13.94
CA PHE B 86 -43.30 2.20 14.83
C PHE B 86 -42.90 2.78 16.19
N PHE B 87 -43.86 2.93 17.11
CA PHE B 87 -43.58 3.55 18.43
C PHE B 87 -44.09 2.67 19.56
N GLY B 88 -44.03 3.16 20.80
CA GLY B 88 -44.51 2.42 21.94
C GLY B 88 -45.85 2.89 22.46
N GLY B 89 -45.94 3.14 23.76
CA GLY B 89 -47.13 3.74 24.34
C GLY B 89 -46.81 5.03 25.06
N GLY B 90 -45.59 5.15 25.55
CA GLY B 90 -45.16 6.32 26.28
C GLY B 90 -45.46 6.21 27.77
N THR B 91 -44.69 6.97 28.56
CA THR B 91 -44.87 6.97 30.01
C THR B 91 -44.33 8.29 30.55
N ARG B 92 -45.23 9.17 30.98
CA ARG B 92 -44.85 10.45 31.56
C ARG B 92 -44.65 10.32 33.06
N VAL B 93 -43.61 10.95 33.57
CA VAL B 93 -43.28 10.91 34.99
C VAL B 93 -43.43 12.31 35.57
N ASP B 94 -43.61 12.36 36.89
CA ASP B 94 -43.77 13.63 37.59
C ASP B 94 -43.32 13.43 39.04
N ILE B 95 -43.08 14.55 39.72
CA ILE B 95 -42.61 14.55 41.10
C ILE B 95 -43.76 15.03 41.98
N LYS B 96 -44.09 14.21 42.98
CA LYS B 96 -45.17 14.55 43.92
C LYS B 96 -44.60 14.97 45.27
N ALA C 1 15.90 -59.06 -1.82
CA ALA C 1 17.20 -59.35 -1.21
C ALA C 1 18.06 -58.10 -1.13
N GLU C 2 17.70 -57.09 -1.93
CA GLU C 2 18.43 -55.83 -1.89
C GLU C 2 18.31 -55.15 -0.54
N ASN C 3 17.11 -55.17 0.06
CA ASN C 3 16.84 -54.53 1.34
C ASN C 3 17.22 -53.05 1.30
N LEU C 4 16.80 -52.38 0.23
CA LEU C 4 17.12 -50.98 0.01
C LEU C 4 15.94 -50.10 0.38
N TRP C 5 16.25 -48.91 0.89
CA TRP C 5 15.25 -47.97 1.36
C TRP C 5 15.60 -46.57 0.86
N VAL C 6 14.58 -45.73 0.75
CA VAL C 6 14.77 -44.35 0.34
C VAL C 6 15.57 -43.61 1.40
N THR C 7 16.45 -42.72 0.96
CA THR C 7 17.24 -41.87 1.83
C THR C 7 17.16 -40.46 1.28
N VAL C 8 16.83 -39.51 2.15
CA VAL C 8 16.56 -38.13 1.77
C VAL C 8 17.79 -37.28 2.08
N TYR C 9 18.31 -36.60 1.06
CA TYR C 9 19.42 -35.69 1.18
C TYR C 9 18.91 -34.27 0.97
N TYR C 10 19.22 -33.38 1.91
CA TYR C 10 18.88 -31.97 1.82
C TYR C 10 20.15 -31.16 1.66
N GLY C 11 20.10 -30.13 0.82
CA GLY C 11 21.29 -29.36 0.50
C GLY C 11 22.14 -29.97 -0.58
N VAL C 12 21.56 -30.76 -1.46
CA VAL C 12 22.34 -31.41 -2.53
C VAL C 12 22.57 -30.42 -3.66
N PRO C 13 23.72 -30.46 -4.35
CA PRO C 13 23.96 -29.52 -5.48
C PRO C 13 23.32 -29.95 -6.81
N VAL C 14 22.04 -29.62 -6.96
CA VAL C 14 21.29 -29.90 -8.18
C VAL C 14 20.50 -28.65 -8.55
N TRP C 15 20.48 -28.31 -9.83
CA TRP C 15 19.85 -27.07 -10.27
C TRP C 15 18.89 -27.35 -11.42
N LYS C 16 17.93 -26.45 -11.57
CA LYS C 16 16.98 -26.46 -12.68
C LYS C 16 16.90 -25.07 -13.29
N ASP C 17 16.71 -25.02 -14.60
CA ASP C 17 16.58 -23.74 -15.29
C ASP C 17 15.29 -23.04 -14.86
N ALA C 18 15.39 -21.75 -14.58
CA ALA C 18 14.23 -21.01 -14.09
C ALA C 18 14.42 -19.52 -14.38
N GLU C 19 13.39 -18.75 -14.05
CA GLU C 19 13.38 -17.29 -14.22
C GLU C 19 13.09 -16.63 -12.89
N THR C 20 13.89 -15.63 -12.53
CA THR C 20 13.73 -14.95 -11.26
C THR C 20 14.11 -13.49 -11.42
N THR C 21 13.72 -12.68 -10.44
CA THR C 21 14.04 -11.26 -10.44
C THR C 21 15.37 -11.02 -9.73
N LEU C 22 16.32 -10.43 -10.44
CA LEU C 22 17.63 -10.10 -9.91
C LEU C 22 17.63 -8.67 -9.36
N PHE C 23 18.74 -8.29 -8.74
CA PHE C 23 18.91 -6.95 -8.21
C PHE C 23 20.30 -6.43 -8.55
N CYS C 24 20.51 -5.14 -8.32
CA CYS C 24 21.77 -4.50 -8.72
C CYS C 24 22.87 -4.80 -7.71
N ALA C 25 24.09 -4.51 -8.12
CA ALA C 25 25.22 -4.31 -7.24
C ALA C 25 26.14 -3.31 -7.92
N SER C 26 26.48 -2.24 -7.20
CA SER C 26 27.31 -1.20 -7.76
C SER C 26 28.25 -0.67 -6.68
N ASP C 27 29.42 -0.23 -7.11
CA ASP C 27 30.45 0.24 -6.19
C ASP C 27 30.10 1.62 -5.64
N HIS C 28 24.13 12.14 -8.68
CA HIS C 28 22.95 11.97 -9.51
C HIS C 28 23.28 11.20 -10.78
N ASN C 29 22.54 10.12 -11.04
CA ASN C 29 22.71 9.35 -12.26
C ASN C 29 21.39 8.71 -12.64
N VAL C 30 21.19 8.53 -13.95
CA VAL C 30 19.97 7.91 -14.45
C VAL C 30 19.86 6.46 -13.96
N TRP C 31 20.94 5.70 -14.07
CA TRP C 31 20.98 4.32 -13.60
C TRP C 31 21.26 4.36 -12.12
N ALA C 32 20.21 4.63 -11.34
CA ALA C 32 20.32 4.96 -9.92
C ALA C 32 21.07 3.90 -9.13
N THR C 33 22.21 4.28 -8.54
CA THR C 33 22.97 3.40 -7.68
C THR C 33 22.59 3.50 -6.21
N HIS C 34 21.75 4.47 -5.85
CA HIS C 34 21.31 4.60 -4.46
C HIS C 34 20.22 3.59 -4.12
N ALA C 35 19.55 3.02 -5.12
CA ALA C 35 18.50 2.04 -4.91
C ALA C 35 19.00 0.61 -5.16
N CYS C 36 20.31 0.45 -5.30
CA CYS C 36 20.92 -0.82 -5.63
C CYS C 36 22.09 -1.07 -4.69
N VAL C 37 22.15 -2.26 -4.11
CA VAL C 37 23.02 -2.55 -2.96
C VAL C 37 24.49 -2.45 -3.33
N PRO C 38 25.35 -2.01 -2.42
CA PRO C 38 26.80 -2.00 -2.69
C PRO C 38 27.33 -3.38 -3.03
N THR C 39 28.35 -3.41 -3.87
CA THR C 39 28.99 -4.66 -4.26
C THR C 39 30.06 -5.05 -3.25
N ASP C 40 30.24 -6.36 -3.07
CA ASP C 40 31.30 -6.84 -2.20
C ASP C 40 32.67 -6.47 -2.76
N PRO C 41 33.57 -5.95 -1.93
CA PRO C 41 34.94 -5.68 -2.41
C PRO C 41 35.68 -6.93 -2.86
N ASN C 42 35.28 -8.10 -2.39
CA ASN C 42 35.92 -9.37 -2.77
C ASN C 42 34.85 -10.31 -3.28
N PRO C 43 34.42 -10.13 -4.53
CA PRO C 43 33.42 -11.05 -5.11
C PRO C 43 33.96 -12.47 -5.16
N GLN C 44 33.08 -13.43 -4.88
CA GLN C 44 33.46 -14.83 -4.80
C GLN C 44 32.98 -15.56 -6.05
N GLU C 45 33.89 -16.25 -6.72
CA GLU C 45 33.58 -17.06 -7.89
C GLU C 45 34.13 -18.45 -7.67
N ILE C 46 33.31 -19.47 -7.93
CA ILE C 46 33.68 -20.86 -7.68
C ILE C 46 33.76 -21.56 -9.03
N HIS C 47 34.93 -22.09 -9.36
CA HIS C 47 35.11 -22.84 -10.59
C HIS C 47 34.49 -24.22 -10.44
N LEU C 48 33.35 -24.45 -11.07
CA LEU C 48 32.68 -25.74 -10.98
C LEU C 48 33.42 -26.74 -11.86
N GLU C 49 34.03 -27.73 -11.22
CA GLU C 49 34.75 -28.77 -11.95
C GLU C 49 33.77 -29.73 -12.60
N ASN C 50 34.23 -30.40 -13.66
CA ASN C 50 33.62 -31.62 -14.18
C ASN C 50 32.27 -31.41 -14.85
N VAL C 51 31.75 -30.18 -14.88
CA VAL C 51 30.36 -29.95 -15.27
C VAL C 51 30.30 -29.34 -16.66
N THR C 52 29.37 -29.84 -17.48
CA THR C 52 29.02 -29.25 -18.76
C THR C 52 27.57 -28.79 -18.69
N GLU C 53 27.34 -27.52 -19.00
CA GLU C 53 26.01 -26.93 -18.86
C GLU C 53 25.50 -26.40 -20.19
N GLU C 54 24.19 -26.51 -20.40
CA GLU C 54 23.56 -25.98 -21.59
C GLU C 54 23.40 -24.47 -21.48
N PHE C 55 23.83 -23.75 -22.51
CA PHE C 55 23.68 -22.31 -22.58
C PHE C 55 22.95 -21.92 -23.86
N ASN C 56 22.18 -20.84 -23.76
CA ASN C 56 21.44 -20.32 -24.91
C ASN C 56 21.33 -18.80 -24.73
N MET C 57 22.14 -18.05 -25.49
CA MET C 57 22.14 -16.60 -25.39
C MET C 57 20.83 -15.97 -25.84
N TRP C 58 20.05 -16.65 -26.68
CA TRP C 58 18.88 -16.04 -27.30
C TRP C 58 17.59 -16.24 -26.53
N LYS C 59 17.61 -17.04 -25.46
CA LYS C 59 16.43 -17.26 -24.63
C LYS C 59 16.65 -16.83 -23.18
N ASN C 60 17.69 -16.04 -22.92
CA ASN C 60 17.97 -15.58 -21.57
C ASN C 60 16.86 -14.66 -21.08
N ASN C 61 16.35 -14.92 -19.88
CA ASN C 61 15.44 -13.98 -19.23
C ASN C 61 16.21 -12.80 -18.63
N MET C 62 17.53 -12.94 -18.46
CA MET C 62 18.32 -11.85 -17.94
C MET C 62 18.29 -10.65 -18.88
N VAL C 63 18.29 -10.89 -20.19
CA VAL C 63 18.23 -9.81 -21.16
C VAL C 63 16.91 -9.06 -21.04
N GLU C 64 15.81 -9.79 -20.94
CA GLU C 64 14.50 -9.14 -20.79
C GLU C 64 14.43 -8.34 -19.50
N GLN C 65 14.93 -8.91 -18.40
CA GLN C 65 14.90 -8.19 -17.14
C GLN C 65 15.76 -6.94 -17.19
N MET C 66 16.93 -7.03 -17.83
CA MET C 66 17.80 -5.86 -17.96
C MET C 66 17.13 -4.77 -18.78
N HIS C 67 16.47 -5.15 -19.89
CA HIS C 67 15.77 -4.16 -20.69
C HIS C 67 14.67 -3.48 -19.89
N THR C 68 13.88 -4.26 -19.16
CA THR C 68 12.80 -3.69 -18.36
C THR C 68 13.35 -2.79 -17.26
N ASP C 69 14.42 -3.22 -16.58
CA ASP C 69 15.01 -2.42 -15.52
C ASP C 69 15.57 -1.11 -16.07
N ILE C 70 16.21 -1.16 -17.23
CA ILE C 70 16.80 0.05 -17.81
C ILE C 70 15.71 1.02 -18.20
N ILE C 71 14.63 0.53 -18.82
CA ILE C 71 13.52 1.41 -19.18
C ILE C 71 12.88 2.02 -17.93
N SER C 72 12.71 1.20 -16.88
CA SER C 72 12.10 1.72 -15.65
C SER C 72 12.98 2.77 -15.00
N LEU C 73 14.29 2.56 -14.98
CA LEU C 73 15.20 3.55 -14.42
C LEU C 73 15.18 4.83 -15.24
N TRP C 74 15.12 4.70 -16.56
CA TRP C 74 15.02 5.87 -17.43
C TRP C 74 13.77 6.68 -17.13
N ASP C 75 12.63 6.00 -16.96
CA ASP C 75 11.39 6.70 -16.62
C ASP C 75 11.46 7.34 -15.25
N GLN C 76 12.01 6.62 -14.26
CA GLN C 76 12.08 7.14 -12.90
C GLN C 76 13.01 8.34 -12.79
N SER C 77 14.04 8.40 -13.64
CA SER C 77 14.92 9.57 -13.62
C SER C 77 14.32 10.77 -14.33
N LEU C 78 13.25 10.59 -15.11
CA LEU C 78 12.58 11.70 -15.78
C LEU C 78 11.27 12.10 -15.14
N LYS C 79 10.73 11.30 -14.23
CA LYS C 79 9.52 11.71 -13.52
C LYS C 79 9.66 13.05 -12.81
N PRO C 80 10.72 13.31 -12.01
CA PRO C 80 10.84 14.63 -11.35
C PRO C 80 11.62 15.64 -12.19
N CYS C 81 11.13 15.92 -13.39
CA CYS C 81 11.78 16.89 -14.27
C CYS C 81 10.71 17.74 -14.95
N VAL C 82 11.15 18.90 -15.46
CA VAL C 82 10.24 19.87 -16.05
C VAL C 82 9.58 19.28 -17.30
N LYS C 83 8.26 19.44 -17.39
CA LYS C 83 7.49 19.01 -18.55
C LYS C 83 7.29 20.20 -19.48
N LEU C 84 7.80 20.10 -20.70
CA LEU C 84 7.78 21.22 -21.64
C LEU C 84 6.50 21.28 -22.46
N THR C 85 5.36 21.33 -21.77
CA THR C 85 4.10 21.63 -22.44
C THR C 85 4.08 23.00 -23.10
N PRO C 86 4.60 24.08 -22.51
CA PRO C 86 4.51 25.39 -23.18
C PRO C 86 5.35 25.50 -24.44
N LEU C 87 6.20 24.51 -24.75
CA LEU C 87 7.09 24.62 -25.90
C LEU C 87 6.35 24.51 -27.22
N CYS C 88 5.21 23.82 -27.25
CA CYS C 88 4.39 23.78 -28.46
C CYS C 88 3.63 25.09 -28.60
N VAL C 89 4.37 26.11 -29.04
CA VAL C 89 3.84 27.37 -29.51
C VAL C 89 4.45 27.61 -30.88
N THR C 90 3.74 28.39 -31.71
CA THR C 90 4.23 28.65 -33.06
C THR C 90 5.58 29.35 -33.00
N LEU C 91 6.53 28.85 -33.78
CA LEU C 91 7.89 29.37 -33.84
C LEU C 91 8.09 30.10 -35.16
N GLN C 92 8.71 31.28 -35.10
CA GLN C 92 9.11 32.00 -36.30
C GLN C 92 10.61 31.80 -36.49
N CYS C 93 10.97 31.05 -37.52
CA CYS C 93 12.34 30.56 -37.68
C CYS C 93 12.97 31.12 -38.95
N THR C 94 14.27 31.34 -38.89
CA THR C 94 15.09 31.69 -40.04
C THR C 94 16.31 30.78 -40.09
N ASN C 95 16.98 30.78 -41.25
CA ASN C 95 18.33 30.26 -41.37
C ASN C 95 19.31 30.97 -40.46
N VAL C 96 20.28 30.21 -39.96
CA VAL C 96 21.50 30.79 -39.42
C VAL C 96 22.52 30.79 -40.56
N THR C 97 23.22 31.90 -40.73
CA THR C 97 24.26 32.00 -41.76
C THR C 97 25.51 32.71 -41.24
N ASN C 98 25.66 32.81 -39.93
CA ASN C 98 26.81 33.48 -39.35
C ASN C 98 27.96 32.50 -39.24
N ASN C 99 28.86 32.53 -40.23
CA ASN C 99 30.06 31.70 -40.25
C ASN C 99 29.72 30.20 -40.19
N ILE C 100 29.05 29.73 -41.24
CA ILE C 100 28.72 28.32 -41.39
C ILE C 100 29.44 27.79 -42.62
N THR C 101 29.84 26.52 -42.55
CA THR C 101 30.41 25.85 -43.70
C THR C 101 29.29 25.38 -44.64
N ASP C 102 29.69 24.81 -45.77
CA ASP C 102 28.72 24.36 -46.76
C ASP C 102 27.93 23.15 -46.30
N ASP C 103 28.49 22.34 -45.40
CA ASP C 103 27.82 21.16 -44.89
C ASP C 103 26.86 21.46 -43.75
N MET C 104 26.93 22.66 -43.16
CA MET C 104 26.07 23.04 -42.05
C MET C 104 25.00 24.05 -42.47
N ARG C 105 24.72 24.15 -43.77
CA ARG C 105 23.74 25.10 -44.27
C ARG C 105 22.34 24.58 -44.00
N GLY C 106 21.54 25.37 -43.29
CA GLY C 106 20.16 25.02 -43.00
C GLY C 106 19.96 24.05 -41.86
N GLU C 107 21.04 23.52 -41.29
CA GLU C 107 20.91 22.58 -40.18
C GLU C 107 20.40 23.26 -38.91
N LEU C 108 20.83 24.49 -38.66
CA LEU C 108 20.40 25.25 -37.50
C LEU C 108 19.30 26.22 -37.93
N LYS C 109 18.37 26.48 -37.01
CA LYS C 109 17.30 27.45 -37.21
C LYS C 109 17.26 28.39 -36.02
N ASN C 110 17.26 29.69 -36.31
CA ASN C 110 17.11 30.73 -35.29
C ASN C 110 15.61 31.01 -35.16
N CYS C 111 15.02 30.59 -34.04
CA CYS C 111 13.57 30.59 -33.88
C CYS C 111 13.18 31.47 -32.70
N SER C 112 12.23 32.36 -32.93
CA SER C 112 11.71 33.25 -31.90
C SER C 112 10.23 32.98 -31.66
N PHE C 113 9.79 33.19 -30.42
CA PHE C 113 8.42 32.92 -30.02
C PHE C 113 8.16 33.59 -28.67
N ASN C 114 6.90 33.92 -28.40
CA ASN C 114 6.52 34.26 -27.04
C ASN C 114 6.29 33.02 -26.19
N MET C 115 6.39 33.21 -24.88
CA MET C 115 6.35 32.12 -23.92
C MET C 115 5.89 32.68 -22.57
N THR C 116 5.25 31.82 -21.78
CA THR C 116 4.81 32.23 -20.45
C THR C 116 6.01 32.47 -19.54
N THR C 117 5.79 33.30 -18.52
CA THR C 117 6.80 33.60 -17.52
C THR C 117 6.26 33.23 -16.14
N GLU C 118 7.01 33.63 -15.11
CA GLU C 118 6.63 33.30 -13.74
C GLU C 118 5.28 33.89 -13.33
N LEU C 119 4.85 34.96 -14.01
CA LEU C 119 3.54 35.54 -13.76
C LEU C 119 2.56 35.05 -14.83
N ARG C 120 1.39 34.61 -14.40
CA ARG C 120 0.46 33.94 -15.31
C ARG C 120 -0.03 34.86 -16.43
N ASP C 121 -0.10 36.17 -16.18
CA ASP C 121 -0.70 37.10 -17.13
C ASP C 121 0.35 37.96 -17.85
N LYS C 122 1.57 37.47 -17.98
CA LYS C 122 2.63 38.16 -18.71
C LYS C 122 3.26 37.21 -19.72
N LYS C 123 3.72 37.77 -20.83
CA LYS C 123 4.35 37.01 -21.91
C LYS C 123 5.72 37.60 -22.22
N GLN C 124 6.68 36.72 -22.53
CA GLN C 124 8.02 37.15 -22.87
C GLN C 124 8.38 36.63 -24.26
N LYS C 125 8.92 37.50 -25.10
CA LYS C 125 9.37 37.10 -26.44
C LYS C 125 10.83 36.69 -26.34
N VAL C 126 11.11 35.42 -26.61
CA VAL C 126 12.45 34.86 -26.46
C VAL C 126 12.81 34.15 -27.77
N TYR C 127 14.07 33.72 -27.86
CA TYR C 127 14.56 33.02 -29.04
C TYR C 127 15.51 31.91 -28.62
N SER C 128 15.74 30.98 -29.57
CA SER C 128 16.63 29.85 -29.35
C SER C 128 17.09 29.32 -30.69
N LEU C 129 18.16 28.54 -30.65
CA LEU C 129 18.71 27.89 -31.83
C LEU C 129 18.32 26.42 -31.80
N PHE C 130 17.41 26.02 -32.68
CA PHE C 130 17.01 24.63 -32.80
C PHE C 130 17.73 23.97 -33.97
N TYR C 131 17.75 22.65 -33.94
CA TYR C 131 18.28 21.88 -35.06
C TYR C 131 17.17 21.58 -36.06
N ARG C 132 17.57 21.40 -37.33
CA ARG C 132 16.59 21.21 -38.39
C ARG C 132 15.73 19.97 -38.15
N LEU C 133 16.27 18.98 -37.43
CA LEU C 133 15.55 17.73 -37.23
C LEU C 133 14.45 17.86 -36.17
N ASP C 134 14.46 18.94 -35.38
CA ASP C 134 13.48 19.10 -34.31
C ASP C 134 12.33 20.00 -34.69
N VAL C 135 12.38 20.67 -35.83
CA VAL C 135 11.32 21.58 -36.25
C VAL C 135 10.78 21.12 -37.60
N VAL C 136 9.46 21.18 -37.72
CA VAL C 136 8.75 20.84 -38.95
C VAL C 136 7.90 22.05 -39.34
N GLN C 137 7.86 22.35 -40.63
CA GLN C 137 7.10 23.49 -41.11
C GLN C 137 5.61 23.23 -41.03
N ILE C 138 4.86 24.24 -40.61
CA ILE C 138 3.43 24.11 -40.40
C ILE C 138 2.69 24.16 -41.74
N LYS C 139 7.73 30.32 -43.10
CA LYS C 139 8.55 30.90 -42.05
C LYS C 139 7.98 30.57 -40.68
N GLU C 140 7.05 29.62 -40.64
CA GLU C 140 6.41 29.18 -39.41
C GLU C 140 6.72 27.71 -39.17
N TYR C 141 7.25 27.39 -38.00
CA TYR C 141 7.72 26.05 -37.67
C TYR C 141 7.17 25.65 -36.30
N ARG C 142 7.19 24.34 -36.05
CA ARG C 142 6.69 23.81 -34.75
C ARG C 142 7.54 22.59 -34.37
N LEU C 143 7.77 22.37 -33.09
CA LEU C 143 8.59 21.25 -32.62
C LEU C 143 8.03 19.92 -33.12
N ILE C 144 8.92 18.97 -33.40
CA ILE C 144 8.55 17.75 -34.10
C ILE C 144 7.66 16.86 -33.24
N ASN C 145 7.63 17.13 -31.94
CA ASN C 145 6.84 16.30 -30.99
C ASN C 145 5.54 16.98 -30.58
N CYS C 146 5.08 17.99 -31.31
CA CYS C 146 3.87 18.75 -30.90
C CYS C 146 2.64 18.21 -31.61
N ASN C 147 2.57 16.89 -31.81
CA ASN C 147 1.38 16.26 -32.42
C ASN C 147 1.39 14.81 -32.00
N THR C 148 2.33 14.46 -31.11
CA THR C 148 2.40 13.08 -30.59
C THR C 148 2.36 13.17 -29.06
N SER C 149 3.16 14.05 -28.45
CA SER C 149 3.09 14.25 -26.99
C SER C 149 4.13 15.22 -26.47
N ALA C 150 3.75 16.12 -25.56
CA ALA C 150 4.74 16.97 -24.92
C ALA C 150 5.56 16.14 -23.95
N CYS C 151 6.87 16.36 -23.95
CA CYS C 151 7.77 15.52 -23.18
C CYS C 151 8.75 16.35 -22.36
N THR C 152 9.38 15.69 -21.39
CA THR C 152 10.04 16.35 -20.27
C THR C 152 11.51 16.61 -20.59
N GLN C 153 11.94 17.84 -20.34
CA GLN C 153 13.37 18.16 -20.37
C GLN C 153 14.12 17.31 -19.36
N ALA C 154 15.23 16.72 -19.80
CA ALA C 154 16.08 15.98 -18.87
C ALA C 154 16.74 16.94 -17.90
N CYS C 155 16.65 16.62 -16.62
CA CYS C 155 17.21 17.50 -15.60
C CYS C 155 18.71 17.66 -15.80
N PRO C 156 19.22 18.90 -15.90
CA PRO C 156 20.63 19.07 -16.29
C PRO C 156 21.62 18.49 -15.30
N LYS C 157 21.22 18.31 -14.03
CA LYS C 157 22.15 17.78 -13.04
C LYS C 157 22.36 16.28 -13.18
N VAL C 158 21.34 15.53 -13.60
CA VAL C 158 21.51 14.09 -13.79
C VAL C 158 22.41 13.85 -14.99
N SER C 159 23.19 12.76 -14.94
CA SER C 159 24.18 12.46 -15.95
C SER C 159 23.82 11.17 -16.67
N PHE C 160 23.99 11.17 -18.00
CA PHE C 160 23.70 10.01 -18.82
C PHE C 160 24.87 9.04 -18.91
N GLU C 161 25.98 9.33 -18.23
CA GLU C 161 27.15 8.47 -18.31
C GLU C 161 26.84 7.08 -17.75
N PRO C 162 27.14 6.01 -18.47
CA PRO C 162 26.87 4.67 -17.94
C PRO C 162 27.75 4.36 -16.74
N ILE C 163 27.20 3.59 -15.81
CA ILE C 163 27.95 3.09 -14.66
C ILE C 163 27.71 1.59 -14.57
N PRO C 164 28.75 0.79 -14.27
CA PRO C 164 28.57 -0.67 -14.26
C PRO C 164 27.55 -1.10 -13.22
N ILE C 165 26.77 -2.11 -13.58
CA ILE C 165 25.81 -2.74 -12.66
C ILE C 165 25.99 -4.25 -12.75
N HIS C 166 26.07 -4.90 -11.59
CA HIS C 166 26.20 -6.34 -11.49
C HIS C 166 24.86 -6.94 -11.09
N TYR C 167 24.35 -7.87 -11.88
CA TYR C 167 23.04 -8.47 -11.62
C TYR C 167 23.22 -9.67 -10.70
N CYS C 168 22.67 -9.58 -9.49
CA CYS C 168 22.79 -10.62 -8.49
C CYS C 168 21.44 -11.30 -8.27
N ALA C 169 21.50 -12.62 -8.09
CA ALA C 169 20.35 -13.49 -7.91
C ALA C 169 19.98 -13.58 -6.44
N PRO C 170 18.69 -13.81 -6.13
CA PRO C 170 18.29 -13.92 -4.73
C PRO C 170 18.77 -15.23 -4.10
N ALA C 171 18.50 -15.39 -2.80
CA ALA C 171 18.92 -16.60 -2.12
C ALA C 171 18.18 -17.81 -2.68
N GLY C 172 18.93 -18.90 -2.88
CA GLY C 172 18.39 -20.10 -3.48
C GLY C 172 18.61 -20.21 -4.97
N PHE C 173 19.05 -19.13 -5.62
CA PHE C 173 19.37 -19.14 -7.04
C PHE C 173 20.87 -18.93 -7.22
N ALA C 174 21.38 -19.41 -8.36
CA ALA C 174 22.79 -19.33 -8.68
C ALA C 174 22.96 -18.82 -10.11
N ILE C 175 24.03 -18.08 -10.34
CA ILE C 175 24.35 -17.54 -11.65
C ILE C 175 25.54 -18.31 -12.20
N LEU C 176 25.30 -19.06 -13.27
CA LEU C 176 26.33 -19.83 -13.94
C LEU C 176 26.94 -18.99 -15.07
N LYS C 177 28.27 -18.92 -15.08
CA LYS C 177 29.04 -18.20 -16.08
C LYS C 177 29.87 -19.20 -16.86
N CYS C 178 29.82 -19.11 -18.18
CA CYS C 178 30.54 -20.02 -19.06
C CYS C 178 31.93 -19.46 -19.31
N LYS C 179 32.94 -20.07 -18.70
CA LYS C 179 34.32 -19.65 -18.83
C LYS C 179 34.97 -20.09 -20.14
N ASP C 180 34.27 -20.89 -20.93
CA ASP C 180 34.84 -21.46 -22.15
C ASP C 180 35.05 -20.36 -23.18
N LYS C 181 36.30 -20.15 -23.57
CA LYS C 181 36.58 -19.31 -24.73
C LYS C 181 36.18 -20.06 -26.00
N LYS C 182 36.17 -19.33 -27.13
CA LYS C 182 35.60 -19.77 -28.39
C LYS C 182 34.12 -20.12 -28.29
N PHE C 183 33.40 -19.57 -27.31
CA PHE C 183 32.00 -19.92 -27.13
C PHE C 183 31.15 -19.09 -28.08
N ASN C 184 30.12 -19.71 -28.66
CA ASN C 184 29.34 -19.11 -29.72
C ASN C 184 27.89 -18.86 -29.33
N GLY C 185 27.60 -18.81 -28.03
CA GLY C 185 26.33 -18.35 -27.51
C GLY C 185 25.28 -19.41 -27.29
N THR C 186 25.48 -20.62 -27.81
CA THR C 186 24.49 -21.69 -27.68
C THR C 186 25.19 -23.04 -27.72
N GLY C 187 24.73 -23.94 -26.86
CA GLY C 187 25.27 -25.29 -26.82
C GLY C 187 25.85 -25.66 -25.48
N PRO C 188 26.70 -26.69 -25.46
CA PRO C 188 27.29 -27.14 -24.19
C PRO C 188 28.57 -26.41 -23.84
N CYS C 189 28.61 -25.80 -22.66
CA CYS C 189 29.82 -25.19 -22.13
C CYS C 189 30.48 -26.16 -21.17
N PRO C 190 31.74 -26.57 -21.40
CA PRO C 190 32.34 -27.62 -20.58
C PRO C 190 33.07 -27.10 -19.35
N SER C 191 33.33 -25.79 -19.31
CA SER C 191 33.99 -25.15 -18.17
C SER C 191 33.06 -24.06 -17.64
N VAL C 192 32.56 -24.24 -16.43
CA VAL C 192 31.55 -23.36 -15.85
C VAL C 192 32.02 -22.89 -14.49
N SER C 193 31.50 -21.73 -14.07
CA SER C 193 31.70 -21.23 -12.72
C SER C 193 30.37 -20.73 -12.19
N THR C 194 30.26 -20.71 -10.87
CA THR C 194 29.14 -20.04 -10.19
C THR C 194 29.67 -18.75 -9.61
N VAL C 195 29.04 -17.64 -9.97
CA VAL C 195 29.47 -16.34 -9.49
C VAL C 195 28.44 -15.82 -8.51
N GLN C 196 28.90 -15.11 -7.49
CA GLN C 196 27.99 -14.44 -6.58
C GLN C 196 27.08 -13.51 -7.37
N CYS C 197 27.65 -12.75 -8.31
CA CYS C 197 26.89 -12.13 -9.38
C CYS C 197 27.85 -11.60 -10.45
N THR C 198 27.26 -11.08 -11.51
CA THR C 198 27.90 -10.73 -12.77
C THR C 198 29.02 -9.72 -12.59
N HIS C 199 29.84 -9.59 -13.62
CA HIS C 199 30.86 -8.56 -13.69
C HIS C 199 30.22 -7.21 -14.04
N GLY C 200 31.05 -6.18 -14.10
CA GLY C 200 30.57 -4.84 -14.35
C GLY C 200 30.03 -4.71 -15.76
N ILE C 201 28.71 -4.51 -15.88
CA ILE C 201 28.05 -4.37 -17.17
C ILE C 201 27.64 -2.91 -17.33
N LYS C 202 28.20 -2.24 -18.33
CA LYS C 202 27.87 -0.84 -18.58
C LYS C 202 26.67 -0.76 -19.51
N PRO C 203 25.55 -0.20 -19.07
CA PRO C 203 24.36 -0.12 -19.95
C PRO C 203 24.47 0.99 -20.98
N VAL C 204 25.42 0.83 -21.89
CA VAL C 204 25.62 1.80 -22.97
C VAL C 204 24.53 1.58 -24.02
N VAL C 205 24.01 2.68 -24.56
CA VAL C 205 22.93 2.62 -25.54
C VAL C 205 23.47 3.16 -26.86
N SER C 206 23.71 2.26 -27.81
CA SER C 206 24.16 2.65 -29.14
C SER C 206 23.72 1.58 -30.13
N THR C 207 23.56 1.98 -31.38
CA THR C 207 23.11 1.09 -32.43
C THR C 207 24.19 1.00 -33.49
N GLN C 208 24.22 -0.16 -34.17
CA GLN C 208 25.03 -0.37 -35.37
C GLN C 208 26.51 -0.50 -35.03
N LEU C 209 26.87 -0.20 -33.79
CA LEU C 209 28.25 -0.31 -33.31
C LEU C 209 28.22 -0.43 -31.79
N LEU C 210 28.52 -1.62 -31.29
CA LEU C 210 28.62 -1.82 -29.84
C LEU C 210 29.85 -1.11 -29.33
N LEU C 211 29.68 -0.29 -28.30
CA LEU C 211 30.73 0.60 -27.82
C LEU C 211 31.10 0.28 -26.39
N ASN C 212 32.40 0.42 -26.08
CA ASN C 212 32.88 0.51 -24.70
C ASN C 212 32.66 -0.81 -23.95
N GLY C 213 32.43 -1.89 -24.69
CA GLY C 213 32.07 -3.16 -24.12
C GLY C 213 33.24 -4.12 -23.97
N SER C 214 32.90 -5.34 -23.54
CA SER C 214 33.89 -6.38 -23.34
C SER C 214 34.45 -6.85 -24.68
N LEU C 215 35.67 -7.39 -24.62
CA LEU C 215 36.38 -7.85 -25.82
C LEU C 215 36.60 -9.35 -25.76
N ALA C 216 36.67 -9.97 -26.92
CA ALA C 216 36.88 -11.40 -27.01
C ALA C 216 38.28 -11.77 -26.51
N GLU C 217 38.38 -12.94 -25.89
CA GLU C 217 39.66 -13.37 -25.32
C GLU C 217 40.59 -13.93 -26.40
N GLU C 218 40.04 -14.60 -27.42
CA GLU C 218 40.85 -15.33 -28.38
C GLU C 218 40.79 -14.73 -29.78
N GLU C 219 39.60 -14.58 -30.35
CA GLU C 219 39.44 -14.11 -31.72
C GLU C 219 38.06 -13.49 -31.86
N VAL C 220 37.88 -12.73 -32.95
CA VAL C 220 36.57 -12.12 -33.22
C VAL C 220 35.53 -13.22 -33.37
N MET C 221 34.44 -13.10 -32.61
CA MET C 221 33.44 -14.15 -32.52
C MET C 221 32.17 -13.72 -33.26
N ILE C 222 31.50 -14.67 -33.90
CA ILE C 222 30.30 -14.42 -34.67
C ILE C 222 29.17 -15.24 -34.05
N ARG C 223 28.04 -14.58 -33.76
CA ARG C 223 26.95 -15.23 -33.04
C ARG C 223 25.62 -14.96 -33.74
N SER C 224 24.82 -16.02 -33.86
CA SER C 224 23.50 -15.94 -34.49
C SER C 224 22.64 -17.11 -34.03
N GLU C 225 21.41 -16.80 -33.63
CA GLU C 225 20.43 -17.84 -33.32
C GLU C 225 20.14 -18.72 -34.53
N ASN C 226 20.05 -18.10 -35.71
CA ASN C 226 19.92 -18.82 -36.98
C ASN C 226 20.70 -18.03 -38.02
N ILE C 227 21.93 -18.50 -38.27
CA ILE C 227 22.82 -17.88 -39.24
C ILE C 227 22.32 -18.13 -40.65
N THR C 228 21.71 -19.29 -40.88
CA THR C 228 21.09 -19.57 -42.16
C THR C 228 19.87 -18.70 -42.43
N ASN C 229 19.28 -18.14 -41.38
CA ASN C 229 18.11 -17.27 -41.51
C ASN C 229 18.60 -15.83 -41.60
N ASN C 230 18.26 -15.16 -42.70
CA ASN C 230 18.71 -13.79 -42.92
C ASN C 230 18.06 -12.78 -41.98
N ALA C 231 16.85 -13.06 -41.51
CA ALA C 231 16.12 -12.10 -40.69
C ALA C 231 16.68 -11.99 -39.28
N LYS C 232 17.62 -12.85 -38.89
CA LYS C 232 18.22 -12.81 -37.57
C LYS C 232 19.53 -12.05 -37.62
N ASN C 233 19.66 -11.05 -36.74
CA ASN C 233 20.84 -10.21 -36.72
C ASN C 233 22.07 -11.02 -36.30
N ILE C 234 23.20 -10.66 -36.89
CA ILE C 234 24.49 -11.29 -36.60
C ILE C 234 25.25 -10.39 -35.65
N LEU C 235 25.63 -10.91 -34.49
CA LEU C 235 26.43 -10.16 -33.54
C LEU C 235 27.89 -10.52 -33.73
N VAL C 236 28.73 -9.53 -34.01
CA VAL C 236 30.16 -9.73 -34.19
C VAL C 236 30.87 -9.05 -33.04
N GLN C 237 31.74 -9.79 -32.36
CA GLN C 237 32.46 -9.29 -31.20
C GLN C 237 33.95 -9.26 -31.51
N PHE C 238 34.57 -8.10 -31.29
CA PHE C 238 35.98 -7.93 -31.61
C PHE C 238 36.86 -8.43 -30.47
N ASN C 239 38.08 -8.81 -30.83
CA ASN C 239 39.10 -9.13 -29.83
C ASN C 239 40.09 -8.01 -29.63
N THR C 240 40.02 -6.96 -30.45
CA THR C 240 40.83 -5.77 -30.30
C THR C 240 39.91 -4.55 -30.49
N PRO C 241 40.10 -3.48 -29.73
CA PRO C 241 39.21 -2.33 -29.84
C PRO C 241 39.62 -1.41 -30.98
N VAL C 242 38.63 -0.73 -31.54
CA VAL C 242 38.85 0.28 -32.57
C VAL C 242 38.55 1.64 -31.96
N GLN C 243 39.57 2.49 -31.87
CA GLN C 243 39.38 3.78 -31.21
C GLN C 243 38.62 4.73 -32.12
N ILE C 244 37.53 5.30 -31.59
CA ILE C 244 36.70 6.25 -32.33
C ILE C 244 36.69 7.56 -31.56
N ASN C 245 36.70 8.68 -32.29
CA ASN C 245 36.96 9.99 -31.73
C ASN C 245 35.82 10.89 -32.15
N CYS C 246 34.90 11.21 -31.24
CA CYS C 246 33.68 11.93 -31.60
C CYS C 246 33.64 13.31 -30.94
N THR C 247 33.46 14.34 -31.77
CA THR C 247 33.44 15.71 -31.27
C THR C 247 32.32 16.51 -31.93
N ARG C 248 31.85 17.51 -31.19
CA ARG C 248 31.01 18.58 -31.75
C ARG C 248 31.81 19.87 -31.64
N PRO C 249 32.44 20.33 -32.71
CA PRO C 249 33.39 21.44 -32.60
C PRO C 249 32.78 22.78 -32.22
N ASN C 250 31.46 22.89 -32.35
CA ASN C 250 30.76 24.13 -32.00
C ASN C 250 30.95 24.45 -30.52
N ASN C 251 31.24 25.72 -30.23
CA ASN C 251 31.31 26.21 -28.86
C ASN C 251 29.96 26.86 -28.57
N ASN C 252 29.07 26.11 -27.91
CA ASN C 252 27.69 26.50 -27.69
C ASN C 252 27.56 27.36 -26.44
N THR C 253 26.35 27.85 -26.18
CA THR C 253 26.08 28.61 -24.96
C THR C 253 24.64 28.35 -24.52
N ARG C 254 24.49 27.89 -23.28
CA ARG C 254 23.18 27.57 -22.72
C ARG C 254 22.68 28.74 -21.89
N LYS C 255 21.43 29.14 -22.10
CA LYS C 255 20.81 30.20 -21.32
C LYS C 255 19.51 29.68 -20.74
N SER C 256 19.13 30.24 -19.58
CA SER C 256 17.96 29.78 -18.86
C SER C 256 16.81 30.76 -19.05
N ILE C 257 15.62 30.23 -19.34
CA ILE C 257 14.41 31.01 -19.48
C ILE C 257 13.42 30.52 -18.44
N ARG C 258 12.84 31.43 -17.68
CA ARG C 258 11.82 31.05 -16.71
C ARG C 258 10.50 30.91 -17.44
N ILE C 259 9.88 29.73 -17.35
CA ILE C 259 8.62 29.48 -18.05
C ILE C 259 7.45 29.29 -17.11
N GLY C 260 7.66 29.51 -15.81
CA GLY C 260 6.62 29.36 -14.82
C GLY C 260 7.20 29.51 -13.44
N PRO C 261 6.41 29.24 -12.41
CA PRO C 261 6.96 29.28 -11.04
C PRO C 261 7.89 28.11 -10.78
N GLY C 262 9.19 28.38 -10.71
CA GLY C 262 10.16 27.35 -10.45
C GLY C 262 10.40 26.38 -11.59
N GLN C 263 10.05 26.76 -12.82
CA GLN C 263 10.25 25.91 -13.99
C GLN C 263 11.16 26.64 -14.97
N ALA C 264 12.26 25.98 -15.35
CA ALA C 264 13.28 26.57 -16.20
C ALA C 264 13.42 25.77 -17.49
N PHE C 265 13.58 26.47 -18.59
CA PHE C 265 13.81 25.88 -19.90
C PHE C 265 15.17 26.34 -20.41
N TYR C 266 16.00 25.39 -20.82
CA TYR C 266 17.38 25.66 -21.20
C TYR C 266 17.48 25.72 -22.72
N ALA C 267 17.85 26.87 -23.24
CA ALA C 267 17.89 27.10 -24.68
C ALA C 267 19.31 27.42 -25.13
N THR C 268 19.63 26.93 -26.33
CA THR C 268 20.94 27.18 -26.94
C THR C 268 20.99 28.64 -27.36
N GLY C 269 21.77 29.44 -26.63
CA GLY C 269 21.78 30.87 -26.84
C GLY C 269 22.31 31.29 -28.20
N ASP C 270 23.59 31.07 -28.44
CA ASP C 270 24.20 31.37 -29.72
C ASP C 270 25.53 30.63 -29.84
N ILE C 271 26.03 30.49 -31.05
CA ILE C 271 27.31 29.84 -31.28
C ILE C 271 28.39 30.91 -31.40
N ILE C 272 29.35 30.89 -30.48
CA ILE C 272 30.39 31.90 -30.42
C ILE C 272 31.60 31.36 -31.19
N GLY C 273 31.82 31.90 -32.38
CA GLY C 273 32.85 31.43 -33.27
C GLY C 273 32.30 30.85 -34.55
N ASP C 274 33.09 29.97 -35.14
CA ASP C 274 32.67 29.30 -36.37
C ASP C 274 31.70 28.16 -36.06
N ILE C 275 30.95 27.76 -37.08
CA ILE C 275 29.99 26.66 -36.97
C ILE C 275 30.43 25.55 -37.91
N ARG C 276 30.72 24.38 -37.34
CA ARG C 276 31.14 23.23 -38.11
C ARG C 276 30.39 22.00 -37.62
N GLN C 277 30.26 21.02 -38.51
CA GLN C 277 29.49 19.83 -38.21
C GLN C 277 30.19 18.96 -37.17
N ALA C 278 29.41 18.33 -36.30
CA ALA C 278 29.93 17.33 -35.40
C ALA C 278 30.22 16.04 -36.16
N HIS C 279 31.32 15.39 -35.82
CA HIS C 279 31.75 14.24 -36.60
C HIS C 279 32.51 13.28 -35.70
N CYS C 280 32.92 12.16 -36.30
CA CYS C 280 33.71 11.14 -35.63
C CYS C 280 34.81 10.67 -36.56
N ASN C 281 35.90 10.18 -35.97
CA ASN C 281 37.02 9.66 -36.72
C ASN C 281 37.33 8.24 -36.27
N VAL C 282 37.66 7.38 -37.25
CA VAL C 282 38.20 6.05 -36.97
C VAL C 282 39.45 5.86 -37.83
N SER C 283 40.51 5.34 -37.23
CA SER C 283 41.73 5.10 -37.99
C SER C 283 41.50 4.06 -39.08
N LYS C 284 41.99 4.36 -40.29
CA LYS C 284 41.65 3.54 -41.45
C LYS C 284 42.31 2.16 -41.38
N ALA C 285 43.57 2.09 -40.96
CA ALA C 285 44.28 0.82 -40.94
C ALA C 285 43.66 -0.15 -39.95
N THR C 286 43.32 0.33 -38.75
CA THR C 286 42.72 -0.54 -37.74
C THR C 286 41.38 -1.08 -38.22
N TRP C 287 40.55 -0.21 -38.80
CA TRP C 287 39.26 -0.66 -39.32
C TRP C 287 39.43 -1.66 -40.46
N ASN C 288 40.40 -1.44 -41.33
CA ASN C 288 40.65 -2.36 -42.43
C ASN C 288 41.05 -3.74 -41.91
N GLU C 289 41.97 -3.77 -40.93
CA GLU C 289 42.39 -5.06 -40.39
C GLU C 289 41.25 -5.74 -39.62
N THR C 290 40.40 -4.96 -38.93
CA THR C 290 39.29 -5.56 -38.21
C THR C 290 38.27 -6.12 -39.17
N LEU C 291 38.00 -5.43 -40.28
CA LEU C 291 37.12 -5.97 -41.31
C LEU C 291 37.71 -7.23 -41.91
N GLY C 292 39.04 -7.26 -42.08
CA GLY C 292 39.67 -8.48 -42.55
C GLY C 292 39.46 -9.66 -41.61
N LYS C 293 39.64 -9.43 -40.31
CA LYS C 293 39.40 -10.49 -39.34
C LYS C 293 37.94 -10.95 -39.37
N VAL C 294 37.01 -9.98 -39.47
CA VAL C 294 35.59 -10.31 -39.52
C VAL C 294 35.28 -11.16 -40.76
N VAL C 295 35.87 -10.80 -41.89
CA VAL C 295 35.68 -11.57 -43.12
C VAL C 295 36.23 -12.98 -42.95
N LYS C 296 37.41 -13.10 -42.34
CA LYS C 296 37.98 -14.43 -42.11
C LYS C 296 37.07 -15.30 -41.26
N GLN C 297 36.52 -14.75 -40.17
CA GLN C 297 35.64 -15.57 -39.33
C GLN C 297 34.30 -15.81 -40.00
N LEU C 298 33.87 -14.91 -40.87
CA LEU C 298 32.59 -15.10 -41.57
C LEU C 298 32.71 -16.16 -42.65
N ARG C 299 33.92 -16.34 -43.18
CA ARG C 299 34.14 -17.41 -44.17
C ARG C 299 33.80 -18.75 -43.52
N LYS C 300 34.25 -18.95 -42.28
CA LYS C 300 34.04 -20.24 -41.63
C LYS C 300 32.58 -20.66 -41.68
N HIS C 301 31.66 -19.69 -41.64
CA HIS C 301 30.23 -19.99 -41.63
C HIS C 301 29.60 -19.96 -43.02
N PHE C 302 30.04 -19.08 -43.91
CA PHE C 302 29.39 -18.93 -45.21
C PHE C 302 30.22 -19.49 -46.37
N GLY C 303 31.25 -20.27 -46.08
CA GLY C 303 32.06 -20.86 -47.12
C GLY C 303 33.40 -20.15 -47.30
N ASN C 304 34.36 -20.91 -47.83
CA ASN C 304 35.74 -20.45 -47.92
C ASN C 304 36.05 -19.68 -49.20
N ASN C 305 35.09 -19.56 -50.11
CA ASN C 305 35.34 -18.91 -51.40
C ASN C 305 34.34 -17.81 -51.72
N THR C 306 33.35 -17.58 -50.86
CA THR C 306 32.32 -16.58 -51.16
C THR C 306 32.89 -15.17 -51.04
N ILE C 307 32.14 -14.21 -51.57
CA ILE C 307 32.54 -12.80 -51.55
C ILE C 307 31.78 -12.10 -50.44
N ILE C 308 32.50 -11.34 -49.61
CA ILE C 308 31.91 -10.63 -48.48
C ILE C 308 31.78 -9.16 -48.85
N ARG C 309 30.56 -8.68 -48.93
CA ARG C 309 30.29 -7.29 -49.32
C ARG C 309 29.69 -6.53 -48.15
N PHE C 310 30.30 -5.39 -47.82
CA PHE C 310 29.78 -4.48 -46.80
C PHE C 310 29.26 -3.24 -47.48
N ALA C 311 27.93 -3.06 -47.42
CA ALA C 311 27.30 -1.88 -48.04
C ALA C 311 26.74 -0.97 -46.94
N ASN C 312 26.08 0.12 -47.34
CA ASN C 312 25.54 1.09 -46.35
C ASN C 312 24.26 0.52 -45.74
N SER C 313 23.81 1.10 -44.63
CA SER C 313 22.53 0.66 -44.02
C SER C 313 21.41 0.74 -45.07
N SER C 314 20.43 -0.14 -44.97
CA SER C 314 19.31 -0.18 -45.95
C SER C 314 18.54 1.14 -45.88
N GLY C 315 17.76 1.36 -44.82
CA GLY C 315 16.99 2.58 -44.73
C GLY C 315 15.89 2.44 -43.68
N GLY C 316 15.27 3.57 -43.37
CA GLY C 316 14.25 3.62 -42.34
C GLY C 316 14.37 4.79 -41.38
N ASP C 317 14.03 4.58 -40.12
CA ASP C 317 14.14 5.63 -39.12
C ASP C 317 15.60 6.01 -38.89
N LEU C 318 15.81 7.26 -38.46
CA LEU C 318 17.16 7.74 -38.21
C LEU C 318 17.85 6.94 -37.11
N GLU C 319 17.06 6.37 -36.19
CA GLU C 319 17.65 5.58 -35.11
C GLU C 319 18.32 4.32 -35.63
N VAL C 320 17.71 3.69 -36.63
CA VAL C 320 18.21 2.40 -37.13
C VAL C 320 19.09 2.59 -38.37
N THR C 321 18.90 3.70 -39.09
CA THR C 321 19.68 3.97 -40.29
C THR C 321 21.11 4.41 -39.99
N THR C 322 21.33 5.13 -38.89
CA THR C 322 22.62 5.73 -38.60
C THR C 322 23.08 5.30 -37.22
N HIS C 323 24.40 5.36 -37.02
CA HIS C 323 25.01 5.02 -35.74
C HIS C 323 24.66 6.09 -34.73
N SER C 324 23.73 5.79 -33.81
CA SER C 324 23.23 6.76 -32.86
C SER C 324 23.77 6.46 -31.47
N PHE C 325 24.19 7.49 -30.76
CA PHE C 325 24.66 7.33 -29.38
C PHE C 325 24.60 8.67 -28.68
N ASN C 326 24.98 8.66 -27.40
CA ASN C 326 25.02 9.87 -26.58
C ASN C 326 26.43 10.06 -26.05
N CYS C 327 27.04 11.19 -26.37
CA CYS C 327 28.39 11.54 -25.94
C CYS C 327 28.30 12.80 -25.09
N GLY C 328 28.65 12.70 -23.82
CA GLY C 328 28.62 13.84 -22.92
C GLY C 328 27.27 14.49 -22.79
N GLY C 329 26.19 13.72 -22.95
CA GLY C 329 24.86 14.26 -22.92
C GLY C 329 24.34 14.84 -24.22
N GLU C 330 25.11 14.73 -25.30
CA GLU C 330 24.68 15.20 -26.61
C GLU C 330 24.45 14.01 -27.54
N PHE C 331 23.32 14.01 -28.23
CA PHE C 331 22.86 12.84 -28.99
C PHE C 331 23.30 12.95 -30.45
N PHE C 332 24.26 12.12 -30.81
CA PHE C 332 24.82 12.06 -32.16
C PHE C 332 24.10 10.98 -32.96
N TYR C 333 23.90 11.26 -34.25
CA TYR C 333 23.40 10.28 -35.22
C TYR C 333 24.34 10.38 -36.42
N CYS C 334 25.19 9.38 -36.61
CA CYS C 334 26.31 9.47 -37.53
C CYS C 334 26.08 8.60 -38.76
N ASN C 335 26.39 9.16 -39.93
CA ASN C 335 26.62 8.38 -41.13
C ASN C 335 27.71 7.35 -40.91
N THR C 336 27.32 6.07 -40.83
CA THR C 336 28.29 4.98 -40.88
C THR C 336 28.40 4.41 -42.30
N SER C 337 28.62 5.29 -43.28
CA SER C 337 28.70 4.81 -44.69
C SER C 337 30.16 4.68 -45.12
N GLY C 338 31.07 5.44 -44.50
CA GLY C 338 32.48 5.26 -44.82
C GLY C 338 33.10 3.99 -44.28
N LEU C 339 32.41 3.30 -43.36
CA LEU C 339 32.96 2.09 -42.75
C LEU C 339 32.54 0.83 -43.49
N PHE C 340 31.21 0.60 -43.49
CA PHE C 340 30.62 -0.58 -44.19
C PHE C 340 30.52 -0.25 -45.67
N ASN C 341 31.66 -0.17 -46.35
CA ASN C 341 31.76 0.20 -47.76
C ASN C 341 33.01 -0.54 -48.26
N SER C 342 32.81 -1.76 -48.75
CA SER C 342 33.95 -2.55 -49.20
C SER C 342 33.44 -3.82 -49.84
N THR C 343 34.32 -4.50 -50.57
CA THR C 343 33.96 -5.83 -51.13
C THR C 343 35.07 -6.81 -50.73
N TRP C 344 34.73 -8.06 -50.44
CA TRP C 344 35.76 -9.02 -49.95
C TRP C 344 35.61 -10.37 -50.66
N ILE C 345 36.00 -10.43 -51.93
CA ILE C 345 35.97 -11.73 -52.65
C ILE C 345 37.01 -12.65 -52.00
N SER C 346 36.63 -13.88 -51.66
CA SER C 346 37.62 -14.83 -51.12
C SER C 346 38.65 -15.16 -52.20
N ASN C 347 39.70 -14.34 -52.32
CA ASN C 347 40.73 -14.56 -53.36
C ASN C 347 42.06 -14.96 -52.69
N SER C 348 47.71 4.48 -43.57
CA SER C 348 48.67 5.28 -42.83
C SER C 348 48.00 6.03 -41.68
N ASN C 349 48.45 7.27 -41.45
CA ASN C 349 47.89 8.08 -40.37
C ASN C 349 46.54 8.68 -40.72
N ASP C 350 46.10 8.55 -41.97
CA ASP C 350 44.79 9.07 -42.36
C ASP C 350 43.68 8.27 -41.68
N SER C 351 42.53 8.93 -41.50
CA SER C 351 41.41 8.32 -40.80
C SER C 351 40.12 8.58 -41.57
N ILE C 352 39.21 7.61 -41.49
CA ILE C 352 37.87 7.78 -42.05
C ILE C 352 37.08 8.71 -41.14
N THR C 353 36.47 9.72 -41.74
CA THR C 353 35.68 10.72 -41.03
C THR C 353 34.20 10.49 -41.33
N LEU C 354 33.41 10.28 -40.28
CA LEU C 354 31.98 10.10 -40.40
C LEU C 354 31.28 11.37 -39.98
N PRO C 355 30.57 12.06 -40.88
CA PRO C 355 29.77 13.22 -40.46
C PRO C 355 28.59 12.76 -39.62
N CYS C 356 28.20 13.63 -38.69
CA CYS C 356 27.12 13.31 -37.77
C CYS C 356 26.17 14.50 -37.62
N ARG C 357 24.93 14.19 -37.26
CA ARG C 357 23.90 15.19 -36.98
C ARG C 357 23.48 15.08 -35.52
N ILE C 358 23.42 16.22 -34.86
CA ILE C 358 23.01 16.28 -33.46
C ILE C 358 21.49 16.39 -33.40
N LYS C 359 20.89 15.75 -32.39
CA LYS C 359 19.46 15.91 -32.16
C LYS C 359 19.21 16.18 -30.68
N GLN C 360 18.07 16.82 -30.40
CA GLN C 360 17.71 17.19 -29.04
C GLN C 360 16.43 16.52 -28.55
N ILE C 361 15.41 16.40 -29.38
CA ILE C 361 14.17 15.72 -29.01
C ILE C 361 14.35 14.24 -29.28
N ILE C 362 14.44 13.44 -28.22
CA ILE C 362 14.79 12.03 -28.32
C ILE C 362 13.69 11.19 -27.68
N ASN C 363 13.26 10.16 -28.39
CA ASN C 363 12.47 9.07 -27.83
C ASN C 363 13.42 7.87 -27.79
N MET C 364 14.09 7.71 -26.64
CA MET C 364 15.26 6.83 -26.57
C MET C 364 14.91 5.41 -27.02
N TRP C 365 13.87 4.84 -26.45
CA TRP C 365 13.47 3.48 -26.80
C TRP C 365 12.38 3.51 -27.87
N GLN C 366 12.03 2.32 -28.36
CA GLN C 366 11.08 2.22 -29.46
C GLN C 366 9.65 2.48 -28.97
N ARG C 367 9.41 3.68 -28.47
CA ARG C 367 8.11 4.07 -27.95
C ARG C 367 7.59 5.28 -28.70
N ILE C 368 6.27 5.42 -28.74
CA ILE C 368 5.60 6.55 -29.36
C ILE C 368 4.75 7.24 -28.30
N GLY C 369 4.83 8.57 -28.27
CA GLY C 369 4.15 9.34 -27.25
C GLY C 369 4.97 9.64 -26.02
N GLN C 370 6.28 9.32 -26.03
CA GLN C 370 7.16 9.61 -24.90
C GLN C 370 8.54 9.94 -25.49
N CYS C 371 8.80 11.23 -25.67
CA CYS C 371 10.11 11.72 -26.07
C CYS C 371 10.84 12.26 -24.85
N MET C 372 11.96 12.94 -25.12
CA MET C 372 12.71 13.64 -24.09
C MET C 372 13.57 14.71 -24.74
N TYR C 373 13.55 15.91 -24.18
CA TYR C 373 14.30 17.05 -24.72
C TYR C 373 15.62 17.15 -23.98
N ALA C 374 16.73 17.01 -24.71
CA ALA C 374 18.05 17.04 -24.11
C ALA C 374 18.57 18.47 -24.08
N PRO C 375 18.86 19.03 -22.91
CA PRO C 375 19.35 20.41 -22.86
C PRO C 375 20.69 20.52 -23.54
N PRO C 376 21.01 21.67 -24.12
CA PRO C 376 22.32 21.85 -24.74
C PRO C 376 23.43 21.84 -23.71
N ILE C 377 24.59 21.34 -24.13
CA ILE C 377 25.76 21.20 -23.27
C ILE C 377 26.70 22.35 -23.58
N GLN C 378 27.06 23.12 -22.55
CA GLN C 378 27.91 24.28 -22.74
C GLN C 378 29.32 23.86 -23.09
N GLY C 379 29.96 24.61 -23.99
CA GLY C 379 31.34 24.35 -24.35
C GLY C 379 31.50 23.51 -25.60
N VAL C 380 32.48 22.61 -25.60
CA VAL C 380 32.74 21.72 -26.72
C VAL C 380 32.78 20.29 -26.17
N ILE C 381 32.01 19.41 -26.79
CA ILE C 381 31.93 18.01 -26.37
C ILE C 381 32.90 17.20 -27.20
N ARG C 382 33.80 16.49 -26.53
CA ARG C 382 34.78 15.59 -27.13
C ARG C 382 34.83 14.31 -26.33
N CYS C 383 34.82 13.17 -27.02
CA CYS C 383 34.89 11.90 -26.31
C CYS C 383 35.60 10.85 -27.16
N VAL C 384 36.16 9.86 -26.47
CA VAL C 384 36.93 8.78 -27.08
C VAL C 384 36.28 7.47 -26.66
N SER C 385 36.01 6.60 -27.63
CA SER C 385 35.30 5.36 -27.33
C SER C 385 35.99 4.20 -28.02
N ASN C 386 35.72 3.00 -27.51
CA ASN C 386 36.19 1.75 -28.10
C ASN C 386 35.03 1.11 -28.85
N ILE C 387 35.23 0.83 -30.14
CA ILE C 387 34.33 -0.04 -30.88
C ILE C 387 34.79 -1.48 -30.64
N THR C 388 33.89 -2.30 -30.10
CA THR C 388 34.20 -3.67 -29.75
C THR C 388 33.27 -4.68 -30.41
N GLY C 389 32.40 -4.24 -31.32
CA GLY C 389 31.49 -5.17 -31.98
C GLY C 389 30.61 -4.46 -32.98
N LEU C 390 29.92 -5.28 -33.76
CA LEU C 390 29.00 -4.82 -34.78
C LEU C 390 27.72 -5.63 -34.72
N ILE C 391 26.64 -5.03 -35.20
CA ILE C 391 25.36 -5.71 -35.39
C ILE C 391 25.09 -5.70 -36.89
N LEU C 392 25.48 -6.78 -37.57
CA LEU C 392 25.28 -6.90 -39.00
C LEU C 392 23.96 -7.63 -39.28
N THR C 393 23.52 -7.57 -40.54
CA THR C 393 22.37 -8.31 -41.00
C THR C 393 22.56 -8.65 -42.47
N ARG C 394 21.99 -9.76 -42.90
CA ARG C 394 22.13 -10.23 -44.26
C ARG C 394 20.88 -9.92 -45.08
N ASP C 395 21.09 -9.55 -46.34
CA ASP C 395 20.00 -9.22 -47.24
C ASP C 395 19.74 -10.41 -48.17
N GLY C 396 18.48 -10.85 -48.23
CA GLY C 396 18.12 -11.96 -49.09
C GLY C 396 18.82 -13.24 -48.68
N GLY C 397 19.77 -13.69 -49.51
CA GLY C 397 20.52 -14.89 -49.23
C GLY C 397 20.16 -16.03 -50.15
N SER C 398 19.66 -15.70 -51.33
CA SER C 398 19.28 -16.73 -52.30
C SER C 398 20.51 -17.45 -52.84
N THR C 399 20.29 -18.67 -53.32
CA THR C 399 21.36 -19.48 -53.89
C THR C 399 21.78 -19.01 -55.28
N ASN C 400 21.08 -18.02 -55.84
CA ASN C 400 21.39 -17.55 -57.20
C ASN C 400 22.80 -16.98 -57.28
N SER C 401 23.22 -16.23 -56.27
CA SER C 401 24.53 -15.60 -56.25
C SER C 401 25.32 -16.08 -55.06
N THR C 402 26.63 -16.21 -55.26
CA THR C 402 27.54 -16.62 -54.19
C THR C 402 28.07 -15.44 -53.40
N THR C 403 27.67 -14.21 -53.75
CA THR C 403 28.09 -13.02 -53.03
C THR C 403 27.17 -12.82 -51.82
N GLU C 404 27.76 -12.62 -50.65
CA GLU C 404 27.02 -12.34 -49.43
C GLU C 404 27.23 -10.88 -49.06
N THR C 405 26.14 -10.14 -48.95
CA THR C 405 26.17 -8.72 -48.62
C THR C 405 25.69 -8.53 -47.19
N PHE C 406 26.44 -7.77 -46.40
CA PHE C 406 26.15 -7.55 -44.99
C PHE C 406 26.01 -6.06 -44.72
N ARG C 407 24.90 -5.66 -44.09
CA ARG C 407 24.67 -4.20 -43.90
C ARG C 407 24.30 -3.94 -42.44
N PRO C 408 24.92 -2.96 -41.75
CA PRO C 408 24.67 -2.75 -40.32
C PRO C 408 23.17 -2.63 -39.96
N GLY C 409 22.77 -3.05 -38.74
CA GLY C 409 21.40 -2.91 -38.33
C GLY C 409 21.32 -2.62 -36.85
N GLY C 410 20.11 -2.71 -36.30
CA GLY C 410 19.92 -2.41 -34.90
C GLY C 410 18.48 -2.20 -34.51
N GLY C 411 18.21 -1.10 -33.83
CA GLY C 411 16.88 -0.76 -33.35
C GLY C 411 16.53 -1.12 -31.93
N ASP C 412 16.83 -2.35 -31.52
CA ASP C 412 16.51 -2.80 -30.17
C ASP C 412 17.79 -2.89 -29.33
N MET C 413 17.76 -2.29 -28.14
CA MET C 413 18.89 -2.37 -27.21
C MET C 413 19.03 -3.76 -26.60
N ARG C 414 18.04 -4.62 -26.80
CA ARG C 414 18.16 -6.00 -26.33
C ARG C 414 19.37 -6.69 -26.93
N ASP C 415 19.73 -6.35 -28.17
CA ASP C 415 20.94 -6.90 -28.76
C ASP C 415 22.17 -6.37 -28.05
N ASN C 416 22.17 -5.09 -27.68
CA ASN C 416 23.29 -4.52 -26.94
C ASN C 416 23.48 -5.23 -25.60
N TRP C 417 22.38 -5.51 -24.90
CA TRP C 417 22.50 -6.26 -23.65
C TRP C 417 22.91 -7.70 -23.89
N ARG C 418 22.39 -8.34 -24.95
CA ARG C 418 22.68 -9.74 -25.21
C ARG C 418 24.14 -9.94 -25.62
N SER C 419 24.77 -8.89 -26.14
CA SER C 419 26.20 -8.97 -26.42
C SER C 419 27.03 -9.05 -25.15
N GLU C 420 26.44 -8.73 -24.00
CA GLU C 420 27.13 -8.77 -22.71
C GLU C 420 26.68 -9.90 -21.81
N LEU C 421 25.40 -10.30 -21.88
CA LEU C 421 24.86 -11.36 -21.06
C LEU C 421 24.78 -12.69 -21.80
N TYR C 422 25.74 -12.98 -22.67
CA TYR C 422 25.64 -14.17 -23.51
C TYR C 422 26.13 -15.42 -22.79
N LYS C 423 27.07 -15.28 -21.86
CA LYS C 423 27.67 -16.43 -21.19
C LYS C 423 27.11 -16.67 -19.80
N TYR C 424 25.98 -16.04 -19.46
CA TYR C 424 25.42 -16.09 -18.13
C TYR C 424 24.04 -16.73 -18.16
N LYS C 425 23.71 -17.46 -17.10
CA LYS C 425 22.38 -18.02 -16.96
C LYS C 425 22.04 -18.15 -15.48
N VAL C 426 20.74 -18.22 -15.19
CA VAL C 426 20.22 -18.30 -13.83
C VAL C 426 19.60 -19.67 -13.62
N VAL C 427 19.96 -20.32 -12.52
CA VAL C 427 19.40 -21.62 -12.16
C VAL C 427 18.90 -21.55 -10.72
N LYS C 428 17.97 -22.43 -10.40
CA LYS C 428 17.44 -22.55 -9.05
C LYS C 428 17.89 -23.87 -8.44
N ILE C 429 18.25 -23.84 -7.18
CA ILE C 429 18.73 -25.03 -6.50
C ILE C 429 17.55 -25.91 -6.09
N GLU C 430 17.67 -27.20 -6.37
CA GLU C 430 16.72 -28.19 -5.87
C GLU C 430 17.44 -29.04 -4.83
N PRO C 431 17.59 -28.54 -3.60
CA PRO C 431 18.42 -29.25 -2.62
C PRO C 431 17.85 -30.57 -2.18
N LEU C 432 16.57 -30.83 -2.41
CA LEU C 432 15.96 -32.08 -2.00
C LEU C 432 16.32 -33.18 -2.98
N GLY C 433 16.61 -34.37 -2.45
CA GLY C 433 16.91 -35.52 -3.28
C GLY C 433 16.66 -36.80 -2.53
N VAL C 434 16.39 -37.86 -3.29
CA VAL C 434 16.17 -39.19 -2.74
C VAL C 434 17.11 -40.16 -3.44
N ALA C 435 17.57 -41.17 -2.71
CA ALA C 435 18.51 -42.15 -3.24
C ALA C 435 18.36 -43.46 -2.50
N PRO C 436 18.75 -44.57 -3.11
CA PRO C 436 18.64 -45.86 -2.43
C PRO C 436 19.82 -46.12 -1.51
N THR C 437 19.53 -46.63 -0.31
CA THR C 437 20.56 -46.95 0.65
C THR C 437 20.03 -48.01 1.61
N ARG C 438 20.94 -48.83 2.14
CA ARG C 438 20.56 -49.98 2.95
C ARG C 438 19.96 -49.56 4.29
N CYS C 439 20.29 -48.35 4.76
CA CYS C 439 20.01 -47.99 6.15
C CYS C 439 18.51 -48.02 6.45
N LYS C 440 18.17 -48.50 7.63
CA LYS C 440 16.79 -48.65 8.08
C LYS C 440 16.54 -47.67 9.22
N ARG C 441 15.41 -46.98 9.18
CA ARG C 441 15.03 -46.11 10.31
C ARG C 441 14.53 -46.95 11.48
N ALA D 1 41.57 -32.59 31.44
CA ALA D 1 41.20 -32.70 32.84
C ALA D 1 39.89 -31.98 33.11
N GLU D 2 39.76 -30.76 32.60
CA GLU D 2 38.53 -30.00 32.78
C GLU D 2 37.35 -30.69 32.11
N ASN D 3 37.56 -31.21 30.89
CA ASN D 3 36.52 -31.89 30.12
C ASN D 3 35.29 -31.00 29.95
N LEU D 4 35.53 -29.80 29.41
CA LEU D 4 34.49 -28.84 29.12
C LEU D 4 34.08 -28.94 27.66
N TRP D 5 32.80 -28.71 27.40
CA TRP D 5 32.25 -28.78 26.05
C TRP D 5 31.34 -27.59 25.80
N VAL D 6 31.30 -27.16 24.54
CA VAL D 6 30.44 -26.06 24.14
C VAL D 6 28.98 -26.48 24.27
N THR D 7 28.14 -25.57 24.78
CA THR D 7 26.71 -25.78 24.90
C THR D 7 26.01 -24.55 24.34
N VAL D 8 25.01 -24.78 23.51
CA VAL D 8 24.31 -23.72 22.79
C VAL D 8 23.00 -23.42 23.50
N TYR D 9 22.78 -22.13 23.79
CA TYR D 9 21.57 -21.66 24.44
C TYR D 9 20.85 -20.71 23.51
N TYR D 10 19.55 -20.94 23.34
CA TYR D 10 18.70 -20.11 22.51
C TYR D 10 17.70 -19.36 23.38
N GLY D 11 17.45 -18.10 23.05
CA GLY D 11 16.61 -17.26 23.87
C GLY D 11 17.34 -16.53 24.97
N VAL D 12 18.63 -16.26 24.80
CA VAL D 12 19.43 -15.66 25.87
C VAL D 12 19.18 -14.15 25.88
N PRO D 13 19.19 -13.49 27.06
CA PRO D 13 19.04 -12.02 27.10
C PRO D 13 20.33 -11.25 26.83
N VAL D 14 20.66 -11.08 25.55
CA VAL D 14 21.83 -10.32 25.13
C VAL D 14 21.42 -9.44 23.96
N TRP D 15 21.85 -8.18 23.98
CA TRP D 15 21.44 -7.22 22.97
C TRP D 15 22.66 -6.48 22.42
N LYS D 16 22.50 -5.93 21.22
CA LYS D 16 23.52 -5.13 20.57
C LYS D 16 22.92 -3.85 20.03
N ASP D 17 23.71 -2.80 19.99
CA ASP D 17 23.27 -1.53 19.40
C ASP D 17 23.00 -1.73 17.90
N ALA D 18 21.86 -1.23 17.44
CA ALA D 18 21.46 -1.42 16.06
C ALA D 18 20.44 -0.37 15.66
N GLU D 19 20.16 -0.31 14.37
CA GLU D 19 19.17 0.59 13.78
C GLU D 19 18.10 -0.23 13.08
N THR D 20 16.89 0.31 13.01
CA THR D 20 15.79 -0.38 12.36
C THR D 20 14.68 0.62 12.05
N THR D 21 13.60 0.12 11.48
CA THR D 21 12.45 0.94 11.12
C THR D 21 11.31 0.67 12.09
N LEU D 22 11.20 1.50 13.13
CA LEU D 22 10.11 1.41 14.08
C LEU D 22 8.81 1.85 13.42
N PHE D 23 7.68 1.41 13.97
CA PHE D 23 6.39 1.78 13.42
C PHE D 23 5.59 2.64 14.38
N CYS D 24 4.60 3.32 13.83
CA CYS D 24 3.78 4.26 14.57
C CYS D 24 2.61 3.55 15.24
N ALA D 25 2.24 4.04 16.42
CA ALA D 25 1.07 3.56 17.15
C ALA D 25 0.47 4.73 17.90
N SER D 26 -0.84 4.92 17.72
CA SER D 26 -1.54 6.03 18.36
C SER D 26 -2.87 5.51 18.90
N ASP D 27 -3.35 6.17 19.96
CA ASP D 27 -4.57 5.75 20.64
C ASP D 27 -5.78 5.82 19.73
N HIS D 28 -9.52 13.78 10.78
CA HIS D 28 -8.53 14.31 9.83
C HIS D 28 -7.42 15.07 10.56
N ASN D 29 -6.18 14.71 10.27
CA ASN D 29 -5.03 15.33 10.90
C ASN D 29 -3.79 15.02 10.08
N VAL D 30 -2.82 15.95 10.11
CA VAL D 30 -1.62 15.81 9.27
C VAL D 30 -0.84 14.55 9.64
N TRP D 31 -0.56 14.36 10.93
CA TRP D 31 0.18 13.20 11.40
C TRP D 31 -0.79 12.02 11.40
N ALA D 32 -0.97 11.43 10.22
CA ALA D 32 -2.04 10.46 9.95
C ALA D 32 -2.12 9.36 11.00
N THR D 33 -3.23 9.30 11.72
CA THR D 33 -3.47 8.26 12.72
C THR D 33 -4.21 7.06 12.17
N HIS D 34 -4.68 7.13 10.92
CA HIS D 34 -5.35 5.99 10.31
C HIS D 34 -4.36 4.97 9.75
N ALA D 35 -3.08 5.30 9.73
CA ALA D 35 -2.03 4.39 9.26
C ALA D 35 -1.16 3.89 10.40
N CYS D 36 -1.68 3.92 11.62
CA CYS D 36 -0.95 3.51 12.81
C CYS D 36 -1.76 2.46 13.56
N VAL D 37 -1.09 1.46 14.09
CA VAL D 37 -1.76 0.39 14.86
C VAL D 37 -2.26 0.98 16.17
N PRO D 38 -3.43 0.56 16.65
CA PRO D 38 -3.91 1.04 17.95
C PRO D 38 -2.92 0.73 19.06
N THR D 39 -2.80 1.67 20.00
CA THR D 39 -1.93 1.49 21.15
C THR D 39 -2.57 0.54 22.15
N ASP D 40 -1.74 -0.27 22.79
CA ASP D 40 -2.24 -1.14 23.84
C ASP D 40 -2.72 -0.30 25.03
N PRO D 41 -3.93 -0.55 25.53
CA PRO D 41 -4.41 0.23 26.68
C PRO D 41 -3.59 0.05 27.94
N ASN D 42 -2.82 -1.04 28.05
CA ASN D 42 -1.99 -1.31 29.22
C ASN D 42 -0.57 -1.58 28.75
N PRO D 43 0.23 -0.53 28.55
CA PRO D 43 1.63 -0.73 28.17
C PRO D 43 2.40 -1.48 29.24
N GLN D 44 3.35 -2.31 28.82
CA GLN D 44 4.15 -3.12 29.71
C GLN D 44 5.58 -2.62 29.72
N GLU D 45 6.10 -2.33 30.91
CA GLU D 45 7.48 -1.89 31.11
C GLU D 45 8.15 -2.84 32.09
N ILE D 46 9.33 -3.35 31.71
CA ILE D 46 10.07 -4.32 32.51
C ILE D 46 11.35 -3.66 32.99
N HIS D 47 11.50 -3.53 34.31
CA HIS D 47 12.68 -2.91 34.90
C HIS D 47 13.81 -3.93 34.94
N LEU D 48 14.96 -3.60 34.36
CA LEU D 48 16.09 -4.53 34.27
C LEU D 48 17.06 -4.25 35.41
N GLU D 49 17.03 -5.10 36.43
CA GLU D 49 17.95 -4.95 37.56
C GLU D 49 19.38 -5.29 37.18
N ASN D 50 20.31 -4.63 37.86
CA ASN D 50 21.75 -4.83 37.75
C ASN D 50 22.31 -4.26 36.46
N VAL D 51 21.46 -3.76 35.56
CA VAL D 51 21.86 -3.47 34.19
C VAL D 51 22.29 -2.02 34.07
N THR D 52 23.52 -1.80 33.61
CA THR D 52 24.04 -0.48 33.30
C THR D 52 24.25 -0.42 31.79
N GLU D 53 23.63 0.57 31.15
CA GLU D 53 23.62 0.63 29.69
C GLU D 53 24.13 1.98 29.20
N GLU D 54 24.85 1.96 28.09
CA GLU D 54 25.45 3.15 27.52
C GLU D 54 24.44 3.88 26.64
N PHE D 55 24.07 5.09 27.03
CA PHE D 55 23.13 5.91 26.29
C PHE D 55 23.86 7.07 25.65
N ASN D 56 23.35 7.52 24.50
CA ASN D 56 23.98 8.59 23.73
C ASN D 56 22.90 9.27 22.90
N MET D 57 22.48 10.47 23.34
CA MET D 57 21.38 11.18 22.69
C MET D 57 21.76 11.78 21.34
N TRP D 58 23.02 12.10 21.11
CA TRP D 58 23.41 12.87 19.93
C TRP D 58 23.74 12.02 18.72
N LYS D 59 23.66 10.69 18.83
CA LYS D 59 23.82 9.80 17.68
C LYS D 59 22.66 8.80 17.57
N ASN D 60 21.56 9.06 18.26
CA ASN D 60 20.39 8.20 18.19
C ASN D 60 19.82 8.21 16.77
N ASN D 61 19.54 7.02 16.24
CA ASN D 61 18.89 6.92 14.94
C ASN D 61 17.39 7.17 15.03
N MET D 62 16.83 7.09 16.24
CA MET D 62 15.41 7.39 16.43
C MET D 62 15.09 8.82 16.01
N VAL D 63 16.02 9.76 16.26
CA VAL D 63 15.80 11.15 15.89
C VAL D 63 15.68 11.29 14.37
N GLU D 64 16.63 10.70 13.63
CA GLU D 64 16.58 10.79 12.18
C GLU D 64 15.35 10.11 11.62
N GLN D 65 15.00 8.94 12.16
CA GLN D 65 13.82 8.23 11.68
C GLN D 65 12.56 9.06 11.94
N MET D 66 12.46 9.68 13.11
CA MET D 66 11.30 10.53 13.41
C MET D 66 11.24 11.74 12.49
N HIS D 67 12.38 12.35 12.21
CA HIS D 67 12.40 13.50 11.30
C HIS D 67 11.91 13.09 9.91
N THR D 68 12.42 11.97 9.39
CA THR D 68 11.99 11.50 8.08
C THR D 68 10.50 11.16 8.08
N ASP D 69 10.01 10.50 9.13
CA ASP D 69 8.61 10.14 9.21
C ASP D 69 7.73 11.38 9.24
N ILE D 70 8.12 12.38 10.03
CA ILE D 70 7.33 13.60 10.12
C ILE D 70 7.29 14.33 8.78
N ILE D 71 8.44 14.42 8.11
CA ILE D 71 8.47 15.09 6.81
C ILE D 71 7.61 14.35 5.80
N SER D 72 7.67 13.01 5.79
CA SER D 72 6.87 12.23 4.85
C SER D 72 5.38 12.39 5.13
N LEU D 73 4.98 12.37 6.41
CA LEU D 73 3.57 12.60 6.74
C LEU D 73 3.14 13.99 6.30
N TRP D 74 4.00 14.98 6.50
CA TRP D 74 3.68 16.35 6.09
C TRP D 74 3.44 16.43 4.59
N ASP D 75 4.30 15.79 3.80
CA ASP D 75 4.13 15.79 2.35
C ASP D 75 2.86 15.05 1.94
N GLN D 76 2.62 13.87 2.53
CA GLN D 76 1.47 13.06 2.16
C GLN D 76 0.16 13.74 2.52
N SER D 77 0.13 14.50 3.61
CA SER D 77 -1.07 15.24 3.96
C SER D 77 -1.35 16.38 3.00
N LEU D 78 -0.33 16.78 2.21
CA LEU D 78 -0.50 17.93 1.29
C LEU D 78 -0.56 17.47 -0.17
N LYS D 79 -0.38 16.16 -0.42
CA LYS D 79 -0.54 15.68 -1.80
C LYS D 79 -1.96 15.84 -2.33
N PRO D 80 -3.04 15.44 -1.61
CA PRO D 80 -4.40 15.61 -2.19
C PRO D 80 -5.03 16.96 -1.84
N CYS D 81 -4.35 18.04 -2.22
CA CYS D 81 -4.87 19.38 -1.92
C CYS D 81 -4.64 20.30 -3.10
N VAL D 82 -5.31 21.45 -3.06
CA VAL D 82 -5.25 22.43 -4.14
C VAL D 82 -3.83 22.91 -4.33
N LYS D 83 -3.42 23.06 -5.59
CA LYS D 83 -2.13 23.64 -5.93
C LYS D 83 -2.35 25.04 -6.49
N LEU D 84 -2.00 26.06 -5.71
CA LEU D 84 -2.31 27.46 -6.09
C LEU D 84 -1.37 27.97 -7.16
N THR D 85 -1.34 27.33 -8.33
CA THR D 85 -0.52 27.88 -9.44
C THR D 85 -1.22 29.12 -10.01
N PRO D 86 -2.55 29.13 -10.23
CA PRO D 86 -3.21 30.28 -10.84
C PRO D 86 -3.11 31.57 -10.01
N LEU D 87 -2.59 31.51 -8.79
CA LEU D 87 -2.54 32.71 -7.90
C LEU D 87 -1.31 33.55 -8.24
N CYS D 88 -0.34 32.97 -8.96
CA CYS D 88 0.91 33.72 -9.25
C CYS D 88 0.61 34.77 -10.32
N VAL D 89 -0.05 35.85 -9.95
CA VAL D 89 -0.43 36.89 -10.96
C VAL D 89 -0.01 38.26 -10.44
N THR D 90 0.05 39.27 -11.33
CA THR D 90 0.36 40.63 -10.89
C THR D 90 -0.79 41.18 -10.06
N LEU D 91 -0.49 41.60 -8.84
CA LEU D 91 -1.48 42.08 -7.89
C LEU D 91 -1.35 43.60 -7.79
N GLN D 92 -2.49 44.29 -7.71
CA GLN D 92 -2.49 45.72 -7.43
C GLN D 92 -2.85 45.92 -5.96
N CYS D 93 -1.92 46.50 -5.20
CA CYS D 93 -2.01 46.52 -3.74
C CYS D 93 -1.90 47.94 -3.19
N THR D 94 -2.59 48.16 -2.08
CA THR D 94 -2.49 49.36 -1.27
C THR D 94 -2.38 48.95 0.19
N ASN D 95 -2.02 49.89 1.08
CA ASN D 95 -2.22 49.63 2.51
C ASN D 95 -3.67 49.76 2.95
N VAL D 96 -4.04 48.93 3.90
CA VAL D 96 -5.30 49.06 4.63
C VAL D 96 -5.06 50.00 5.80
N THR D 97 -5.87 51.04 5.89
CA THR D 97 -5.75 52.03 6.96
C THR D 97 -7.06 52.24 7.70
N ASN D 98 -7.89 51.21 7.82
CA ASN D 98 -9.17 51.33 8.52
C ASN D 98 -9.03 50.74 9.92
N ASN D 99 -9.04 51.60 10.93
CA ASN D 99 -8.98 51.20 12.34
C ASN D 99 -7.72 50.37 12.62
N ILE D 100 -6.58 50.97 12.33
CA ILE D 100 -5.29 50.28 12.46
C ILE D 100 -4.47 50.97 13.54
N THR D 101 -3.56 50.19 14.14
CA THR D 101 -2.70 50.67 15.20
C THR D 101 -1.30 50.95 14.64
N ASP D 102 -0.62 51.93 15.26
CA ASP D 102 0.64 52.43 14.73
C ASP D 102 1.70 51.35 14.52
N ASP D 103 1.67 50.27 15.31
CA ASP D 103 2.61 49.18 15.12
C ASP D 103 2.15 48.19 14.06
N MET D 104 0.95 48.39 13.49
CA MET D 104 0.43 47.54 12.43
C MET D 104 0.38 48.25 11.09
N ARG D 105 1.02 49.41 10.97
CA ARG D 105 1.00 50.17 9.72
C ARG D 105 1.88 49.48 8.68
N GLY D 106 1.32 49.24 7.50
CA GLY D 106 2.06 48.61 6.42
C GLY D 106 2.15 47.11 6.48
N GLU D 107 1.59 46.47 7.51
CA GLU D 107 1.66 45.02 7.63
C GLU D 107 0.67 44.32 6.70
N LEU D 108 -0.47 44.95 6.42
CA LEU D 108 -1.55 44.33 5.67
C LEU D 108 -1.72 45.05 4.34
N LYS D 109 -2.01 44.30 3.29
CA LYS D 109 -2.16 44.81 1.94
C LYS D 109 -3.52 44.44 1.40
N ASN D 110 -4.21 45.44 0.85
CA ASN D 110 -5.43 45.28 0.09
C ASN D 110 -5.01 45.01 -1.35
N CYS D 111 -5.08 43.76 -1.80
CA CYS D 111 -4.58 43.36 -3.11
C CYS D 111 -5.70 42.81 -3.97
N SER D 112 -5.91 43.45 -5.11
CA SER D 112 -6.91 43.01 -6.07
C SER D 112 -6.20 42.50 -7.31
N PHE D 113 -6.79 41.46 -7.90
CA PHE D 113 -6.13 40.82 -9.04
C PHE D 113 -7.14 39.97 -9.80
N ASN D 114 -6.91 39.77 -11.09
CA ASN D 114 -7.74 38.91 -11.91
C ASN D 114 -7.42 37.44 -11.64
N MET D 115 -8.39 36.58 -11.92
CA MET D 115 -8.18 35.13 -11.63
C MET D 115 -9.17 34.27 -12.42
N THR D 116 -8.70 33.15 -12.95
CA THR D 116 -9.52 32.22 -13.70
C THR D 116 -10.68 31.74 -12.85
N THR D 117 -11.78 31.40 -13.52
CA THR D 117 -12.96 30.87 -12.86
C THR D 117 -13.22 29.46 -13.37
N GLU D 118 -14.39 28.92 -13.05
CA GLU D 118 -14.73 27.54 -13.45
C GLU D 118 -14.65 27.43 -14.97
N LEU D 119 -15.19 28.43 -15.68
CA LEU D 119 -15.20 28.39 -17.14
C LEU D 119 -13.85 28.91 -17.65
N ARG D 120 -13.22 28.12 -18.53
CA ARG D 120 -11.84 28.40 -18.90
C ARG D 120 -11.70 29.71 -19.68
N ASP D 121 -12.79 30.21 -20.26
CA ASP D 121 -12.73 31.43 -21.08
C ASP D 121 -13.39 32.63 -20.40
N LYS D 122 -13.41 32.66 -19.07
CA LYS D 122 -13.93 33.79 -18.31
C LYS D 122 -12.94 34.14 -17.21
N LYS D 123 -12.90 35.43 -16.85
CA LYS D 123 -12.03 35.93 -15.80
C LYS D 123 -12.84 36.73 -14.79
N GLN D 124 -12.45 36.65 -13.51
CA GLN D 124 -13.11 37.38 -12.45
C GLN D 124 -12.08 38.26 -11.74
N LYS D 125 -12.49 39.46 -11.35
CA LYS D 125 -11.62 40.38 -10.63
C LYS D 125 -11.94 40.27 -9.14
N VAL D 126 -11.04 39.64 -8.39
CA VAL D 126 -11.25 39.38 -6.97
C VAL D 126 -10.24 40.20 -6.18
N TYR D 127 -10.38 40.16 -4.86
CA TYR D 127 -9.49 40.86 -3.96
C TYR D 127 -9.29 40.03 -2.69
N SER D 128 -8.21 40.35 -1.99
CA SER D 128 -7.87 39.65 -0.76
C SER D 128 -6.96 40.55 0.08
N LEU D 129 -6.86 40.21 1.35
CA LEU D 129 -5.96 40.90 2.27
C LEU D 129 -4.75 40.02 2.51
N PHE D 130 -3.60 40.45 1.99
CA PHE D 130 -2.34 39.67 2.14
C PHE D 130 -1.43 40.40 3.11
N TYR D 131 -0.57 39.66 3.80
CA TYR D 131 0.34 40.24 4.78
C TYR D 131 1.58 40.78 4.08
N ARG D 132 2.27 41.71 4.76
CA ARG D 132 3.43 42.35 4.15
C ARG D 132 4.53 41.36 3.81
N LEU D 133 4.65 40.29 4.60
CA LEU D 133 5.72 39.32 4.39
C LEU D 133 5.44 38.37 3.24
N ASP D 134 4.27 38.48 2.61
CA ASP D 134 3.88 37.56 1.54
C ASP D 134 3.93 38.19 0.16
N VAL D 135 4.07 39.51 0.06
CA VAL D 135 4.08 40.19 -1.23
C VAL D 135 5.38 40.97 -1.37
N VAL D 136 5.93 40.93 -2.57
CA VAL D 136 7.17 41.62 -2.90
C VAL D 136 6.92 42.51 -4.11
N GLN D 137 7.43 43.73 -4.05
CA GLN D 137 7.24 44.69 -5.14
C GLN D 137 7.97 44.22 -6.40
N ILE D 138 7.41 44.57 -7.55
CA ILE D 138 7.96 44.15 -8.83
C ILE D 138 8.91 45.20 -9.37
N LYS D 139 3.36 50.00 -7.15
CA LYS D 139 2.01 49.60 -6.76
C LYS D 139 1.74 48.14 -7.09
N GLU D 140 2.56 47.58 -7.98
CA GLU D 140 2.40 46.20 -8.42
C GLU D 140 3.23 45.28 -7.55
N TYR D 141 2.60 44.21 -7.05
CA TYR D 141 3.24 43.25 -6.17
C TYR D 141 3.01 41.84 -6.70
N ARG D 142 3.85 40.91 -6.26
CA ARG D 142 3.67 39.50 -6.57
C ARG D 142 3.91 38.69 -5.31
N LEU D 143 3.29 37.50 -5.29
CA LEU D 143 3.51 36.61 -4.13
C LEU D 143 5.01 36.34 -4.06
N ILE D 144 5.54 36.09 -2.88
CA ILE D 144 6.98 35.91 -2.67
C ILE D 144 7.47 34.58 -3.22
N ASN D 145 6.53 33.64 -3.39
CA ASN D 145 6.89 32.27 -3.83
C ASN D 145 6.61 32.08 -5.32
N CYS D 146 6.51 33.15 -6.10
CA CYS D 146 6.31 32.99 -7.54
C CYS D 146 7.61 32.65 -8.25
N ASN D 147 8.73 33.26 -7.83
CA ASN D 147 9.98 33.01 -8.54
C ASN D 147 10.75 31.81 -7.98
N THR D 148 10.19 31.10 -7.01
CA THR D 148 10.83 29.91 -6.46
C THR D 148 10.05 28.64 -6.73
N SER D 149 8.75 28.63 -6.37
CA SER D 149 7.94 27.43 -6.68
C SER D 149 6.46 27.60 -6.37
N ALA D 150 5.59 27.46 -7.37
CA ALA D 150 4.16 27.43 -7.09
C ALA D 150 3.87 26.32 -6.11
N CYS D 151 3.14 26.71 -5.04
CA CYS D 151 2.94 25.81 -3.88
C CYS D 151 1.53 25.26 -3.78
N THR D 152 1.23 24.65 -2.62
CA THR D 152 -0.11 24.09 -2.45
C THR D 152 -0.79 24.65 -1.20
N GLN D 153 -2.06 25.01 -1.35
CA GLN D 153 -2.90 25.36 -0.21
C GLN D 153 -3.22 24.15 0.63
N ALA D 154 -3.06 24.26 1.95
CA ALA D 154 -3.46 23.20 2.86
C ALA D 154 -4.98 23.06 2.87
N CYS D 155 -5.45 21.82 2.83
CA CYS D 155 -6.88 21.57 2.82
C CYS D 155 -7.50 22.06 4.14
N PRO D 156 -8.59 22.83 4.09
CA PRO D 156 -9.08 23.48 5.32
C PRO D 156 -9.50 22.52 6.42
N LYS D 157 -10.02 21.34 6.07
CA LYS D 157 -10.49 20.42 7.09
C LYS D 157 -9.36 19.77 7.87
N VAL D 158 -8.19 19.60 7.25
CA VAL D 158 -7.06 18.96 7.92
C VAL D 158 -6.54 19.85 9.03
N SER D 159 -6.25 19.27 10.18
CA SER D 159 -5.82 19.99 11.36
C SER D 159 -4.33 19.83 11.58
N PHE D 160 -3.68 20.90 12.04
CA PHE D 160 -2.25 20.91 12.30
C PHE D 160 -1.91 20.61 13.76
N GLU D 161 -2.90 20.31 14.60
CA GLU D 161 -2.63 20.08 16.02
C GLU D 161 -1.75 18.85 16.18
N PRO D 162 -0.68 18.92 16.97
CA PRO D 162 0.11 17.73 17.25
C PRO D 162 -0.71 16.67 17.96
N ILE D 163 -0.51 15.42 17.57
CA ILE D 163 -1.19 14.29 18.22
C ILE D 163 -0.09 13.33 18.68
N PRO D 164 -0.24 12.71 19.85
CA PRO D 164 0.84 11.85 20.36
C PRO D 164 1.13 10.70 19.42
N ILE D 165 2.40 10.36 19.30
CA ILE D 165 2.88 9.27 18.44
C ILE D 165 3.77 8.38 19.27
N HIS D 166 3.48 7.08 19.25
CA HIS D 166 4.29 6.08 19.93
C HIS D 166 5.10 5.30 18.90
N TYR D 167 6.41 5.21 19.12
CA TYR D 167 7.31 4.50 18.20
C TYR D 167 7.60 3.13 18.78
N CYS D 168 7.09 2.08 18.14
CA CYS D 168 7.25 0.72 18.63
C CYS D 168 8.19 -0.06 17.73
N ALA D 169 9.09 -0.81 18.37
CA ALA D 169 10.10 -1.60 17.68
C ALA D 169 9.48 -2.86 17.08
N PRO D 170 10.05 -3.36 15.99
CA PRO D 170 9.51 -4.59 15.38
C PRO D 170 9.88 -5.82 16.20
N ALA D 171 9.52 -7.00 15.70
CA ALA D 171 9.83 -8.23 16.40
C ALA D 171 11.35 -8.45 16.42
N GLY D 172 11.85 -8.86 17.58
CA GLY D 172 13.26 -9.10 17.76
C GLY D 172 14.05 -7.91 18.27
N PHE D 173 13.47 -6.72 18.28
CA PHE D 173 14.13 -5.52 18.78
C PHE D 173 13.47 -5.06 20.07
N ALA D 174 14.24 -4.36 20.89
CA ALA D 174 13.77 -3.86 22.17
C ALA D 174 14.12 -2.39 22.31
N ILE D 175 13.23 -1.64 22.96
CA ILE D 175 13.43 -0.22 23.18
C ILE D 175 13.79 -0.03 24.66
N LEU D 176 15.03 0.40 24.88
CA LEU D 176 15.56 0.63 26.21
C LEU D 176 15.32 2.08 26.62
N LYS D 177 14.92 2.26 27.88
CA LYS D 177 14.57 3.55 28.45
C LYS D 177 15.39 3.75 29.72
N CYS D 178 16.03 4.91 29.83
CA CYS D 178 16.84 5.25 30.99
C CYS D 178 15.95 5.95 32.02
N LYS D 179 15.64 5.26 33.11
CA LYS D 179 14.79 5.81 34.16
C LYS D 179 15.56 6.68 35.14
N ASP D 180 16.87 6.80 34.97
CA ASP D 180 17.70 7.56 35.91
C ASP D 180 17.44 9.06 35.73
N LYS D 181 17.03 9.71 36.80
CA LYS D 181 16.94 11.17 36.79
C LYS D 181 18.33 11.77 36.85
N LYS D 182 18.40 13.07 36.57
CA LYS D 182 19.63 13.86 36.44
C LYS D 182 20.49 13.38 35.27
N PHE D 183 19.99 12.48 34.42
CA PHE D 183 20.76 12.01 33.28
C PHE D 183 20.88 13.10 32.23
N ASN D 184 22.10 13.33 31.75
CA ASN D 184 22.37 14.44 30.84
C ASN D 184 22.51 14.00 29.38
N GLY D 185 21.99 12.82 29.03
CA GLY D 185 21.91 12.39 27.65
C GLY D 185 23.08 11.60 27.14
N THR D 186 24.18 11.49 27.89
CA THR D 186 25.34 10.76 27.44
C THR D 186 25.97 10.02 28.61
N GLY D 187 26.37 8.77 28.37
CA GLY D 187 27.12 8.01 29.36
C GLY D 187 26.40 6.79 29.86
N PRO D 188 26.88 6.22 30.98
CA PRO D 188 26.26 5.01 31.51
C PRO D 188 25.07 5.33 32.41
N CYS D 189 23.90 4.85 32.00
CA CYS D 189 22.69 4.93 32.82
C CYS D 189 22.56 3.65 33.61
N PRO D 190 22.45 3.72 34.95
CA PRO D 190 22.38 2.49 35.75
C PRO D 190 20.96 1.97 35.94
N SER D 191 19.96 2.81 35.70
CA SER D 191 18.56 2.42 35.83
C SER D 191 17.96 2.28 34.44
N VAL D 192 17.72 1.04 34.01
CA VAL D 192 17.28 0.76 32.66
C VAL D 192 15.99 -0.05 32.70
N SER D 193 15.13 0.19 31.72
CA SER D 193 13.92 -0.59 31.55
C SER D 193 13.71 -0.87 30.07
N THR D 194 12.99 -1.94 29.79
CA THR D 194 12.57 -2.30 28.44
C THR D 194 11.09 -1.98 28.30
N VAL D 195 10.74 -1.19 27.30
CA VAL D 195 9.35 -0.81 27.09
C VAL D 195 8.85 -1.45 25.82
N GLN D 196 7.55 -1.75 25.80
CA GLN D 196 6.93 -2.22 24.56
C GLN D 196 7.08 -1.17 23.47
N CYS D 197 6.83 0.09 23.82
CA CYS D 197 7.27 1.22 23.01
C CYS D 197 7.13 2.51 23.79
N THR D 198 7.38 3.62 23.09
CA THR D 198 7.61 4.93 23.65
C THR D 198 6.36 5.51 24.30
N HIS D 199 6.57 6.49 25.17
CA HIS D 199 5.50 7.31 25.68
C HIS D 199 5.01 8.27 24.60
N GLY D 200 3.86 8.89 24.87
CA GLY D 200 3.24 9.78 23.89
C GLY D 200 4.15 10.96 23.58
N ILE D 201 4.52 11.13 22.32
CA ILE D 201 5.35 12.24 21.87
C ILE D 201 4.54 13.07 20.89
N LYS D 202 4.39 14.36 21.19
CA LYS D 202 3.69 15.26 20.29
C LYS D 202 4.69 15.90 19.33
N PRO D 203 4.54 15.71 18.02
CA PRO D 203 5.50 16.33 17.07
C PRO D 203 5.28 17.83 16.93
N VAL D 204 5.53 18.54 18.03
CA VAL D 204 5.37 19.99 18.05
C VAL D 204 6.51 20.61 17.25
N VAL D 205 6.15 21.49 16.32
CA VAL D 205 7.13 22.18 15.49
C VAL D 205 7.28 23.60 16.03
N SER D 206 8.53 23.99 16.28
CA SER D 206 8.84 25.30 16.86
C SER D 206 10.35 25.46 16.94
N THR D 207 10.79 26.70 17.04
CA THR D 207 12.19 27.05 17.22
C THR D 207 12.33 27.99 18.40
N GLN D 208 13.55 28.12 18.94
CA GLN D 208 13.89 29.09 20.03
C GLN D 208 13.14 28.84 21.33
N LEU D 209 12.21 27.89 21.37
CA LEU D 209 11.41 27.64 22.56
C LEU D 209 10.72 26.30 22.39
N LEU D 210 11.05 25.33 23.23
CA LEU D 210 10.37 24.04 23.21
C LEU D 210 9.03 24.19 23.93
N LEU D 211 7.95 23.78 23.27
CA LEU D 211 6.60 23.96 23.79
C LEU D 211 5.94 22.61 24.02
N ASN D 212 5.11 22.55 25.07
CA ASN D 212 4.12 21.49 25.26
C ASN D 212 4.79 20.13 25.50
N GLY D 213 6.05 20.16 25.90
CA GLY D 213 6.86 18.96 26.03
C GLY D 213 6.86 18.37 27.44
N SER D 214 7.76 17.41 27.63
CA SER D 214 7.95 16.75 28.91
C SER D 214 8.96 17.52 29.76
N LEU D 215 8.69 17.58 31.07
CA LEU D 215 9.49 18.35 32.01
C LEU D 215 10.43 17.43 32.79
N ALA D 216 11.56 17.99 33.18
CA ALA D 216 12.51 17.24 34.00
C ALA D 216 11.93 16.99 35.38
N GLU D 217 12.25 15.83 35.96
CA GLU D 217 11.65 15.43 37.22
C GLU D 217 12.23 16.17 38.42
N GLU D 218 13.53 16.43 38.42
CA GLU D 218 14.20 16.97 39.60
C GLU D 218 14.55 18.45 39.46
N GLU D 219 15.27 18.81 38.41
CA GLU D 219 15.75 20.18 38.27
C GLU D 219 16.03 20.45 36.79
N VAL D 220 16.32 21.72 36.48
CA VAL D 220 16.64 22.11 35.12
C VAL D 220 17.88 21.35 34.65
N MET D 221 17.80 20.79 33.45
CA MET D 221 18.86 19.95 32.91
C MET D 221 19.45 20.60 31.66
N ILE D 222 20.78 20.65 31.60
CA ILE D 222 21.51 21.20 30.45
C ILE D 222 22.19 20.04 29.73
N ARG D 223 22.05 20.01 28.40
CA ARG D 223 22.56 18.92 27.59
C ARG D 223 23.30 19.46 26.38
N SER D 224 24.47 18.90 26.11
CA SER D 224 25.26 19.30 24.95
C SER D 224 26.22 18.17 24.58
N GLU D 225 26.38 17.96 23.27
CA GLU D 225 27.39 17.03 22.77
C GLU D 225 28.79 17.50 23.15
N ASN D 226 29.08 18.77 22.90
CA ASN D 226 30.21 19.51 23.43
C ASN D 226 29.68 20.81 24.02
N ILE D 227 29.67 20.88 25.35
CA ILE D 227 29.34 22.12 26.05
C ILE D 227 30.48 23.12 25.92
N THR D 228 31.70 22.64 25.68
CA THR D 228 32.83 23.52 25.43
C THR D 228 32.80 24.09 24.02
N ASN D 229 32.52 23.26 23.01
CA ASN D 229 32.45 23.71 21.63
C ASN D 229 31.22 24.59 21.47
N ASN D 230 31.45 25.83 21.03
CA ASN D 230 30.37 26.81 20.96
C ASN D 230 29.51 26.64 19.73
N ALA D 231 29.91 25.79 18.79
CA ALA D 231 29.10 25.54 17.59
C ALA D 231 27.98 24.55 17.84
N LYS D 232 27.96 23.89 19.00
CA LYS D 232 26.93 22.91 19.33
C LYS D 232 25.85 23.57 20.19
N ASN D 233 24.60 23.35 19.80
CA ASN D 233 23.48 23.91 20.54
C ASN D 233 23.38 23.31 21.93
N ILE D 234 22.86 24.11 22.86
CA ILE D 234 22.65 23.69 24.24
C ILE D 234 21.15 23.50 24.44
N LEU D 235 20.75 22.30 24.85
CA LEU D 235 19.35 22.01 25.13
C LEU D 235 19.11 22.17 26.62
N VAL D 236 18.21 23.07 26.99
CA VAL D 236 17.87 23.32 28.39
C VAL D 236 16.44 22.83 28.61
N GLN D 237 16.25 22.02 29.65
CA GLN D 237 14.94 21.46 29.96
C GLN D 237 14.52 21.89 31.35
N PHE D 238 13.28 22.35 31.46
CA PHE D 238 12.78 22.93 32.70
C PHE D 238 12.16 21.86 33.60
N ASN D 239 11.98 22.21 34.87
CA ASN D 239 11.25 21.37 35.80
C ASN D 239 9.90 21.96 36.16
N THR D 240 9.67 23.24 35.85
CA THR D 240 8.38 23.87 36.05
C THR D 240 8.02 24.61 34.77
N PRO D 241 6.80 24.46 34.26
CA PRO D 241 6.44 25.10 32.99
C PRO D 241 6.19 26.58 33.16
N VAL D 242 6.39 27.31 32.07
CA VAL D 242 6.08 28.73 32.00
C VAL D 242 4.91 28.89 31.04
N GLN D 243 3.79 29.39 31.54
CA GLN D 243 2.59 29.48 30.71
C GLN D 243 2.70 30.66 29.76
N ILE D 244 2.59 30.39 28.46
CA ILE D 244 2.68 31.45 27.44
C ILE D 244 1.36 31.50 26.69
N ASN D 245 0.82 32.70 26.54
CA ASN D 245 -0.43 32.90 25.82
C ASN D 245 -0.17 33.66 24.53
N CYS D 246 -0.67 33.14 23.43
CA CYS D 246 -0.51 33.77 22.13
C CYS D 246 -1.86 33.92 21.45
N THR D 247 -2.09 35.14 20.95
CA THR D 247 -3.41 35.49 20.46
C THR D 247 -3.27 36.41 19.26
N ARG D 248 -4.30 36.38 18.40
CA ARG D 248 -4.40 37.26 17.25
C ARG D 248 -5.66 38.09 17.38
N PRO D 249 -5.59 39.31 17.93
CA PRO D 249 -6.81 40.09 18.18
C PRO D 249 -7.40 40.70 16.93
N ASN D 250 -7.60 39.87 15.90
CA ASN D 250 -8.25 40.30 14.67
C ASN D 250 -9.39 39.34 14.36
N ASN D 251 -10.56 39.89 14.06
CA ASN D 251 -11.71 39.09 13.67
C ASN D 251 -11.68 38.95 12.15
N ASN D 252 -10.94 37.96 11.68
CA ASN D 252 -10.74 37.76 10.25
C ASN D 252 -12.01 37.26 9.58
N THR D 253 -11.96 37.15 8.26
CA THR D 253 -13.09 36.63 7.48
C THR D 253 -12.55 35.83 6.31
N ARG D 254 -12.91 34.55 6.27
CA ARG D 254 -12.52 33.65 5.20
C ARG D 254 -13.59 33.63 4.13
N LYS D 255 -13.19 33.84 2.88
CA LYS D 255 -14.12 33.75 1.76
C LYS D 255 -13.53 32.86 0.67
N SER D 256 -14.41 32.14 -0.02
CA SER D 256 -14.00 31.17 -1.02
C SER D 256 -14.07 31.77 -2.41
N ILE D 257 -13.03 31.53 -3.22
CA ILE D 257 -13.00 31.93 -4.61
C ILE D 257 -12.83 30.67 -5.44
N ARG D 258 -13.76 30.45 -6.37
CA ARG D 258 -13.69 29.27 -7.24
C ARG D 258 -12.73 29.60 -8.38
N ILE D 259 -11.60 28.89 -8.44
CA ILE D 259 -10.59 29.18 -9.46
C ILE D 259 -10.52 28.09 -10.52
N GLY D 260 -11.48 27.18 -10.56
CA GLY D 260 -11.52 26.12 -11.53
C GLY D 260 -12.60 25.13 -11.20
N PRO D 261 -12.70 24.01 -11.95
CA PRO D 261 -13.68 22.98 -11.62
C PRO D 261 -13.33 22.29 -10.31
N GLY D 262 -13.98 22.66 -9.21
CA GLY D 262 -13.75 21.97 -7.93
C GLY D 262 -12.46 22.39 -7.26
N GLN D 263 -12.00 23.61 -7.52
CA GLN D 263 -10.81 24.14 -6.87
C GLN D 263 -11.14 25.47 -6.23
N ALA D 264 -10.91 25.57 -4.92
CA ALA D 264 -11.28 26.73 -4.14
C ALA D 264 -10.04 27.33 -3.49
N PHE D 265 -9.97 28.67 -3.54
CA PHE D 265 -8.87 29.39 -2.86
C PHE D 265 -9.53 30.17 -1.73
N TYR D 266 -9.01 30.06 -0.51
CA TYR D 266 -9.58 30.68 0.68
C TYR D 266 -8.83 31.95 0.99
N ALA D 267 -9.46 33.09 0.74
CA ALA D 267 -8.84 34.39 0.90
C ALA D 267 -9.35 35.08 2.16
N THR D 268 -8.55 36.04 2.63
CA THR D 268 -8.90 36.84 3.79
C THR D 268 -9.80 37.98 3.33
N GLY D 269 -11.09 37.88 3.65
CA GLY D 269 -12.05 38.85 3.17
C GLY D 269 -11.87 40.23 3.76
N ASP D 270 -12.14 40.37 5.06
CA ASP D 270 -12.02 41.65 5.74
C ASP D 270 -11.93 41.40 7.24
N ILE D 271 -11.38 42.37 7.97
CA ILE D 271 -11.29 42.26 9.41
C ILE D 271 -12.43 43.05 10.04
N ILE D 272 -13.26 42.37 10.81
CA ILE D 272 -14.40 43.00 11.46
C ILE D 272 -13.92 43.65 12.75
N GLY D 273 -13.92 44.97 12.79
CA GLY D 273 -13.47 45.71 13.95
C GLY D 273 -12.06 46.26 13.79
N ASP D 274 -11.44 46.54 14.93
CA ASP D 274 -10.10 47.12 14.93
C ASP D 274 -9.06 46.10 14.52
N ILE D 275 -7.96 46.60 13.96
CA ILE D 275 -6.84 45.77 13.54
C ILE D 275 -5.68 46.03 14.48
N ARG D 276 -5.25 44.99 15.18
CA ARG D 276 -4.15 45.11 16.14
C ARG D 276 -3.27 43.88 16.04
N GLN D 277 -2.00 44.05 16.42
CA GLN D 277 -1.00 43.02 16.20
C GLN D 277 -1.25 41.80 17.08
N ALA D 278 -0.96 40.62 16.53
CA ALA D 278 -0.97 39.40 17.31
C ALA D 278 0.26 39.37 18.20
N HIS D 279 0.07 38.87 19.42
CA HIS D 279 1.12 38.99 20.41
C HIS D 279 1.08 37.78 21.33
N CYS D 280 2.00 37.78 22.29
CA CYS D 280 2.02 36.79 23.34
C CYS D 280 2.34 37.48 24.66
N ASN D 281 1.92 36.87 25.76
CA ASN D 281 2.44 37.20 27.08
C ASN D 281 3.04 35.99 27.76
N VAL D 282 4.13 36.27 28.49
CA VAL D 282 4.75 35.35 29.43
C VAL D 282 4.88 36.07 30.77
N SER D 283 4.42 35.41 31.84
CA SER D 283 4.46 36.04 33.16
C SER D 283 5.89 36.40 33.53
N LYS D 284 6.06 37.61 34.09
CA LYS D 284 7.40 38.14 34.34
C LYS D 284 8.10 37.39 35.47
N ALA D 285 7.43 37.22 36.61
CA ALA D 285 8.08 36.64 37.77
C ALA D 285 8.48 35.18 37.53
N THR D 286 7.58 34.40 36.92
CA THR D 286 7.89 33.00 36.63
C THR D 286 9.08 32.90 35.69
N TRP D 287 9.11 33.76 34.67
CA TRP D 287 10.23 33.74 33.73
C TRP D 287 11.53 34.15 34.41
N ASN D 288 11.47 35.13 35.31
CA ASN D 288 12.67 35.56 36.03
C ASN D 288 13.23 34.43 36.88
N GLU D 289 12.35 33.74 37.61
CA GLU D 289 12.82 32.64 38.45
C GLU D 289 13.33 31.46 37.61
N THR D 290 12.71 31.21 36.45
CA THR D 290 13.19 30.13 35.58
C THR D 290 14.55 30.47 35.00
N LEU D 291 14.75 31.72 34.60
CA LEU D 291 16.07 32.15 34.13
C LEU D 291 17.09 32.05 35.26
N GLY D 292 16.69 32.35 36.49
CA GLY D 292 17.58 32.16 37.62
C GLY D 292 18.01 30.72 37.80
N LYS D 293 17.06 29.79 37.69
CA LYS D 293 17.40 28.37 37.76
C LYS D 293 18.35 27.97 36.63
N VAL D 294 18.08 28.46 35.41
CA VAL D 294 18.95 28.13 34.28
C VAL D 294 20.35 28.65 34.50
N VAL D 295 20.48 29.86 35.04
CA VAL D 295 21.80 30.42 35.33
C VAL D 295 22.51 29.60 36.40
N LYS D 296 21.77 29.21 37.44
CA LYS D 296 22.36 28.37 38.48
C LYS D 296 22.90 27.07 37.89
N GLN D 297 22.15 26.47 36.96
CA GLN D 297 22.61 25.23 36.35
C GLN D 297 23.79 25.45 35.41
N LEU D 298 23.82 26.57 34.70
CA LEU D 298 24.95 26.83 33.80
C LEU D 298 26.23 27.13 34.56
N ARG D 299 26.10 27.68 35.78
CA ARG D 299 27.29 27.94 36.58
C ARG D 299 28.04 26.66 36.93
N LYS D 300 27.33 25.52 36.99
CA LYS D 300 27.99 24.26 37.28
C LYS D 300 29.02 23.89 36.23
N HIS D 301 28.74 24.22 34.96
CA HIS D 301 29.66 23.89 33.87
C HIS D 301 30.60 25.03 33.51
N PHE D 302 30.19 26.29 33.68
CA PHE D 302 30.98 27.42 33.22
C PHE D 302 31.62 28.20 34.36
N GLY D 303 31.68 27.64 35.55
CA GLY D 303 32.35 28.31 36.64
C GLY D 303 31.36 28.94 37.62
N ASN D 304 31.78 29.05 38.88
CA ASN D 304 30.93 29.56 39.94
C ASN D 304 30.93 31.09 39.99
N ASN D 305 31.85 31.75 39.29
CA ASN D 305 31.94 33.21 39.30
C ASN D 305 31.81 33.80 37.91
N THR D 306 31.16 33.11 36.98
CA THR D 306 31.05 33.59 35.61
C THR D 306 29.81 34.47 35.44
N ILE D 307 29.97 35.53 34.64
CA ILE D 307 28.88 36.44 34.29
C ILE D 307 28.04 35.77 33.21
N ILE D 308 26.72 35.72 33.41
CA ILE D 308 25.85 35.04 32.46
C ILE D 308 24.95 36.07 31.80
N ARG D 309 25.13 36.28 30.49
CA ARG D 309 24.37 37.27 29.75
C ARG D 309 23.44 36.58 28.77
N PHE D 310 22.18 37.03 28.75
CA PHE D 310 21.20 36.59 27.76
C PHE D 310 20.90 37.77 26.84
N ALA D 311 21.17 37.57 25.55
CA ALA D 311 20.90 38.62 24.54
C ALA D 311 19.94 38.05 23.50
N ASN D 312 19.74 38.75 22.38
CA ASN D 312 18.76 38.28 21.37
C ASN D 312 19.48 37.57 20.24
N SER D 313 18.74 36.86 19.37
CA SER D 313 19.38 36.03 18.31
C SER D 313 20.36 36.84 17.46
N SER D 314 21.37 36.18 16.90
CA SER D 314 22.34 36.84 16.03
C SER D 314 21.67 37.35 14.77
N GLY D 315 20.93 36.49 14.07
CA GLY D 315 20.25 36.91 12.86
C GLY D 315 20.11 35.75 11.90
N GLY D 316 19.54 36.07 10.74
CA GLY D 316 19.32 35.08 9.71
C GLY D 316 17.91 35.14 9.14
N ASP D 317 17.37 33.97 8.78
CA ASP D 317 16.00 33.91 8.30
C ASP D 317 15.02 34.18 9.43
N LEU D 318 13.79 34.52 9.06
CA LEU D 318 12.77 34.79 10.07
C LEU D 318 12.40 33.53 10.84
N GLU D 319 12.72 32.35 10.29
CA GLU D 319 12.42 31.10 10.99
C GLU D 319 13.33 30.94 12.21
N VAL D 320 14.60 31.23 12.06
CA VAL D 320 15.56 31.01 13.15
C VAL D 320 15.68 32.24 14.06
N THR D 321 15.56 33.44 13.50
CA THR D 321 15.73 34.67 14.26
C THR D 321 14.62 34.87 15.29
N THR D 322 13.41 34.38 15.03
CA THR D 322 12.27 34.63 15.89
C THR D 322 11.64 33.32 16.32
N HIS D 323 10.98 33.36 17.47
CA HIS D 323 10.27 32.20 18.00
C HIS D 323 9.09 31.90 17.09
N SER D 324 9.21 30.87 16.26
CA SER D 324 8.22 30.54 15.25
C SER D 324 7.44 29.31 15.65
N PHE D 325 6.12 29.35 15.47
CA PHE D 325 5.29 28.20 15.77
C PHE D 325 3.97 28.33 15.03
N ASN D 326 3.09 27.36 15.24
CA ASN D 326 1.74 27.38 14.68
C ASN D 326 0.76 27.24 15.82
N CYS D 327 -0.29 28.07 15.82
CA CYS D 327 -1.30 28.08 16.86
C CYS D 327 -2.67 28.10 16.20
N GLY D 328 -3.44 27.04 16.43
CA GLY D 328 -4.78 26.95 15.86
C GLY D 328 -4.80 27.02 14.34
N GLY D 329 -3.70 26.67 13.69
CA GLY D 329 -3.60 26.76 12.26
C GLY D 329 -3.11 28.08 11.72
N GLU D 330 -2.64 28.98 12.58
CA GLU D 330 -2.06 30.25 12.16
C GLU D 330 -0.59 30.30 12.55
N PHE D 331 0.26 30.69 11.61
CA PHE D 331 1.71 30.61 11.79
C PHE D 331 2.26 31.92 12.34
N PHE D 332 2.67 31.88 13.61
CA PHE D 332 3.20 33.02 14.32
C PHE D 332 4.72 33.02 14.27
N TYR D 333 5.30 34.22 14.19
CA TYR D 333 6.73 34.45 14.32
C TYR D 333 6.90 35.61 15.30
N CYS D 334 7.24 35.30 16.55
CA CYS D 334 7.25 36.27 17.63
C CYS D 334 8.69 36.68 17.93
N ASN D 335 8.87 37.97 18.21
CA ASN D 335 10.21 38.53 18.49
C ASN D 335 10.53 38.32 19.95
N THR D 336 11.39 37.34 20.25
CA THR D 336 11.82 37.06 21.61
C THR D 336 13.02 37.94 21.99
N SER D 337 12.74 39.22 22.18
CA SER D 337 13.76 40.16 22.65
C SER D 337 13.53 40.60 24.08
N GLY D 338 12.28 40.60 24.55
CA GLY D 338 11.99 40.93 25.92
C GLY D 338 12.24 39.82 26.91
N LEU D 339 12.50 38.61 26.44
CA LEU D 339 12.77 37.47 27.31
C LEU D 339 14.26 37.29 27.54
N PHE D 340 14.99 36.99 26.46
CA PHE D 340 16.45 36.72 26.58
C PHE D 340 17.23 38.04 26.54
N ASN D 341 17.10 38.85 27.58
CA ASN D 341 17.80 40.14 27.65
C ASN D 341 18.03 40.46 29.14
N SER D 342 19.21 40.07 29.64
CA SER D 342 19.54 40.30 31.05
C SER D 342 21.00 39.96 31.27
N THR D 343 21.50 40.39 32.43
CA THR D 343 22.85 40.06 32.89
C THR D 343 22.77 39.56 34.32
N TRP D 344 23.34 38.39 34.55
CA TRP D 344 23.30 37.72 35.86
C TRP D 344 24.69 37.70 36.44
N ILE D 345 24.82 38.23 37.67
CA ILE D 345 26.08 38.43 38.36
C ILE D 345 26.19 37.38 39.46
N SER D 346 27.34 36.73 39.54
CA SER D 346 27.58 35.77 40.60
C SER D 346 27.54 36.46 41.96
N ASN D 347 26.79 35.89 42.89
CA ASN D 347 26.65 36.46 44.23
C ASN D 347 26.16 35.41 45.23
N SER D 348 5.34 41.22 39.92
CA SER D 348 4.07 41.01 40.61
C SER D 348 3.07 40.30 39.71
N ASN D 349 2.31 41.08 38.94
CA ASN D 349 1.34 40.55 37.99
C ASN D 349 1.60 40.97 36.55
N ASP D 350 2.48 41.94 36.32
CA ASP D 350 2.79 42.36 34.96
C ASP D 350 3.48 41.23 34.20
N SER D 351 3.26 41.22 32.89
CA SER D 351 3.77 40.15 32.03
C SER D 351 4.49 40.75 30.83
N ILE D 352 5.52 40.05 30.37
CA ILE D 352 6.26 40.47 29.19
C ILE D 352 5.44 40.17 27.95
N THR D 353 5.29 41.17 27.09
CA THR D 353 4.51 41.05 25.86
C THR D 353 5.46 41.01 24.67
N LEU D 354 5.38 39.91 23.92
CA LEU D 354 6.17 39.74 22.71
C LEU D 354 5.30 40.02 21.48
N PRO D 355 5.66 41.00 20.65
CA PRO D 355 4.94 41.19 19.40
C PRO D 355 5.26 40.08 18.40
N CYS D 356 4.26 39.74 17.59
CA CYS D 356 4.39 38.64 16.64
C CYS D 356 3.91 39.09 15.26
N ARG D 357 4.46 38.47 14.23
CA ARG D 357 4.01 38.66 12.86
C ARG D 357 3.46 37.34 12.33
N ILE D 358 2.31 37.40 11.67
CA ILE D 358 1.67 36.23 11.11
C ILE D 358 2.20 36.03 9.70
N LYS D 359 2.38 34.78 9.29
CA LYS D 359 2.72 34.49 7.91
C LYS D 359 1.84 33.37 7.37
N GLN D 360 1.65 33.37 6.06
CA GLN D 360 0.82 32.39 5.37
C GLN D 360 1.61 31.45 4.46
N ILE D 361 2.48 32.02 3.61
CA ILE D 361 3.34 31.16 2.74
C ILE D 361 4.40 30.57 3.67
N ILE D 362 4.20 29.33 4.14
CA ILE D 362 5.12 28.80 5.19
C ILE D 362 6.00 27.65 4.72
N ASN D 363 7.26 27.91 4.38
CA ASN D 363 8.21 26.79 4.12
C ASN D 363 8.42 26.20 5.50
N MET D 364 7.91 25.00 5.77
CA MET D 364 7.87 24.50 7.14
C MET D 364 9.22 23.92 7.56
N TRP D 365 9.78 23.04 6.73
CA TRP D 365 11.13 22.54 6.94
C TRP D 365 12.11 23.30 6.06
N GLN D 366 13.40 23.12 6.35
CA GLN D 366 14.43 23.88 5.66
C GLN D 366 14.62 23.38 4.24
N ARG D 367 13.62 23.58 3.38
CA ARG D 367 13.68 23.16 1.99
C ARG D 367 13.35 24.34 1.08
N ILE D 368 13.89 24.29 -0.14
CA ILE D 368 13.67 25.31 -1.15
C ILE D 368 12.90 24.71 -2.30
N GLY D 369 11.76 25.30 -2.62
CA GLY D 369 10.92 24.78 -3.71
C GLY D 369 9.89 23.77 -3.21
N GLN D 370 9.06 24.19 -2.25
CA GLN D 370 7.98 23.30 -1.75
C GLN D 370 7.15 24.07 -0.72
N CYS D 371 6.83 25.33 -1.01
CA CYS D 371 6.11 26.17 -0.01
C CYS D 371 4.72 25.60 0.28
N MET D 372 4.09 26.03 1.37
CA MET D 372 2.70 25.63 1.68
C MET D 372 1.93 26.90 1.97
N TYR D 373 0.61 26.90 1.77
CA TYR D 373 -0.18 28.10 1.95
C TYR D 373 -1.23 27.81 3.03
N ALA D 374 -1.17 28.55 4.12
CA ALA D 374 -2.04 28.31 5.26
C ALA D 374 -3.29 29.18 5.13
N PRO D 375 -4.47 28.59 4.99
CA PRO D 375 -5.68 29.41 4.83
C PRO D 375 -5.93 30.25 6.08
N PRO D 376 -6.53 31.42 5.92
CA PRO D 376 -6.89 32.22 7.09
C PRO D 376 -7.96 31.52 7.92
N ILE D 377 -7.91 31.78 9.23
CA ILE D 377 -8.79 31.12 10.18
C ILE D 377 -9.88 32.09 10.61
N GLN D 378 -11.13 31.65 10.52
CA GLN D 378 -12.27 32.51 10.85
C GLN D 378 -12.26 32.88 12.33
N GLY D 379 -12.46 34.16 12.61
CA GLY D 379 -12.61 34.63 13.97
C GLY D 379 -11.29 34.85 14.68
N VAL D 380 -11.40 35.37 15.90
CA VAL D 380 -10.21 35.59 16.72
C VAL D 380 -9.65 34.24 17.16
N ILE D 381 -8.32 34.16 17.28
CA ILE D 381 -7.65 32.92 17.63
C ILE D 381 -6.79 33.19 18.87
N ARG D 382 -6.74 32.20 19.77
CA ARG D 382 -6.06 32.32 21.06
C ARG D 382 -5.65 30.94 21.54
N CYS D 383 -4.44 30.83 22.11
CA CYS D 383 -3.98 29.54 22.59
C CYS D 383 -3.00 29.72 23.73
N VAL D 384 -2.96 28.71 24.60
CA VAL D 384 -2.14 28.70 25.81
C VAL D 384 -1.24 27.48 25.75
N SER D 385 0.04 27.67 26.09
CA SER D 385 1.01 26.62 25.88
C SER D 385 2.04 26.60 27.00
N ASN D 386 2.77 25.48 27.02
CA ASN D 386 3.68 25.09 28.09
C ASN D 386 5.04 25.53 27.59
N ILE D 387 5.81 26.27 28.38
CA ILE D 387 7.23 26.43 28.06
C ILE D 387 8.04 25.52 28.97
N THR D 388 8.75 24.56 28.38
CA THR D 388 9.48 23.54 29.12
C THR D 388 10.93 23.41 28.70
N GLY D 389 11.41 24.27 27.80
CA GLY D 389 12.78 24.11 27.35
C GLY D 389 13.19 25.26 26.43
N LEU D 390 14.51 25.35 26.26
CA LEU D 390 15.14 26.35 25.41
C LEU D 390 16.23 25.69 24.58
N ILE D 391 16.55 26.32 23.45
CA ILE D 391 17.67 25.85 22.58
C ILE D 391 18.63 27.03 22.46
N LEU D 392 19.63 27.10 23.34
CA LEU D 392 20.57 28.21 23.41
C LEU D 392 21.81 27.91 22.58
N THR D 393 22.62 28.95 22.41
CA THR D 393 23.89 28.82 21.65
C THR D 393 24.87 29.84 22.24
N ARG D 394 26.12 29.44 22.49
CA ARG D 394 27.11 30.31 23.10
C ARG D 394 27.81 31.14 22.02
N ASP D 395 27.86 32.45 22.24
CA ASP D 395 28.51 33.37 21.32
C ASP D 395 29.97 33.49 21.67
N GLY D 396 30.85 33.19 20.72
CA GLY D 396 32.28 33.29 20.94
C GLY D 396 32.76 32.41 22.08
N GLY D 397 33.11 33.02 23.20
CA GLY D 397 33.56 32.29 24.35
C GLY D 397 35.07 32.20 24.44
N SER D 398 35.75 33.22 23.93
CA SER D 398 37.20 33.26 23.99
C SER D 398 37.67 33.48 25.43
N THR D 399 38.92 33.07 25.68
CA THR D 399 39.49 33.20 27.01
C THR D 399 39.77 34.65 27.40
N ASN D 400 39.66 35.58 26.46
CA ASN D 400 39.95 36.98 26.76
C ASN D 400 39.00 37.54 27.81
N SER D 401 37.72 37.17 27.74
CA SER D 401 36.70 37.71 28.64
C SER D 401 36.18 36.62 29.56
N THR D 402 35.72 37.04 30.74
CA THR D 402 35.09 36.14 31.70
C THR D 402 33.58 36.18 31.63
N THR D 403 33.01 36.81 30.61
CA THR D 403 31.57 36.92 30.46
C THR D 403 31.10 35.96 29.37
N GLU D 404 30.13 35.12 29.70
CA GLU D 404 29.55 34.18 28.76
C GLU D 404 28.17 34.68 28.33
N THR D 405 27.94 34.68 27.02
CA THR D 405 26.68 35.14 26.45
C THR D 405 25.96 33.97 25.81
N PHE D 406 24.65 33.90 26.02
CA PHE D 406 23.84 32.81 25.44
C PHE D 406 22.61 33.40 24.75
N ARG D 407 22.53 33.28 23.43
CA ARG D 407 21.38 33.80 22.66
C ARG D 407 20.64 32.60 22.04
N PRO D 408 19.31 32.68 21.79
CA PRO D 408 18.56 31.52 21.29
C PRO D 408 19.02 31.06 19.89
N GLY D 409 18.65 29.84 19.48
CA GLY D 409 19.08 29.29 18.18
C GLY D 409 18.04 28.34 17.60
N GLY D 410 18.45 27.29 16.89
CA GLY D 410 17.46 26.34 16.42
C GLY D 410 17.27 26.35 14.91
N GLY D 411 16.03 26.10 14.47
CA GLY D 411 15.74 26.00 13.06
C GLY D 411 15.74 24.57 12.57
N ASP D 412 16.63 23.75 13.15
CA ASP D 412 16.66 22.33 12.84
C ASP D 412 15.81 21.59 13.86
N MET D 413 14.65 21.08 13.41
CA MET D 413 13.69 20.46 14.30
C MET D 413 14.22 19.15 14.92
N ARG D 414 15.33 18.64 14.40
CA ARG D 414 15.95 17.47 15.01
C ARG D 414 16.25 17.70 16.48
N ASP D 415 16.57 18.93 16.87
CA ASP D 415 16.74 19.24 18.29
C ASP D 415 15.43 19.10 19.05
N ASN D 416 14.32 19.55 18.45
CA ASN D 416 13.01 19.40 19.08
C ASN D 416 12.68 17.93 19.31
N TRP D 417 12.98 17.08 18.31
CA TRP D 417 12.76 15.65 18.51
C TRP D 417 13.74 15.05 19.52
N ARG D 418 14.99 15.52 19.52
CA ARG D 418 16.01 14.96 20.40
C ARG D 418 15.74 15.31 21.85
N SER D 419 15.00 16.39 22.10
CA SER D 419 14.65 16.73 23.47
C SER D 419 13.58 15.81 24.05
N GLU D 420 12.92 15.01 23.21
CA GLU D 420 11.93 14.05 23.66
C GLU D 420 12.37 12.61 23.51
N LEU D 421 13.26 12.32 22.57
CA LEU D 421 13.82 10.98 22.41
C LEU D 421 15.20 10.86 23.05
N TYR D 422 15.43 11.52 24.18
CA TYR D 422 16.77 11.59 24.75
C TYR D 422 17.08 10.38 25.63
N LYS D 423 16.07 9.79 26.26
CA LYS D 423 16.27 8.67 27.17
C LYS D 423 15.96 7.33 26.52
N TYR D 424 15.85 7.28 25.20
CA TYR D 424 15.41 6.09 24.49
C TYR D 424 16.50 5.59 23.55
N LYS D 425 16.52 4.28 23.35
CA LYS D 425 17.39 3.70 22.33
C LYS D 425 16.80 2.38 21.88
N VAL D 426 17.26 1.91 20.71
CA VAL D 426 16.77 0.68 20.12
C VAL D 426 17.93 -0.30 20.01
N VAL D 427 17.70 -1.54 20.45
CA VAL D 427 18.72 -2.59 20.41
C VAL D 427 18.12 -3.82 19.78
N LYS D 428 19.00 -4.65 19.20
CA LYS D 428 18.60 -5.89 18.56
C LYS D 428 19.03 -7.06 19.43
N ILE D 429 18.16 -8.07 19.54
CA ILE D 429 18.39 -9.18 20.45
C ILE D 429 19.21 -10.25 19.74
N GLU D 430 20.23 -10.75 20.43
CA GLU D 430 21.06 -11.84 19.94
C GLU D 430 20.78 -13.09 20.76
N PRO D 431 19.74 -13.86 20.42
CA PRO D 431 19.32 -14.95 21.31
C PRO D 431 20.29 -16.12 21.37
N LEU D 432 21.10 -16.33 20.34
CA LEU D 432 22.05 -17.44 20.35
C LEU D 432 23.20 -17.15 21.30
N GLY D 433 23.70 -18.20 21.95
CA GLY D 433 24.87 -18.06 22.78
C GLY D 433 25.53 -19.41 23.00
N VAL D 434 26.81 -19.37 23.34
CA VAL D 434 27.58 -20.57 23.63
C VAL D 434 28.26 -20.40 24.99
N ALA D 435 28.31 -21.48 25.76
CA ALA D 435 28.92 -21.46 27.08
C ALA D 435 29.51 -22.82 27.38
N PRO D 436 30.54 -22.89 28.23
CA PRO D 436 31.15 -24.20 28.53
C PRO D 436 30.45 -24.91 29.68
N THR D 437 30.11 -26.17 29.44
CA THR D 437 29.55 -27.03 30.48
C THR D 437 30.11 -28.44 30.34
N ARG D 438 29.97 -29.21 31.41
CA ARG D 438 30.50 -30.57 31.43
C ARG D 438 29.67 -31.53 30.58
N CYS D 439 28.46 -31.15 30.20
CA CYS D 439 27.56 -32.06 29.51
C CYS D 439 28.09 -32.40 28.12
N LYS D 440 27.87 -33.64 27.70
CA LYS D 440 28.33 -34.15 26.43
C LYS D 440 27.20 -34.85 25.71
N ARG D 441 27.05 -34.56 24.42
CA ARG D 441 25.98 -35.14 23.62
C ARG D 441 26.14 -36.64 23.48
N ALA E 1 47.92 -42.82 -0.81
CA ALA E 1 48.85 -41.70 -0.65
C ALA E 1 48.55 -40.92 0.62
N VAL E 2 49.45 -40.00 0.98
CA VAL E 2 49.27 -39.21 2.18
C VAL E 2 48.27 -38.09 1.93
N GLY E 3 47.65 -37.61 3.01
CA GLY E 3 46.69 -36.53 2.92
C GLY E 3 46.94 -35.51 4.02
N ILE E 4 46.34 -34.34 3.84
CA ILE E 4 46.50 -33.25 4.81
C ILE E 4 45.12 -32.83 5.32
N GLY E 5 44.11 -33.62 4.99
CA GLY E 5 42.75 -33.37 5.45
C GLY E 5 41.79 -33.07 4.33
N ALA E 6 40.62 -32.58 4.74
CA ALA E 6 39.58 -32.20 3.80
C ALA E 6 39.82 -30.79 3.27
N VAL E 7 39.07 -30.43 2.23
CA VAL E 7 39.20 -29.13 1.58
C VAL E 7 37.82 -28.52 1.40
N PHE E 8 37.81 -27.21 1.18
CA PHE E 8 36.59 -26.43 0.98
C PHE E 8 36.46 -26.11 -0.52
N LEU E 9 35.39 -26.61 -1.13
CA LEU E 9 35.18 -26.47 -2.57
C LEU E 9 34.33 -25.28 -2.95
N GLY E 10 33.75 -24.56 -1.99
CA GLY E 10 32.94 -23.40 -2.28
C GLY E 10 31.45 -23.73 -2.23
N PHE E 11 30.67 -22.79 -2.75
CA PHE E 11 29.21 -22.87 -2.67
C PHE E 11 28.68 -24.11 -3.39
N LEU E 12 29.18 -24.36 -4.60
CA LEU E 12 28.70 -25.46 -5.44
C LEU E 12 29.84 -26.29 -5.98
N GLY E 13 30.94 -26.41 -5.20
CA GLY E 13 32.14 -27.05 -5.71
C GLY E 13 31.96 -28.52 -6.06
N ALA E 14 31.20 -29.26 -5.26
CA ALA E 14 31.03 -30.70 -5.45
C ALA E 14 29.93 -31.04 -6.43
N ALA E 15 29.49 -30.09 -7.26
CA ALA E 15 28.46 -30.38 -8.25
C ALA E 15 28.97 -31.32 -9.33
N GLY E 16 30.28 -31.50 -9.43
CA GLY E 16 30.87 -32.38 -10.41
C GLY E 16 31.38 -33.68 -9.81
N SER E 17 31.53 -33.70 -8.50
CA SER E 17 32.03 -34.89 -7.82
C SER E 17 30.94 -35.96 -7.72
N THR E 18 31.33 -37.14 -7.26
CA THR E 18 30.40 -38.26 -7.20
C THR E 18 29.38 -38.05 -6.06
N MET E 19 28.32 -38.85 -6.11
CA MET E 19 27.26 -38.75 -5.11
C MET E 19 27.80 -38.92 -3.70
N GLY E 20 28.57 -40.00 -3.48
CA GLY E 20 29.17 -40.20 -2.16
C GLY E 20 30.13 -39.09 -1.79
N ALA E 21 30.87 -38.57 -2.76
CA ALA E 21 31.76 -37.44 -2.50
C ALA E 21 30.96 -36.17 -2.26
N ALA E 22 29.87 -35.97 -2.99
CA ALA E 22 29.03 -34.80 -2.78
C ALA E 22 28.32 -34.85 -1.43
N SER E 23 28.19 -36.04 -0.83
CA SER E 23 27.46 -36.16 0.43
C SER E 23 28.20 -35.54 1.62
N MET E 24 29.48 -35.19 1.48
CA MET E 24 30.22 -34.60 2.61
C MET E 24 30.12 -33.09 2.67
N THR E 25 29.44 -32.43 1.72
CA THR E 25 29.36 -30.98 1.70
C THR E 25 27.91 -30.49 1.64
N LEU E 26 26.99 -31.24 2.26
CA LEU E 26 25.59 -30.86 2.21
C LEU E 26 25.33 -29.57 2.96
N THR E 27 26.00 -29.36 4.09
CA THR E 27 25.76 -28.16 4.90
C THR E 27 26.16 -26.90 4.15
N VAL E 28 27.14 -27.01 3.24
CA VAL E 28 27.59 -25.83 2.49
C VAL E 28 26.44 -25.27 1.66
N GLN E 29 25.73 -26.15 0.94
CA GLN E 29 24.58 -25.69 0.16
C GLN E 29 23.40 -25.38 1.07
N ALA E 30 23.27 -26.10 2.18
CA ALA E 30 22.13 -25.89 3.07
C ALA E 30 22.16 -24.50 3.69
N ARG E 31 23.34 -24.02 4.05
CA ARG E 31 23.43 -22.74 4.76
C ARG E 31 23.21 -21.54 3.86
N ASN E 32 23.25 -21.71 2.53
CA ASN E 32 23.12 -20.59 1.60
C ASN E 32 21.77 -20.55 0.89
N LEU E 33 20.72 -21.13 1.49
CA LEU E 33 19.38 -21.03 0.94
C LEU E 33 18.53 -19.93 1.57
N LEU E 34 19.10 -19.09 2.43
CA LEU E 34 18.33 -18.03 3.07
C LEU E 34 18.83 -16.63 2.75
N SER E 35 20.15 -16.44 2.66
CA SER E 35 20.71 -15.15 2.25
C SER E 35 22.18 -15.32 1.90
N THR E 36 11.15 3.03 -4.79
CA THR E 36 10.05 2.53 -3.97
C THR E 36 9.39 1.33 -4.65
N VAL E 37 9.29 1.37 -5.98
CA VAL E 37 8.74 0.26 -6.73
C VAL E 37 9.67 -0.95 -6.68
N TRP E 38 10.98 -0.70 -6.71
CA TRP E 38 11.95 -1.78 -6.68
C TRP E 38 12.01 -2.49 -5.33
N GLY E 39 11.74 -1.79 -4.24
CA GLY E 39 11.61 -2.45 -2.96
C GLY E 39 10.52 -3.50 -2.92
N ILE E 40 9.53 -3.39 -3.80
CA ILE E 40 8.51 -4.43 -3.92
C ILE E 40 9.05 -5.66 -4.62
N LYS E 41 9.87 -5.48 -5.66
CA LYS E 41 10.50 -6.61 -6.32
C LYS E 41 11.46 -7.33 -5.37
N GLN E 42 12.27 -6.57 -4.63
CA GLN E 42 13.18 -7.16 -3.66
C GLN E 42 12.39 -7.90 -2.58
N LEU E 43 11.31 -7.28 -2.09
CA LEU E 43 10.49 -7.91 -1.06
C LEU E 43 9.86 -9.20 -1.57
N GLN E 44 9.37 -9.20 -2.81
CA GLN E 44 8.78 -10.42 -3.37
C GLN E 44 9.84 -11.52 -3.52
N ALA E 45 11.06 -11.14 -3.94
CA ALA E 45 12.12 -12.13 -4.06
C ALA E 45 12.45 -12.75 -2.70
N ARG E 46 12.60 -11.91 -1.67
CA ARG E 46 12.90 -12.43 -0.35
C ARG E 46 11.78 -13.31 0.18
N VAL E 47 10.52 -12.89 -0.04
CA VAL E 47 9.38 -13.67 0.43
C VAL E 47 9.32 -15.01 -0.29
N LEU E 48 9.59 -15.03 -1.59
CA LEU E 48 9.61 -16.29 -2.33
C LEU E 48 10.69 -17.22 -1.82
N ALA E 49 11.89 -16.68 -1.55
CA ALA E 49 12.95 -17.51 -1.00
C ALA E 49 12.56 -18.10 0.35
N VAL E 50 11.97 -17.28 1.22
CA VAL E 50 11.53 -17.75 2.53
C VAL E 50 10.47 -18.83 2.37
N GLU E 51 9.52 -18.62 1.47
CA GLU E 51 8.45 -19.59 1.25
C GLU E 51 9.01 -20.92 0.75
N ARG E 52 9.96 -20.88 -0.19
CA ARG E 52 10.54 -22.11 -0.69
C ARG E 52 11.29 -22.86 0.41
N TYR E 53 12.07 -22.14 1.21
CA TYR E 53 12.81 -22.79 2.29
C TYR E 53 11.85 -23.41 3.30
N LEU E 54 10.77 -22.69 3.64
CA LEU E 54 9.80 -23.23 4.58
C LEU E 54 9.07 -24.44 4.02
N ARG E 55 8.75 -24.43 2.73
CA ARG E 55 8.11 -25.60 2.12
C ARG E 55 9.05 -26.81 2.18
N ASP E 56 10.32 -26.60 1.87
CA ASP E 56 11.28 -27.71 1.96
C ASP E 56 11.41 -28.22 3.39
N GLN E 57 11.46 -27.31 4.36
CA GLN E 57 11.54 -27.72 5.76
C GLN E 57 10.31 -28.50 6.19
N GLN E 58 9.12 -28.06 5.77
CA GLN E 58 7.90 -28.78 6.11
C GLN E 58 7.91 -30.18 5.48
N LEU E 59 8.32 -30.28 4.22
CA LEU E 59 8.38 -31.58 3.55
C LEU E 59 9.33 -32.52 4.28
N LEU E 60 10.47 -31.99 4.73
CA LEU E 60 11.39 -32.80 5.53
C LEU E 60 10.77 -33.19 6.87
N GLY E 61 10.08 -32.26 7.52
CA GLY E 61 9.56 -32.53 8.86
C GLY E 61 8.46 -33.57 8.87
N ILE E 62 7.55 -33.51 7.89
CA ILE E 62 6.42 -34.44 7.89
C ILE E 62 6.76 -35.79 7.27
N TRP E 63 8.03 -36.02 6.95
CA TRP E 63 8.53 -37.37 6.70
C TRP E 63 9.23 -37.97 7.91
N GLY E 64 9.42 -37.20 8.97
CA GLY E 64 10.20 -37.65 10.11
C GLY E 64 11.66 -37.25 10.07
N CYS E 65 12.05 -36.39 9.14
CA CYS E 65 13.44 -35.97 8.97
C CYS E 65 13.67 -34.51 9.37
N SER E 66 13.02 -34.05 10.42
CA SER E 66 13.19 -32.67 10.87
C SER E 66 14.59 -32.46 11.41
N GLY E 67 15.23 -31.37 10.99
CA GLY E 67 16.55 -31.03 11.48
C GLY E 67 17.64 -32.01 11.11
N LYS E 68 17.46 -32.77 10.03
CA LYS E 68 18.41 -33.77 9.59
C LYS E 68 18.74 -33.56 8.12
N LEU E 69 20.01 -33.77 7.77
CA LEU E 69 20.45 -33.66 6.38
C LEU E 69 20.50 -35.02 5.69
N ILE E 70 20.81 -36.08 6.43
CA ILE E 70 20.74 -37.45 5.93
C ILE E 70 19.80 -38.21 6.85
N CYS E 71 18.68 -38.68 6.29
CA CYS E 71 17.62 -39.27 7.09
C CYS E 71 17.10 -40.52 6.39
N CYS E 72 17.34 -41.68 7.00
CA CYS E 72 16.77 -42.92 6.50
C CYS E 72 15.31 -43.04 6.89
N THR E 73 14.52 -43.65 6.01
CA THR E 73 13.07 -43.73 6.21
C THR E 73 12.60 -45.18 6.10
N ASN E 74 11.35 -45.40 6.51
CA ASN E 74 10.78 -46.73 6.60
C ASN E 74 10.17 -47.24 5.30
N VAL E 75 10.04 -46.39 4.28
CA VAL E 75 9.40 -46.81 3.04
C VAL E 75 10.40 -47.66 2.26
N PRO E 76 9.98 -48.80 1.71
CA PRO E 76 10.89 -49.60 0.89
C PRO E 76 11.18 -48.93 -0.44
N TRP E 77 12.32 -49.30 -1.01
CA TRP E 77 12.73 -48.76 -2.30
C TRP E 77 12.11 -49.61 -3.41
N ASN E 78 11.05 -49.09 -4.01
CA ASN E 78 10.36 -49.82 -5.07
C ASN E 78 11.27 -49.96 -6.29
N SER E 79 11.32 -51.18 -6.83
CA SER E 79 12.21 -51.44 -7.96
C SER E 79 11.72 -50.83 -9.26
N SER E 80 10.42 -50.53 -9.36
CA SER E 80 9.90 -49.88 -10.56
C SER E 80 10.51 -48.50 -10.75
N TRP E 81 10.85 -47.81 -9.67
CA TRP E 81 11.49 -46.51 -9.78
C TRP E 81 12.86 -46.62 -10.43
N SER E 82 13.68 -47.57 -9.99
CA SER E 82 14.99 -47.75 -10.62
C SER E 82 15.49 -49.15 -10.33
N ASN E 83 16.39 -49.63 -11.18
CA ASN E 83 16.91 -50.99 -11.11
C ASN E 83 18.41 -51.04 -10.87
N ARG E 84 19.07 -49.90 -10.72
CA ARG E 84 20.51 -49.88 -10.53
C ARG E 84 20.87 -50.26 -9.11
N ASN E 85 22.14 -50.65 -8.92
CA ASN E 85 22.64 -51.05 -7.62
C ASN E 85 23.50 -49.94 -7.01
N LEU E 86 23.94 -50.17 -5.77
CA LEU E 86 24.71 -49.15 -5.05
C LEU E 86 26.05 -48.87 -5.71
N SER E 87 26.64 -49.89 -6.35
CA SER E 87 27.98 -49.74 -6.92
C SER E 87 28.01 -48.70 -8.03
N GLU E 88 27.00 -48.68 -8.91
CA GLU E 88 26.99 -47.81 -10.07
C GLU E 88 26.31 -46.47 -9.78
N ILE E 89 25.87 -46.25 -8.55
CA ILE E 89 25.15 -45.03 -8.20
C ILE E 89 26.03 -44.13 -7.35
N TRP E 90 26.46 -44.63 -6.19
CA TRP E 90 27.13 -43.77 -5.22
C TRP E 90 28.59 -43.49 -5.57
N ASP E 91 29.15 -44.17 -6.56
CA ASP E 91 30.55 -43.99 -6.91
C ASP E 91 30.80 -43.73 -8.39
N ASN E 92 29.76 -43.77 -9.23
CA ASN E 92 29.95 -43.58 -10.66
C ASN E 92 28.94 -42.62 -11.28
N MET E 93 28.40 -41.69 -10.50
CA MET E 93 27.41 -40.76 -11.03
C MET E 93 27.47 -39.44 -10.28
N THR E 94 26.81 -38.44 -10.87
CA THR E 94 26.65 -37.12 -10.27
C THR E 94 25.17 -36.90 -9.95
N TRP E 95 24.94 -36.05 -8.95
CA TRP E 95 23.59 -35.88 -8.42
C TRP E 95 22.63 -35.29 -9.45
N LEU E 96 23.15 -34.50 -10.41
CA LEU E 96 22.30 -33.96 -11.46
C LEU E 96 21.72 -35.07 -12.33
N GLN E 97 22.54 -36.06 -12.68
CA GLN E 97 22.05 -37.19 -13.45
C GLN E 97 20.97 -37.95 -12.68
N TRP E 98 21.20 -38.16 -11.38
CA TRP E 98 20.21 -38.86 -10.56
C TRP E 98 18.90 -38.08 -10.52
N ASP E 99 18.98 -36.77 -10.34
CA ASP E 99 17.76 -35.96 -10.31
C ASP E 99 17.02 -36.03 -11.64
N LYS E 100 17.75 -35.92 -12.75
CA LYS E 100 17.11 -35.95 -14.06
C LYS E 100 16.49 -37.32 -14.36
N GLU E 101 17.05 -38.39 -13.78
CA GLU E 101 16.42 -39.70 -13.94
C GLU E 101 15.17 -39.84 -13.05
N ILE E 102 15.24 -39.39 -11.81
CA ILE E 102 14.21 -39.72 -10.81
C ILE E 102 13.14 -38.64 -10.68
N SER E 103 13.23 -37.55 -11.44
CA SER E 103 12.27 -36.45 -11.29
C SER E 103 10.84 -36.85 -11.59
N ASN E 104 10.61 -37.95 -12.32
CA ASN E 104 9.27 -38.37 -12.68
C ASN E 104 8.62 -39.27 -11.64
N TYR E 105 9.36 -39.68 -10.61
CA TYR E 105 8.88 -40.53 -9.52
C TYR E 105 8.99 -39.80 -8.21
N THR E 106 8.55 -38.54 -8.19
CA THR E 106 8.81 -37.65 -7.06
C THR E 106 7.62 -37.53 -6.10
N GLN E 107 6.45 -37.14 -6.60
CA GLN E 107 5.33 -36.82 -5.71
C GLN E 107 4.83 -38.07 -4.98
N ILE E 108 4.81 -39.21 -5.66
CA ILE E 108 4.28 -40.43 -5.06
C ILE E 108 5.12 -40.85 -3.87
N ILE E 109 6.44 -40.76 -3.99
CA ILE E 109 7.32 -41.08 -2.87
C ILE E 109 7.06 -40.13 -1.70
N TYR E 110 6.79 -38.85 -2.01
CA TYR E 110 6.49 -37.89 -0.95
C TYR E 110 5.22 -38.29 -0.21
N GLY E 111 4.21 -38.74 -0.95
CA GLY E 111 2.98 -39.20 -0.30
C GLY E 111 3.20 -40.43 0.56
N LEU E 112 3.98 -41.39 0.06
CA LEU E 112 4.28 -42.58 0.88
C LEU E 112 5.02 -42.20 2.15
N LEU E 113 5.98 -41.29 2.06
CA LEU E 113 6.69 -40.85 3.24
C LEU E 113 5.76 -40.15 4.22
N GLU E 114 4.82 -39.34 3.70
CA GLU E 114 3.84 -38.70 4.56
C GLU E 114 3.05 -39.73 5.36
N GLU E 115 2.49 -40.71 4.65
CA GLU E 115 1.68 -41.72 5.32
C GLU E 115 2.50 -42.57 6.29
N SER E 116 3.74 -42.91 5.90
CA SER E 116 4.59 -43.71 6.78
C SER E 116 4.91 -42.96 8.07
N GLN E 117 5.24 -41.68 7.97
CA GLN E 117 5.51 -40.89 9.17
C GLN E 117 4.26 -40.79 10.04
N ASN E 118 3.12 -40.54 9.41
CA ASN E 118 1.86 -40.35 10.18
C ASN E 118 1.69 -41.52 11.16
N GLN E 119 1.55 -42.74 10.62
CA GLN E 119 1.35 -43.93 11.50
C GLN E 119 2.45 -43.93 12.57
N GLN E 120 3.71 -43.77 12.16
CA GLN E 120 4.83 -43.73 13.14
C GLN E 120 4.39 -42.93 14.36
N GLU E 121 4.11 -41.63 14.19
CA GLU E 121 3.65 -40.77 15.31
C GLU E 121 2.57 -41.51 16.11
N LYS E 122 1.46 -41.86 15.44
CA LYS E 122 0.35 -42.58 16.13
C LYS E 122 0.92 -43.75 16.94
N ASN E 123 1.47 -44.76 16.25
CA ASN E 123 2.02 -45.95 16.94
C ASN E 123 2.84 -45.52 18.16
N GLU E 124 3.76 -44.57 17.97
CA GLU E 124 4.60 -44.08 19.09
C GLU E 124 3.68 -43.78 20.30
N GLN E 125 2.74 -42.86 20.13
CA GLN E 125 1.82 -42.48 21.24
C GLN E 125 1.12 -43.74 21.75
N ASP E 126 0.64 -44.61 20.86
CA ASP E 126 -0.01 -45.88 21.28
C ASP E 126 0.93 -46.62 22.23
N LEU E 127 2.12 -46.99 21.76
CA LEU E 127 3.11 -47.63 22.63
C LEU E 127 3.29 -46.83 23.92
N LEU E 128 3.35 -45.49 23.80
CA LEU E 128 3.46 -44.67 25.00
C LEU E 128 2.19 -44.69 25.83
N ALA E 129 1.04 -45.02 25.25
CA ALA E 129 -0.18 -45.15 26.05
C ALA E 129 -0.08 -46.28 27.07
N LEU E 130 0.71 -47.30 26.79
CA LEU E 130 0.85 -48.43 27.71
C LEU E 130 1.85 -48.14 28.81
N ALA F 1 -6.31 -41.70 39.33
CA ALA F 1 -6.80 -42.96 38.77
C ALA F 1 -6.95 -42.87 37.26
N GLU F 2 -7.44 -41.72 36.79
CA GLU F 2 -7.61 -41.53 35.36
C GLU F 2 -6.27 -41.60 34.62
N ASN F 3 -5.23 -40.95 35.18
CA ASN F 3 -3.90 -40.92 34.58
C ASN F 3 -3.96 -40.46 33.13
N LEU F 4 -4.55 -39.28 32.93
CA LEU F 4 -4.75 -38.71 31.62
C LEU F 4 -3.79 -37.55 31.41
N TRP F 5 -3.15 -37.53 30.24
CA TRP F 5 -2.17 -36.51 29.89
C TRP F 5 -2.58 -35.80 28.61
N VAL F 6 -2.25 -34.51 28.56
CA VAL F 6 -2.51 -33.70 27.38
C VAL F 6 -1.66 -34.20 26.23
N THR F 7 -2.18 -34.07 25.02
CA THR F 7 -1.50 -34.49 23.80
C THR F 7 -1.75 -33.43 22.74
N VAL F 8 -0.69 -33.06 22.03
CA VAL F 8 -0.72 -31.93 21.11
C VAL F 8 -0.87 -32.46 19.69
N TYR F 9 -1.88 -31.97 18.98
CA TYR F 9 -2.19 -32.40 17.63
C TYR F 9 -2.09 -31.21 16.68
N TYR F 10 -1.31 -31.37 15.62
CA TYR F 10 -1.10 -30.34 14.61
C TYR F 10 -1.73 -30.79 13.30
N GLY F 11 -2.26 -29.84 12.54
CA GLY F 11 -2.98 -30.16 11.33
C GLY F 11 -4.37 -30.69 11.54
N VAL F 12 -5.08 -30.19 12.54
CA VAL F 12 -6.41 -30.72 12.88
C VAL F 12 -7.48 -29.87 12.19
N PRO F 13 -8.61 -30.45 11.77
CA PRO F 13 -9.66 -29.65 11.08
C PRO F 13 -10.57 -28.83 12.01
N VAL F 14 -10.10 -27.66 12.40
CA VAL F 14 -10.86 -26.72 13.21
C VAL F 14 -10.73 -25.33 12.59
N TRP F 15 -11.84 -24.60 12.52
CA TRP F 15 -11.84 -23.29 11.90
C TRP F 15 -12.56 -22.29 12.81
N LYS F 16 -12.21 -21.02 12.62
CA LYS F 16 -12.85 -19.90 13.29
C LYS F 16 -13.19 -18.83 12.26
N ASP F 17 -14.29 -18.12 12.50
CA ASP F 17 -14.68 -17.02 11.61
C ASP F 17 -13.62 -15.92 11.67
N ALA F 18 -13.19 -15.44 10.51
CA ALA F 18 -12.11 -14.47 10.44
C ALA F 18 -12.28 -13.59 9.23
N GLU F 19 -11.36 -12.64 9.08
CA GLU F 19 -11.33 -11.69 7.97
C GLU F 19 -9.93 -11.65 7.38
N THR F 20 -9.84 -11.65 6.06
CA THR F 20 -8.55 -11.59 5.38
C THR F 20 -8.72 -10.90 4.03
N THR F 21 -7.61 -10.83 3.28
CA THR F 21 -7.58 -10.20 1.97
C THR F 21 -7.46 -11.28 0.91
N LEU F 22 -8.52 -11.46 0.12
CA LEU F 22 -8.55 -12.44 -0.95
C LEU F 22 -7.99 -11.86 -2.25
N PHE F 23 -7.65 -12.73 -3.19
CA PHE F 23 -7.10 -12.30 -4.47
C PHE F 23 -7.91 -12.89 -5.61
N CYS F 24 -7.66 -12.43 -6.83
CA CYS F 24 -8.46 -12.88 -7.97
C CYS F 24 -8.03 -14.26 -8.42
N ALA F 25 -8.88 -14.85 -9.26
CA ALA F 25 -8.53 -15.88 -10.21
C ALA F 25 -9.41 -15.67 -11.43
N SER F 26 -8.80 -15.69 -12.61
CA SER F 26 -9.56 -15.51 -13.85
C SER F 26 -8.86 -16.23 -14.97
N ASP F 27 -9.64 -16.61 -15.98
CA ASP F 27 -9.13 -17.40 -17.10
C ASP F 27 -8.15 -16.60 -17.94
N HIS F 28 -7.53 -5.41 -23.14
CA HIS F 28 -7.67 -4.35 -22.15
C HIS F 28 -9.04 -4.43 -21.49
N ASN F 29 -9.08 -4.23 -20.18
CA ASN F 29 -10.33 -4.31 -19.42
C ASN F 29 -10.19 -3.52 -18.13
N VAL F 30 -11.32 -3.04 -17.62
CA VAL F 30 -11.31 -2.26 -16.38
C VAL F 30 -10.96 -3.13 -15.19
N TRP F 31 -11.71 -4.22 -15.01
CA TRP F 31 -11.49 -5.14 -13.90
C TRP F 31 -10.27 -5.99 -14.27
N ALA F 32 -9.08 -5.41 -14.05
CA ALA F 32 -7.82 -5.92 -14.59
C ALA F 32 -7.62 -7.42 -14.37
N THR F 33 -7.50 -8.16 -15.46
CA THR F 33 -7.22 -9.59 -15.41
C THR F 33 -5.73 -9.91 -15.55
N HIS F 34 -4.93 -8.93 -15.96
CA HIS F 34 -3.49 -9.16 -16.12
C HIS F 34 -2.74 -9.06 -14.79
N ALA F 35 -3.37 -8.53 -13.74
CA ALA F 35 -2.68 -8.22 -12.49
C ALA F 35 -2.98 -9.25 -11.40
N CYS F 36 -3.83 -10.22 -11.76
CA CYS F 36 -4.28 -11.24 -10.78
C CYS F 36 -3.55 -12.56 -11.03
N VAL F 37 -4.25 -13.69 -11.01
CA VAL F 37 -3.57 -15.02 -11.14
C VAL F 37 -4.48 -16.01 -11.84
N PRO F 38 -4.05 -16.66 -12.95
CA PRO F 38 -4.91 -17.58 -13.70
C PRO F 38 -5.63 -18.56 -12.78
N THR F 39 -6.82 -18.97 -13.21
CA THR F 39 -7.60 -19.98 -12.49
C THR F 39 -7.11 -21.38 -12.83
N ASP F 40 -7.21 -22.28 -11.84
CA ASP F 40 -6.89 -23.69 -12.08
C ASP F 40 -7.90 -24.29 -13.05
N PRO F 41 -7.45 -25.07 -14.04
CA PRO F 41 -8.40 -25.70 -14.97
C PRO F 41 -9.38 -26.65 -14.31
N ASN F 42 -8.99 -27.29 -13.20
CA ASN F 42 -9.85 -28.23 -12.49
C ASN F 42 -9.94 -27.79 -11.04
N PRO F 43 -10.88 -26.90 -10.73
CA PRO F 43 -11.05 -26.47 -9.33
C PRO F 43 -11.44 -27.64 -8.45
N GLN F 44 -10.87 -27.66 -7.25
CA GLN F 44 -11.07 -28.75 -6.30
C GLN F 44 -12.07 -28.33 -5.24
N GLU F 45 -13.17 -29.07 -5.15
CA GLU F 45 -14.23 -28.81 -4.19
C GLU F 45 -14.39 -30.03 -3.28
N ILE F 46 -14.33 -29.81 -1.98
CA ILE F 46 -14.40 -30.89 -1.00
C ILE F 46 -15.69 -30.75 -0.22
N HIS F 47 -16.59 -31.72 -0.37
CA HIS F 47 -17.88 -31.71 0.32
C HIS F 47 -17.66 -32.19 1.75
N LEU F 48 -17.73 -31.28 2.72
CA LEU F 48 -17.47 -31.65 4.14
C LEU F 48 -18.75 -32.28 4.70
N GLU F 49 -18.87 -33.61 4.62
CA GLU F 49 -20.11 -34.29 5.07
C GLU F 49 -20.25 -34.19 6.59
N ASN F 50 -21.47 -34.39 7.09
CA ASN F 50 -21.70 -34.38 8.56
C ASN F 50 -21.33 -33.01 9.14
N VAL F 51 -21.04 -32.02 8.30
CA VAL F 51 -20.57 -30.70 8.81
C VAL F 51 -21.73 -29.69 8.72
N THR F 52 -21.97 -28.95 9.80
CA THR F 52 -23.00 -27.88 9.77
C THR F 52 -22.32 -26.56 10.13
N GLU F 53 -22.76 -25.44 9.57
CA GLU F 53 -22.10 -24.16 9.78
C GLU F 53 -23.12 -23.03 9.93
N GLU F 54 -22.62 -21.88 10.36
CA GLU F 54 -23.41 -20.67 10.54
C GLU F 54 -23.07 -19.66 9.45
N PHE F 55 -24.09 -19.22 8.72
CA PHE F 55 -23.89 -18.30 7.61
C PHE F 55 -24.70 -17.03 7.81
N ASN F 56 -24.15 -15.91 7.32
CA ASN F 56 -24.80 -14.60 7.46
C ASN F 56 -24.39 -13.74 6.26
N MET F 57 -25.29 -13.64 5.28
CA MET F 57 -25.04 -12.81 4.11
C MET F 57 -24.97 -11.32 4.43
N TRP F 58 -25.51 -10.87 5.56
CA TRP F 58 -25.58 -9.45 5.85
C TRP F 58 -24.45 -8.95 6.73
N LYS F 59 -23.49 -9.80 7.09
CA LYS F 59 -22.29 -9.37 7.79
C LYS F 59 -21.03 -9.96 7.13
N ASN F 60 -21.12 -10.35 5.86
CA ASN F 60 -20.00 -10.96 5.18
C ASN F 60 -19.01 -9.89 4.74
N ASN F 61 -17.77 -9.98 5.23
CA ASN F 61 -16.75 -9.01 4.86
C ASN F 61 -16.31 -9.15 3.40
N MET F 62 -16.61 -10.28 2.77
CA MET F 62 -16.32 -10.43 1.35
C MET F 62 -17.02 -9.36 0.52
N VAL F 63 -18.20 -8.93 0.96
CA VAL F 63 -18.92 -7.87 0.26
C VAL F 63 -18.12 -6.57 0.31
N GLU F 64 -17.62 -6.20 1.49
CA GLU F 64 -16.83 -4.98 1.62
C GLU F 64 -15.54 -5.08 0.80
N GLN F 65 -14.90 -6.25 0.85
CA GLN F 65 -13.67 -6.42 0.08
C GLN F 65 -13.92 -6.28 -1.41
N MET F 66 -15.01 -6.89 -1.92
CA MET F 66 -15.33 -6.77 -3.32
C MET F 66 -15.65 -5.32 -3.70
N HIS F 67 -16.41 -4.63 -2.86
CA HIS F 67 -16.72 -3.22 -3.14
C HIS F 67 -15.45 -2.39 -3.26
N THR F 68 -14.57 -2.51 -2.27
CA THR F 68 -13.34 -1.71 -2.29
C THR F 68 -12.45 -2.09 -3.46
N ASP F 69 -12.33 -3.39 -3.75
CA ASP F 69 -11.49 -3.84 -4.85
C ASP F 69 -12.01 -3.32 -6.18
N ILE F 70 -13.33 -3.36 -6.38
CA ILE F 70 -13.89 -2.91 -7.65
C ILE F 70 -13.73 -1.40 -7.80
N ILE F 71 -13.92 -0.65 -6.72
CA ILE F 71 -13.71 0.79 -6.79
C ILE F 71 -12.25 1.11 -7.12
N SER F 72 -11.32 0.40 -6.49
CA SER F 72 -9.90 0.63 -6.76
C SER F 72 -9.54 0.29 -8.19
N LEU F 73 -10.07 -0.82 -8.71
CA LEU F 73 -9.82 -1.19 -10.10
C LEU F 73 -10.40 -0.15 -11.05
N TRP F 74 -11.59 0.36 -10.74
CA TRP F 74 -12.19 1.41 -11.55
C TRP F 74 -11.31 2.65 -11.60
N ASP F 75 -10.78 3.07 -10.45
CA ASP F 75 -9.90 4.24 -10.42
C ASP F 75 -8.60 3.99 -11.18
N GLN F 76 -8.00 2.80 -10.99
CA GLN F 76 -6.74 2.50 -11.64
C GLN F 76 -6.90 2.39 -13.16
N SER F 77 -8.07 1.95 -13.62
CA SER F 77 -8.31 1.90 -15.06
C SER F 77 -8.50 3.28 -15.67
N LEU F 78 -8.80 4.29 -14.87
CA LEU F 78 -8.97 5.66 -15.35
C LEU F 78 -7.74 6.54 -15.12
N LYS F 79 -6.82 6.13 -14.26
CA LYS F 79 -5.63 6.94 -14.00
C LYS F 79 -4.84 7.28 -15.27
N PRO F 80 -4.52 6.34 -16.17
CA PRO F 80 -3.76 6.70 -17.39
C PRO F 80 -4.68 7.08 -18.55
N CYS F 81 -5.50 8.12 -18.35
CA CYS F 81 -6.43 8.55 -19.38
C CYS F 81 -6.51 10.08 -19.38
N VAL F 82 -7.02 10.61 -20.50
CA VAL F 82 -7.09 12.05 -20.71
C VAL F 82 -7.99 12.69 -19.65
N LYS F 83 -7.55 13.84 -19.12
CA LYS F 83 -8.34 14.62 -18.19
C LYS F 83 -8.96 15.80 -18.94
N LEU F 84 -10.29 15.81 -19.04
CA LEU F 84 -10.99 16.81 -19.84
C LEU F 84 -11.19 18.12 -19.09
N THR F 85 -10.08 18.72 -18.63
CA THR F 85 -10.15 20.07 -18.10
C THR F 85 -10.60 21.11 -19.12
N PRO F 86 -10.10 21.14 -20.36
CA PRO F 86 -10.48 22.24 -21.26
C PRO F 86 -11.93 22.21 -21.71
N LEU F 87 -12.70 21.16 -21.40
CA LEU F 87 -14.10 21.11 -21.79
C LEU F 87 -14.96 22.15 -21.10
N CYS F 88 -14.59 22.57 -19.88
CA CYS F 88 -15.40 23.51 -19.12
C CYS F 88 -15.21 24.90 -19.71
N VAL F 89 -15.88 25.13 -20.85
CA VAL F 89 -15.93 26.43 -21.50
C VAL F 89 -17.38 26.74 -21.82
N THR F 90 -17.63 27.99 -22.18
CA THR F 90 -18.99 28.40 -22.54
C THR F 90 -19.36 27.79 -23.89
N LEU F 91 -20.43 27.00 -23.89
CA LEU F 91 -20.92 26.33 -25.10
C LEU F 91 -22.12 27.09 -25.63
N GLN F 92 -22.18 27.27 -26.95
CA GLN F 92 -23.34 27.85 -27.60
C GLN F 92 -24.17 26.69 -28.15
N CYS F 93 -25.36 26.49 -27.57
CA CYS F 93 -26.17 25.30 -27.85
C CYS F 93 -27.51 25.69 -28.43
N THR F 94 -28.00 24.87 -29.36
CA THR F 94 -29.37 24.89 -29.85
C THR F 94 -29.92 23.46 -29.78
N ASN F 95 -31.25 23.30 -29.80
CA ASN F 95 -31.79 21.98 -30.11
C ASN F 95 -31.58 21.57 -31.56
N VAL F 96 -31.34 20.27 -31.74
CA VAL F 96 -31.34 19.66 -33.06
C VAL F 96 -32.77 19.26 -33.34
N THR F 97 -33.18 19.37 -34.61
CA THR F 97 -34.54 19.08 -35.03
C THR F 97 -34.54 18.26 -36.31
N ASN F 98 -33.37 17.95 -36.86
CA ASN F 98 -33.28 17.25 -38.14
C ASN F 98 -33.73 15.81 -37.94
N ASN F 99 -34.98 15.52 -38.34
CA ASN F 99 -35.56 14.18 -38.29
C ASN F 99 -35.56 13.63 -36.86
N ILE F 100 -36.33 14.29 -36.00
CA ILE F 100 -36.48 13.87 -34.61
C ILE F 100 -37.91 13.46 -34.35
N THR F 101 -38.09 12.64 -33.31
CA THR F 101 -39.40 12.14 -32.92
C THR F 101 -39.95 12.99 -31.78
N ASP F 102 -41.23 12.79 -31.49
CA ASP F 102 -41.92 13.59 -30.47
C ASP F 102 -41.36 13.36 -29.07
N ASP F 103 -40.98 12.14 -28.73
CA ASP F 103 -40.58 11.81 -27.37
C ASP F 103 -39.17 12.29 -27.04
N MET F 104 -38.47 12.91 -27.98
CA MET F 104 -37.13 13.43 -27.73
C MET F 104 -36.97 14.88 -28.17
N ARG F 105 -38.01 15.70 -28.05
CA ARG F 105 -37.88 17.12 -28.36
C ARG F 105 -37.07 17.81 -27.26
N GLY F 106 -35.88 18.29 -27.60
CA GLY F 106 -34.99 18.89 -26.64
C GLY F 106 -34.13 17.93 -25.86
N GLU F 107 -33.99 16.68 -26.31
CA GLU F 107 -33.14 15.73 -25.63
C GLU F 107 -31.68 15.85 -26.04
N LEU F 108 -31.43 16.27 -27.29
CA LEU F 108 -30.08 16.41 -27.81
C LEU F 108 -29.82 17.86 -28.18
N LYS F 109 -28.66 18.36 -27.77
CA LYS F 109 -28.28 19.75 -28.00
C LYS F 109 -27.04 19.77 -28.90
N ASN F 110 -27.11 20.55 -29.97
CA ASN F 110 -25.99 20.80 -30.86
C ASN F 110 -25.25 22.01 -30.30
N CYS F 111 -24.04 21.79 -29.80
CA CYS F 111 -23.28 22.81 -29.07
C CYS F 111 -21.95 23.04 -29.77
N SER F 112 -21.66 24.29 -30.10
CA SER F 112 -20.38 24.68 -30.66
C SER F 112 -19.60 25.49 -29.63
N PHE F 113 -18.28 25.32 -29.63
CA PHE F 113 -17.43 26.00 -28.66
C PHE F 113 -16.02 26.12 -29.19
N ASN F 114 -15.30 27.06 -28.59
CA ASN F 114 -13.87 27.25 -28.84
C ASN F 114 -13.07 26.26 -28.00
N MET F 115 -11.93 25.85 -28.52
CA MET F 115 -11.14 24.86 -27.79
C MET F 115 -9.67 24.98 -28.20
N THR F 116 -8.79 24.71 -27.23
CA THR F 116 -7.37 24.76 -27.47
C THR F 116 -6.94 23.65 -28.45
N THR F 117 -5.82 23.88 -29.11
CA THR F 117 -5.27 22.96 -30.08
C THR F 117 -3.90 22.47 -29.60
N GLU F 118 -3.23 21.72 -30.47
CA GLU F 118 -1.88 21.22 -30.11
C GLU F 118 -0.99 22.43 -29.83
N LEU F 119 -1.09 23.48 -30.65
CA LEU F 119 -0.29 24.68 -30.47
C LEU F 119 -0.91 25.53 -29.37
N ARG F 120 -0.09 25.94 -28.40
CA ARG F 120 -0.61 26.62 -27.22
C ARG F 120 -1.27 27.95 -27.53
N ASP F 121 -0.98 28.56 -28.67
CA ASP F 121 -1.49 29.88 -29.01
C ASP F 121 -2.47 29.86 -30.17
N LYS F 122 -3.20 28.77 -30.37
CA LYS F 122 -4.22 28.66 -31.40
C LYS F 122 -5.49 28.08 -30.82
N LYS F 123 -6.63 28.56 -31.30
CA LYS F 123 -7.93 28.08 -30.87
C LYS F 123 -8.75 27.66 -32.09
N GLN F 124 -9.44 26.53 -31.97
CA GLN F 124 -10.28 26.00 -33.04
C GLN F 124 -11.73 26.02 -32.58
N LYS F 125 -12.63 26.34 -33.50
CA LYS F 125 -14.07 26.36 -33.21
C LYS F 125 -14.65 25.02 -33.64
N VAL F 126 -15.00 24.17 -32.68
CA VAL F 126 -15.50 22.84 -32.96
C VAL F 126 -16.96 22.77 -32.50
N TYR F 127 -17.59 21.64 -32.79
CA TYR F 127 -18.98 21.43 -32.38
C TYR F 127 -19.19 19.96 -32.06
N SER F 128 -20.21 19.70 -31.25
CA SER F 128 -20.51 18.34 -30.80
C SER F 128 -21.95 18.27 -30.37
N LEU F 129 -22.48 17.05 -30.33
CA LEU F 129 -23.83 16.79 -29.89
C LEU F 129 -23.78 16.24 -28.46
N PHE F 130 -24.41 16.95 -27.53
CA PHE F 130 -24.52 16.50 -26.15
C PHE F 130 -25.97 16.17 -25.82
N TYR F 131 -26.16 15.54 -24.66
CA TYR F 131 -27.49 15.21 -24.20
C TYR F 131 -27.99 16.26 -23.23
N ARG F 132 -29.32 16.35 -23.09
CA ARG F 132 -29.90 17.35 -22.19
C ARG F 132 -29.44 17.16 -20.77
N LEU F 133 -29.16 15.92 -20.37
CA LEU F 133 -28.69 15.66 -19.01
C LEU F 133 -27.25 16.06 -18.79
N ASP F 134 -26.51 16.35 -19.86
CA ASP F 134 -25.09 16.65 -19.76
C ASP F 134 -24.78 18.14 -19.77
N VAL F 135 -25.76 19.00 -20.00
CA VAL F 135 -25.53 20.43 -20.05
C VAL F 135 -26.54 21.14 -19.16
N VAL F 136 -26.14 22.31 -18.66
CA VAL F 136 -26.99 23.15 -17.83
C VAL F 136 -26.82 24.59 -18.28
N GLN F 137 -27.93 25.32 -18.35
CA GLN F 137 -27.91 26.69 -18.83
C GLN F 137 -27.22 27.60 -17.82
N ILE F 138 -26.44 28.56 -18.33
CA ILE F 138 -25.75 29.52 -17.49
C ILE F 138 -26.66 30.68 -17.17
N LYS F 139 -29.09 30.53 -24.05
CA LYS F 139 -28.45 29.95 -25.22
C LYS F 139 -27.03 29.50 -24.91
N GLU F 140 -26.52 29.93 -23.75
CA GLU F 140 -25.18 29.58 -23.31
C GLU F 140 -25.27 28.50 -22.25
N TYR F 141 -24.58 27.37 -22.50
CA TYR F 141 -24.64 26.20 -21.64
C TYR F 141 -23.25 25.85 -21.15
N ARG F 142 -23.19 25.01 -20.11
CA ARG F 142 -21.91 24.55 -19.56
C ARG F 142 -22.11 23.13 -19.04
N LEU F 143 -21.09 22.28 -19.16
CA LEU F 143 -21.21 20.89 -18.73
C LEU F 143 -21.62 20.81 -17.26
N ILE F 144 -22.40 19.79 -16.92
CA ILE F 144 -23.00 19.70 -15.59
C ILE F 144 -21.94 19.51 -14.52
N ASN F 145 -20.70 19.26 -14.95
CA ASN F 145 -19.58 19.02 -14.01
C ASN F 145 -18.53 20.13 -14.09
N CYS F 146 -18.95 21.39 -14.07
CA CYS F 146 -17.97 22.51 -14.07
C CYS F 146 -17.90 23.11 -12.67
N ASN F 147 -18.84 22.75 -11.80
CA ASN F 147 -18.87 23.36 -10.46
C ASN F 147 -18.53 22.32 -9.40
N THR F 148 -18.16 21.12 -9.83
CA THR F 148 -17.88 20.03 -8.86
C THR F 148 -16.52 19.40 -9.16
N SER F 149 -16.26 19.05 -10.42
CA SER F 149 -14.98 18.36 -10.72
C SER F 149 -14.79 18.16 -12.23
N ALA F 150 -13.55 18.22 -12.70
CA ALA F 150 -13.27 17.93 -14.10
C ALA F 150 -13.35 16.43 -14.35
N CYS F 151 -13.95 16.06 -15.48
CA CYS F 151 -14.17 14.67 -15.84
C CYS F 151 -12.92 14.09 -16.49
N THR F 152 -12.60 12.85 -16.13
CA THR F 152 -11.50 12.12 -16.74
C THR F 152 -12.07 11.20 -17.81
N GLN F 153 -11.80 11.53 -19.07
CA GLN F 153 -12.35 10.75 -20.17
C GLN F 153 -11.87 9.31 -20.10
N ALA F 154 -12.80 8.37 -20.28
CA ALA F 154 -12.43 6.97 -20.33
C ALA F 154 -11.65 6.68 -21.61
N CYS F 155 -10.58 5.91 -21.48
CA CYS F 155 -9.78 5.57 -22.65
C CYS F 155 -10.59 4.69 -23.59
N PRO F 156 -10.69 5.06 -24.88
CA PRO F 156 -11.65 4.36 -25.76
C PRO F 156 -11.36 2.88 -25.94
N LYS F 157 -10.10 2.45 -25.85
CA LYS F 157 -9.78 1.05 -26.05
C LYS F 157 -10.14 0.20 -24.84
N VAL F 158 -10.29 0.81 -23.67
CA VAL F 158 -10.64 0.06 -22.47
C VAL F 158 -12.10 -0.36 -22.55
N SER F 159 -12.37 -1.63 -22.26
CA SER F 159 -13.71 -2.20 -22.37
C SER F 159 -14.35 -2.26 -20.99
N PHE F 160 -15.67 -2.00 -20.95
CA PHE F 160 -16.45 -2.05 -19.72
C PHE F 160 -17.16 -3.39 -19.53
N GLU F 161 -16.89 -4.37 -20.37
CA GLU F 161 -17.56 -5.67 -20.25
C GLU F 161 -17.20 -6.34 -18.94
N PRO F 162 -18.18 -6.89 -18.22
CA PRO F 162 -17.85 -7.68 -17.04
C PRO F 162 -17.20 -9.00 -17.43
N ILE F 163 -16.12 -9.34 -16.73
CA ILE F 163 -15.48 -10.64 -16.89
C ILE F 163 -15.48 -11.33 -15.53
N PRO F 164 -15.74 -12.63 -15.48
CA PRO F 164 -15.83 -13.30 -14.18
C PRO F 164 -14.52 -13.23 -13.42
N ILE F 165 -14.62 -12.99 -12.12
CA ILE F 165 -13.49 -13.01 -11.21
C ILE F 165 -13.83 -13.90 -10.02
N HIS F 166 -12.88 -14.72 -9.59
CA HIS F 166 -13.05 -15.60 -8.45
C HIS F 166 -12.22 -15.07 -7.29
N TYR F 167 -12.79 -15.05 -6.10
CA TYR F 167 -12.10 -14.56 -4.91
C TYR F 167 -11.53 -15.73 -4.13
N CYS F 168 -10.22 -15.90 -4.16
CA CYS F 168 -9.53 -17.00 -3.51
C CYS F 168 -8.80 -16.52 -2.27
N ALA F 169 -8.91 -17.30 -1.20
CA ALA F 169 -8.34 -17.06 0.11
C ALA F 169 -6.87 -17.43 0.13
N PRO F 170 -6.09 -16.79 0.99
CA PRO F 170 -4.66 -17.09 1.09
C PRO F 170 -4.45 -18.45 1.75
N ALA F 171 -3.18 -18.80 1.92
CA ALA F 171 -2.84 -20.05 2.58
C ALA F 171 -3.24 -20.00 4.05
N GLY F 172 -3.78 -21.11 4.55
CA GLY F 172 -4.25 -21.18 5.91
C GLY F 172 -5.69 -20.76 6.12
N PHE F 173 -6.35 -20.27 5.07
CA PHE F 173 -7.75 -19.88 5.15
C PHE F 173 -8.57 -20.70 4.17
N ALA F 174 -9.84 -20.88 4.51
CA ALA F 174 -10.75 -21.70 3.73
C ALA F 174 -12.03 -20.94 3.42
N ILE F 175 -12.57 -21.17 2.23
CA ILE F 175 -13.83 -20.57 1.81
C ILE F 175 -14.91 -21.64 1.85
N LEU F 176 -15.85 -21.46 2.77
CA LEU F 176 -16.97 -22.38 2.95
C LEU F 176 -18.14 -21.93 2.10
N LYS F 177 -18.82 -22.88 1.48
CA LYS F 177 -19.95 -22.63 0.60
C LYS F 177 -21.14 -23.46 1.06
N CYS F 178 -22.30 -22.82 1.17
CA CYS F 178 -23.52 -23.49 1.59
C CYS F 178 -24.21 -24.07 0.36
N LYS F 179 -24.11 -25.38 0.19
CA LYS F 179 -24.73 -26.07 -0.92
C LYS F 179 -26.23 -26.27 -0.75
N ASP F 180 -26.77 -25.91 0.40
CA ASP F 180 -28.19 -26.13 0.70
C ASP F 180 -29.03 -25.19 -0.16
N LYS F 181 -29.83 -25.77 -1.06
CA LYS F 181 -30.84 -24.98 -1.73
C LYS F 181 -31.91 -24.54 -0.72
N LYS F 182 -32.68 -23.53 -1.11
CA LYS F 182 -33.65 -22.83 -0.27
C LYS F 182 -32.99 -22.05 0.84
N PHE F 183 -31.66 -21.93 0.84
CA PHE F 183 -30.99 -21.20 1.90
C PHE F 183 -31.28 -19.71 1.75
N ASN F 184 -31.62 -19.08 2.87
CA ASN F 184 -32.19 -17.75 2.93
C ASN F 184 -31.24 -16.70 3.52
N GLY F 185 -29.93 -16.92 3.43
CA GLY F 185 -28.95 -15.90 3.69
C GLY F 185 -28.58 -15.72 5.15
N THR F 186 -29.29 -16.34 6.08
CA THR F 186 -28.99 -16.23 7.49
C THR F 186 -29.41 -17.49 8.23
N GLY F 187 -28.46 -18.12 8.92
CA GLY F 187 -28.78 -19.23 9.79
C GLY F 187 -27.87 -20.43 9.63
N PRO F 188 -28.31 -21.59 10.10
CA PRO F 188 -27.50 -22.81 10.02
C PRO F 188 -27.68 -23.52 8.68
N CYS F 189 -26.57 -23.74 7.98
CA CYS F 189 -26.56 -24.52 6.75
C CYS F 189 -26.02 -25.91 7.05
N PRO F 190 -26.76 -26.99 6.72
CA PRO F 190 -26.32 -28.33 7.07
C PRO F 190 -25.45 -28.98 6.00
N SER F 191 -25.51 -28.47 4.77
CA SER F 191 -24.72 -29.00 3.65
C SER F 191 -23.65 -27.99 3.31
N VAL F 192 -22.40 -28.30 3.64
CA VAL F 192 -21.28 -27.37 3.52
C VAL F 192 -20.18 -27.98 2.67
N SER F 193 -19.54 -27.15 1.87
CA SER F 193 -18.39 -27.56 1.09
C SER F 193 -17.26 -26.55 1.29
N THR F 194 -16.04 -26.99 1.05
CA THR F 194 -14.87 -26.13 1.04
C THR F 194 -14.37 -26.01 -0.38
N VAL F 195 -14.13 -24.78 -0.83
CA VAL F 195 -13.69 -24.53 -2.19
C VAL F 195 -12.41 -23.72 -2.14
N GLN F 196 -11.55 -23.92 -3.14
CA GLN F 196 -10.38 -23.05 -3.26
C GLN F 196 -10.81 -21.61 -3.47
N CYS F 197 -11.83 -21.38 -4.31
CA CYS F 197 -12.46 -20.07 -4.41
C CYS F 197 -13.74 -20.15 -5.22
N THR F 198 -14.43 -19.01 -5.27
CA THR F 198 -15.81 -18.91 -5.72
C THR F 198 -15.91 -19.17 -7.22
N HIS F 199 -17.15 -19.29 -7.68
CA HIS F 199 -17.40 -19.32 -9.12
C HIS F 199 -17.19 -17.94 -9.72
N GLY F 200 -17.33 -17.86 -11.04
CA GLY F 200 -17.15 -16.60 -11.74
C GLY F 200 -18.20 -15.57 -11.38
N ILE F 201 -17.81 -14.54 -10.64
CA ILE F 201 -18.70 -13.45 -10.28
C ILE F 201 -18.47 -12.31 -11.26
N LYS F 202 -19.49 -11.98 -12.04
CA LYS F 202 -19.39 -10.89 -12.99
C LYS F 202 -19.71 -9.58 -12.27
N PRO F 203 -18.79 -8.62 -12.22
CA PRO F 203 -19.06 -7.34 -11.51
C PRO F 203 -19.99 -6.43 -12.30
N VAL F 204 -21.24 -6.88 -12.47
CA VAL F 204 -22.24 -6.11 -13.18
C VAL F 204 -22.75 -5.00 -12.26
N VAL F 205 -22.70 -3.77 -12.75
CA VAL F 205 -23.12 -2.60 -11.98
C VAL F 205 -24.48 -2.16 -12.50
N SER F 206 -25.51 -2.30 -11.67
CA SER F 206 -26.86 -1.94 -12.06
C SER F 206 -27.71 -1.76 -10.82
N THR F 207 -28.88 -1.15 -11.02
CA THR F 207 -29.83 -0.92 -9.93
C THR F 207 -31.23 -1.33 -10.38
N GLN F 208 -32.06 -1.65 -9.40
CA GLN F 208 -33.49 -1.93 -9.57
C GLN F 208 -33.73 -3.27 -10.23
N LEU F 209 -32.67 -3.88 -10.76
CA LEU F 209 -32.76 -5.13 -11.52
C LEU F 209 -31.38 -5.73 -11.58
N LEU F 210 -31.22 -6.96 -11.09
CA LEU F 210 -29.95 -7.65 -11.20
C LEU F 210 -29.87 -8.33 -12.56
N LEU F 211 -28.77 -8.12 -13.26
CA LEU F 211 -28.61 -8.61 -14.62
C LEU F 211 -27.45 -9.60 -14.70
N ASN F 212 -27.63 -10.63 -15.54
CA ASN F 212 -26.56 -11.55 -15.92
C ASN F 212 -26.05 -12.34 -14.71
N GLY F 213 -26.86 -12.41 -13.65
CA GLY F 213 -26.45 -12.96 -12.38
C GLY F 213 -26.75 -14.44 -12.23
N SER F 214 -26.51 -14.94 -11.01
CA SER F 214 -26.75 -16.34 -10.70
C SER F 214 -28.22 -16.58 -10.38
N LEU F 215 -28.68 -17.79 -10.70
CA LEU F 215 -30.09 -18.14 -10.66
C LEU F 215 -30.35 -19.14 -9.54
N ALA F 216 -31.48 -18.97 -8.86
CA ALA F 216 -31.86 -19.90 -7.79
C ALA F 216 -32.19 -21.27 -8.38
N GLU F 217 -31.78 -22.32 -7.67
CA GLU F 217 -31.88 -23.67 -8.21
C GLU F 217 -33.31 -24.22 -8.16
N GLU F 218 -34.06 -23.95 -7.09
CA GLU F 218 -35.35 -24.59 -6.90
C GLU F 218 -36.53 -23.64 -7.16
N GLU F 219 -36.57 -22.52 -6.49
CA GLU F 219 -37.71 -21.61 -6.61
C GLU F 219 -37.25 -20.19 -6.32
N VAL F 220 -38.14 -19.23 -6.58
CA VAL F 220 -37.85 -17.83 -6.29
C VAL F 220 -37.57 -17.68 -4.80
N MET F 221 -36.48 -16.98 -4.48
CA MET F 221 -36.04 -16.81 -3.10
C MET F 221 -36.16 -15.35 -2.70
N ILE F 222 -36.79 -15.11 -1.56
CA ILE F 222 -36.88 -13.77 -0.96
C ILE F 222 -35.90 -13.73 0.20
N ARG F 223 -35.00 -12.74 0.18
CA ARG F 223 -33.99 -12.61 1.21
C ARG F 223 -34.02 -11.20 1.76
N SER F 224 -33.80 -11.09 3.06
CA SER F 224 -33.73 -9.79 3.71
C SER F 224 -32.98 -9.96 5.02
N GLU F 225 -32.14 -8.97 5.33
CA GLU F 225 -31.60 -8.90 6.68
C GLU F 225 -32.72 -8.79 7.69
N ASN F 226 -33.84 -8.20 7.27
CA ASN F 226 -34.90 -7.86 8.21
C ASN F 226 -36.17 -7.64 7.40
N ILE F 227 -37.14 -8.54 7.53
CA ILE F 227 -38.34 -8.45 6.70
C ILE F 227 -39.37 -7.54 7.34
N THR F 228 -39.26 -7.31 8.65
CA THR F 228 -40.22 -6.46 9.34
C THR F 228 -39.77 -5.01 9.37
N ASN F 229 -38.48 -4.76 9.17
CA ASN F 229 -37.94 -3.40 9.13
C ASN F 229 -38.03 -2.91 7.68
N ASN F 230 -38.75 -1.79 7.49
CA ASN F 230 -38.97 -1.28 6.14
C ASN F 230 -37.75 -0.58 5.56
N ALA F 231 -36.74 -0.28 6.38
CA ALA F 231 -35.55 0.40 5.89
C ALA F 231 -34.54 -0.56 5.27
N LYS F 232 -34.77 -1.87 5.35
CA LYS F 232 -33.83 -2.86 4.83
C LYS F 232 -34.30 -3.35 3.47
N ASN F 233 -33.39 -3.35 2.50
CA ASN F 233 -33.72 -3.76 1.14
C ASN F 233 -34.08 -5.24 1.07
N ILE F 234 -35.00 -5.57 0.16
CA ILE F 234 -35.41 -6.95 -0.08
C ILE F 234 -34.73 -7.41 -1.37
N LEU F 235 -33.99 -8.51 -1.29
CA LEU F 235 -33.34 -9.09 -2.46
C LEU F 235 -34.15 -10.28 -2.94
N VAL F 236 -34.68 -10.18 -4.16
CA VAL F 236 -35.46 -11.24 -4.75
C VAL F 236 -34.61 -11.89 -5.82
N GLN F 237 -34.46 -13.21 -5.75
CA GLN F 237 -33.67 -13.96 -6.72
C GLN F 237 -34.58 -14.94 -7.45
N PHE F 238 -34.61 -14.85 -8.77
CA PHE F 238 -35.51 -15.66 -9.57
C PHE F 238 -34.96 -17.08 -9.74
N ASN F 239 -35.82 -17.96 -10.24
CA ASN F 239 -35.38 -19.27 -10.69
C ASN F 239 -35.46 -19.41 -12.20
N THR F 240 -36.09 -18.46 -12.89
CA THR F 240 -36.18 -18.43 -14.33
C THR F 240 -35.82 -17.03 -14.80
N PRO F 241 -34.81 -16.88 -15.66
CA PRO F 241 -34.41 -15.55 -16.10
C PRO F 241 -35.44 -14.94 -17.02
N VAL F 242 -35.52 -13.61 -16.99
CA VAL F 242 -36.41 -12.86 -17.87
C VAL F 242 -35.55 -12.09 -18.86
N GLN F 243 -35.69 -12.39 -20.14
CA GLN F 243 -34.85 -11.74 -21.14
C GLN F 243 -35.25 -10.28 -21.31
N ILE F 244 -34.28 -9.38 -21.19
CA ILE F 244 -34.49 -7.95 -21.42
C ILE F 244 -33.55 -7.54 -22.55
N ASN F 245 -34.07 -6.77 -23.49
CA ASN F 245 -33.28 -6.42 -24.68
C ASN F 245 -33.28 -4.91 -24.85
N CYS F 246 -32.09 -4.32 -24.83
CA CYS F 246 -31.95 -2.88 -24.89
C CYS F 246 -31.21 -2.44 -26.15
N THR F 247 -31.67 -1.33 -26.71
CA THR F 247 -31.11 -0.86 -27.97
C THR F 247 -31.11 0.66 -28.01
N ARG F 248 -30.10 1.21 -28.69
CA ARG F 248 -30.05 2.63 -29.01
C ARG F 248 -30.09 2.76 -30.52
N PRO F 249 -31.24 3.06 -31.12
CA PRO F 249 -31.38 2.94 -32.58
C PRO F 249 -30.69 4.06 -33.35
N ASN F 250 -29.84 4.82 -32.70
CA ASN F 250 -29.17 5.95 -33.33
C ASN F 250 -27.83 5.51 -33.91
N ASN F 251 -27.63 5.78 -35.19
CA ASN F 251 -26.30 5.75 -35.80
C ASN F 251 -25.52 6.98 -35.34
N ASN F 252 -24.88 6.84 -34.18
CA ASN F 252 -23.94 7.84 -33.70
C ASN F 252 -22.65 7.82 -34.52
N THR F 253 -21.97 8.95 -34.56
CA THR F 253 -20.68 9.06 -35.24
C THR F 253 -19.66 9.69 -34.30
N ARG F 254 -18.50 9.05 -34.19
CA ARG F 254 -17.42 9.51 -33.33
C ARG F 254 -16.39 10.26 -34.17
N LYS F 255 -16.03 11.46 -33.74
CA LYS F 255 -14.96 12.22 -34.39
C LYS F 255 -13.95 12.66 -33.34
N SER F 256 -12.69 12.73 -33.74
CA SER F 256 -11.60 13.03 -32.83
C SER F 256 -11.22 14.50 -32.93
N ILE F 257 -11.09 15.16 -31.78
CA ILE F 257 -10.61 16.54 -31.70
C ILE F 257 -9.30 16.51 -30.94
N ARG F 258 -8.27 17.10 -31.54
CA ARG F 258 -6.96 17.20 -30.85
C ARG F 258 -7.04 18.40 -29.92
N ILE F 259 -7.01 18.17 -28.62
CA ILE F 259 -7.16 19.24 -27.65
C ILE F 259 -5.84 19.60 -26.98
N GLY F 260 -4.73 19.02 -27.43
CA GLY F 260 -3.43 19.27 -26.87
C GLY F 260 -2.42 18.33 -27.48
N PRO F 261 -1.13 18.44 -27.10
CA PRO F 261 -0.12 17.57 -27.63
C PRO F 261 -0.37 16.16 -27.12
N GLY F 262 -0.99 15.29 -27.94
CA GLY F 262 -1.19 13.89 -27.54
C GLY F 262 -2.40 13.72 -26.66
N GLN F 263 -3.44 14.53 -26.88
CA GLN F 263 -4.67 14.43 -26.11
C GLN F 263 -5.84 14.55 -27.07
N ALA F 264 -6.71 13.55 -27.07
CA ALA F 264 -7.82 13.46 -28.02
C ALA F 264 -9.14 13.41 -27.26
N PHE F 265 -10.11 14.19 -27.74
CA PHE F 265 -11.45 14.21 -27.19
C PHE F 265 -12.40 13.71 -28.26
N TYR F 266 -13.18 12.68 -27.93
CA TYR F 266 -14.04 12.02 -28.90
C TYR F 266 -15.44 12.58 -28.78
N ALA F 267 -15.86 13.33 -29.80
CA ALA F 267 -17.14 14.01 -29.80
C ALA F 267 -18.13 13.29 -30.72
N THR F 268 -19.42 13.47 -30.40
CA THR F 268 -20.49 12.93 -31.21
C THR F 268 -20.69 13.84 -32.42
N GLY F 269 -20.15 13.42 -33.56
CA GLY F 269 -20.18 14.24 -34.76
C GLY F 269 -21.58 14.57 -35.24
N ASP F 270 -22.31 13.55 -35.70
CA ASP F 270 -23.69 13.73 -36.11
C ASP F 270 -24.35 12.36 -36.24
N ILE F 271 -25.67 12.31 -36.05
CA ILE F 271 -26.40 11.06 -36.08
C ILE F 271 -26.98 10.84 -37.47
N ILE F 272 -26.60 9.73 -38.11
CA ILE F 272 -26.94 9.46 -39.51
C ILE F 272 -28.30 8.77 -39.55
N GLY F 273 -29.20 9.32 -40.34
CA GLY F 273 -30.53 8.75 -40.50
C GLY F 273 -31.52 9.31 -39.51
N ASP F 274 -32.60 8.56 -39.31
CA ASP F 274 -33.62 8.96 -38.34
C ASP F 274 -33.06 8.88 -36.93
N ILE F 275 -33.64 9.68 -36.03
CA ILE F 275 -33.20 9.77 -34.65
C ILE F 275 -34.37 9.33 -33.78
N ARG F 276 -34.14 8.33 -32.94
CA ARG F 276 -35.21 7.78 -32.10
C ARG F 276 -34.63 7.36 -30.76
N GLN F 277 -35.50 7.36 -29.75
CA GLN F 277 -35.05 7.15 -28.38
C GLN F 277 -34.60 5.71 -28.16
N ALA F 278 -33.63 5.55 -27.26
CA ALA F 278 -33.21 4.22 -26.86
C ALA F 278 -34.28 3.58 -25.97
N HIS F 279 -34.44 2.26 -26.09
CA HIS F 279 -35.48 1.61 -25.31
C HIS F 279 -35.12 0.16 -25.04
N CYS F 280 -35.78 -0.42 -24.04
CA CYS F 280 -35.66 -1.84 -23.74
C CYS F 280 -37.01 -2.52 -23.84
N ASN F 281 -36.98 -3.82 -24.11
CA ASN F 281 -38.16 -4.64 -24.20
C ASN F 281 -38.07 -5.81 -23.24
N VAL F 282 -39.19 -6.10 -22.58
CA VAL F 282 -39.32 -7.26 -21.70
C VAL F 282 -40.62 -7.97 -22.06
N SER F 283 -40.55 -9.28 -22.25
CA SER F 283 -41.74 -10.05 -22.60
C SER F 283 -42.78 -9.93 -21.49
N LYS F 284 -44.03 -9.67 -21.89
CA LYS F 284 -45.08 -9.37 -20.92
C LYS F 284 -45.47 -10.61 -20.13
N ALA F 285 -45.71 -11.73 -20.82
CA ALA F 285 -46.18 -12.94 -20.14
C ALA F 285 -45.14 -13.48 -19.16
N THR F 286 -43.87 -13.49 -19.57
CA THR F 286 -42.82 -13.99 -18.70
C THR F 286 -42.70 -13.13 -17.44
N TRP F 287 -42.76 -11.82 -17.59
CA TRP F 287 -42.70 -10.93 -16.44
C TRP F 287 -43.92 -11.09 -15.54
N ASN F 288 -45.09 -11.31 -16.15
CA ASN F 288 -46.29 -11.55 -15.36
C ASN F 288 -46.16 -12.81 -14.52
N GLU F 289 -45.66 -13.90 -15.13
CA GLU F 289 -45.48 -15.14 -14.39
C GLU F 289 -44.44 -14.97 -13.29
N THR F 290 -43.35 -14.26 -13.58
CA THR F 290 -42.32 -14.03 -12.57
C THR F 290 -42.86 -13.22 -11.40
N LEU F 291 -43.66 -12.18 -11.68
CA LEU F 291 -44.28 -11.42 -10.61
C LEU F 291 -45.27 -12.27 -9.82
N GLY F 292 -45.98 -13.19 -10.49
CA GLY F 292 -46.83 -14.13 -9.76
C GLY F 292 -46.03 -14.98 -8.78
N LYS F 293 -44.90 -15.52 -9.23
CA LYS F 293 -44.05 -16.29 -8.32
C LYS F 293 -43.54 -15.42 -7.17
N VAL F 294 -43.16 -14.18 -7.46
CA VAL F 294 -42.67 -13.29 -6.41
C VAL F 294 -43.77 -13.01 -5.39
N VAL F 295 -45.00 -12.82 -5.86
CA VAL F 295 -46.13 -12.60 -4.96
C VAL F 295 -46.36 -13.83 -4.08
N LYS F 296 -46.32 -15.02 -4.70
CA LYS F 296 -46.50 -16.25 -3.94
C LYS F 296 -45.44 -16.37 -2.84
N GLN F 297 -44.20 -16.02 -3.15
CA GLN F 297 -43.14 -16.11 -2.15
C GLN F 297 -43.29 -15.05 -1.07
N LEU F 298 -43.73 -13.83 -1.44
CA LEU F 298 -43.89 -12.78 -0.45
C LEU F 298 -45.04 -13.07 0.51
N ARG F 299 -46.05 -13.81 0.04
CA ARG F 299 -47.20 -14.11 0.90
C ARG F 299 -46.79 -14.96 2.10
N LYS F 300 -45.75 -15.78 1.97
CA LYS F 300 -45.30 -16.57 3.11
C LYS F 300 -44.87 -15.69 4.28
N HIS F 301 -44.13 -14.62 4.00
CA HIS F 301 -43.71 -13.68 5.03
C HIS F 301 -44.80 -12.71 5.44
N PHE F 302 -45.66 -12.29 4.52
CA PHE F 302 -46.56 -11.17 4.77
C PHE F 302 -48.03 -11.60 4.85
N GLY F 303 -48.29 -12.84 5.21
CA GLY F 303 -49.65 -13.32 5.37
C GLY F 303 -50.23 -13.89 4.08
N ASN F 304 -51.21 -14.77 4.26
CA ASN F 304 -51.76 -15.53 3.14
C ASN F 304 -52.97 -14.87 2.48
N ASN F 305 -53.38 -13.69 2.95
CA ASN F 305 -54.54 -13.01 2.39
C ASN F 305 -54.29 -11.54 2.10
N THR F 306 -53.08 -11.04 2.34
CA THR F 306 -52.80 -9.63 2.13
C THR F 306 -52.74 -9.31 0.65
N ILE F 307 -52.90 -8.02 0.34
CA ILE F 307 -52.84 -7.53 -1.03
C ILE F 307 -51.42 -7.07 -1.31
N ILE F 308 -50.82 -7.57 -2.39
CA ILE F 308 -49.45 -7.23 -2.74
C ILE F 308 -49.51 -6.28 -3.93
N ARG F 309 -49.11 -5.02 -3.72
CA ARG F 309 -49.20 -3.99 -4.74
C ARG F 309 -47.78 -3.54 -5.10
N PHE F 310 -47.36 -3.83 -6.34
CA PHE F 310 -46.06 -3.43 -6.88
C PHE F 310 -46.14 -2.06 -7.53
N ALA F 311 -45.35 -1.10 -7.06
CA ALA F 311 -45.52 0.28 -7.57
C ALA F 311 -44.20 0.89 -8.05
N ASN F 312 -44.26 1.99 -8.81
CA ASN F 312 -43.05 2.63 -9.39
C ASN F 312 -42.13 3.14 -8.30
N SER F 313 -40.90 3.54 -8.66
CA SER F 313 -39.95 4.13 -7.68
C SER F 313 -40.57 5.36 -7.05
N SER F 314 -39.96 5.87 -5.97
CA SER F 314 -40.57 7.02 -5.24
C SER F 314 -39.89 8.32 -5.70
N GLY F 315 -38.58 8.40 -5.56
CA GLY F 315 -37.89 9.59 -6.03
C GLY F 315 -36.42 9.56 -5.67
N GLY F 316 -35.71 10.60 -6.12
CA GLY F 316 -34.29 10.73 -5.86
C GLY F 316 -33.47 11.07 -7.10
N ASP F 317 -32.17 10.79 -7.04
CA ASP F 317 -31.30 10.97 -8.20
C ASP F 317 -31.68 10.00 -9.30
N LEU F 318 -31.16 10.26 -10.50
CA LEU F 318 -31.51 9.45 -11.67
C LEU F 318 -30.97 8.03 -11.56
N GLU F 319 -30.02 7.80 -10.65
CA GLU F 319 -29.40 6.47 -10.55
C GLU F 319 -30.28 5.50 -9.78
N VAL F 320 -30.97 5.97 -8.75
CA VAL F 320 -31.83 5.10 -7.94
C VAL F 320 -33.28 5.18 -8.42
N THR F 321 -33.64 6.32 -9.02
CA THR F 321 -34.93 6.55 -9.63
C THR F 321 -35.19 5.67 -10.84
N THR F 322 -34.16 5.39 -11.64
CA THR F 322 -34.32 4.59 -12.85
C THR F 322 -33.31 3.46 -12.86
N HIS F 323 -33.68 2.39 -13.55
CA HIS F 323 -32.80 1.24 -13.77
C HIS F 323 -31.59 1.70 -14.59
N SER F 324 -30.45 1.84 -13.92
CA SER F 324 -29.24 2.35 -14.55
C SER F 324 -28.29 1.19 -14.82
N PHE F 325 -27.69 1.17 -16.00
CA PHE F 325 -26.69 0.16 -16.32
C PHE F 325 -25.86 0.66 -17.49
N ASN F 326 -24.85 -0.12 -17.85
CA ASN F 326 -24.02 0.13 -19.03
C ASN F 326 -24.19 -1.03 -19.99
N CYS F 327 -24.48 -0.71 -21.26
CA CYS F 327 -24.72 -1.71 -22.28
C CYS F 327 -23.77 -1.41 -23.44
N GLY F 328 -22.66 -2.15 -23.48
CA GLY F 328 -21.66 -1.96 -24.52
C GLY F 328 -20.95 -0.62 -24.50
N GLY F 329 -20.79 -0.03 -23.31
CA GLY F 329 -20.08 1.23 -23.20
C GLY F 329 -20.97 2.42 -22.91
N GLU F 330 -22.18 2.42 -23.45
CA GLU F 330 -23.10 3.52 -23.23
C GLU F 330 -23.96 3.28 -21.99
N PHE F 331 -24.19 4.36 -21.24
CA PHE F 331 -24.87 4.28 -19.95
C PHE F 331 -26.34 4.61 -20.13
N PHE F 332 -27.18 3.58 -19.98
CA PHE F 332 -28.62 3.69 -20.09
C PHE F 332 -29.23 3.93 -18.71
N TYR F 333 -30.24 4.79 -18.67
CA TYR F 333 -31.10 4.98 -17.50
C TYR F 333 -32.53 4.78 -17.97
N CYS F 334 -33.10 3.62 -17.67
CA CYS F 334 -34.41 3.24 -18.20
C CYS F 334 -35.44 3.39 -17.10
N ASN F 335 -36.60 3.93 -17.44
CA ASN F 335 -37.69 4.00 -16.43
C ASN F 335 -38.23 2.59 -16.21
N THR F 336 -38.57 2.25 -14.97
CA THR F 336 -39.09 0.90 -14.66
C THR F 336 -40.54 1.03 -14.19
N SER F 337 -41.35 1.80 -14.90
CA SER F 337 -42.76 2.01 -14.50
C SER F 337 -43.63 0.91 -15.09
N GLY F 338 -43.59 0.71 -16.41
CA GLY F 338 -44.47 -0.31 -16.93
C GLY F 338 -44.30 -1.68 -16.33
N LEU F 339 -43.22 -1.91 -15.58
CA LEU F 339 -42.99 -3.18 -14.91
C LEU F 339 -43.58 -3.20 -13.51
N PHE F 340 -43.11 -2.25 -12.67
CA PHE F 340 -43.55 -2.14 -11.25
C PHE F 340 -44.90 -1.43 -11.19
N ASN F 341 -45.92 -2.05 -11.75
CA ASN F 341 -47.30 -1.64 -11.87
C ASN F 341 -48.15 -2.90 -11.75
N SER F 342 -48.58 -3.22 -10.52
CA SER F 342 -49.59 -4.26 -10.40
C SER F 342 -50.26 -4.16 -9.03
N THR F 343 -51.47 -4.71 -8.96
CA THR F 343 -52.15 -5.03 -7.72
C THR F 343 -52.49 -6.51 -7.76
N TRP F 344 -52.09 -7.25 -6.74
CA TRP F 344 -52.29 -8.70 -6.68
C TRP F 344 -53.14 -9.03 -5.48
N ILE F 345 -54.25 -9.72 -5.72
CA ILE F 345 -55.27 -10.03 -4.71
C ILE F 345 -55.22 -11.53 -4.44
N SER F 346 -55.26 -11.90 -3.17
CA SER F 346 -55.27 -13.31 -2.80
C SER F 346 -56.50 -14.00 -3.37
N ASN F 347 -56.31 -15.18 -3.93
CA ASN F 347 -57.40 -15.96 -4.51
C ASN F 347 -57.03 -17.43 -4.61
N SER F 348 -49.33 -12.92 -24.58
CA SER F 348 -49.13 -13.15 -26.01
C SER F 348 -47.72 -12.74 -26.43
N ASN F 349 -47.59 -12.31 -27.69
CA ASN F 349 -46.30 -11.87 -28.21
C ASN F 349 -45.97 -10.43 -27.84
N ASP F 350 -46.93 -9.68 -27.31
CA ASP F 350 -46.68 -8.29 -26.95
C ASP F 350 -45.68 -8.21 -25.79
N SER F 351 -44.95 -7.10 -25.75
CA SER F 351 -43.92 -6.90 -24.74
C SER F 351 -43.99 -5.49 -24.21
N ILE F 352 -43.54 -5.33 -22.96
CA ILE F 352 -43.47 -4.02 -22.33
C ILE F 352 -42.22 -3.29 -22.83
N THR F 353 -42.40 -2.04 -23.22
CA THR F 353 -41.32 -1.21 -23.73
C THR F 353 -41.01 -0.12 -22.70
N LEU F 354 -39.75 -0.05 -22.28
CA LEU F 354 -39.28 0.95 -21.34
C LEU F 354 -38.42 1.96 -22.07
N PRO F 355 -38.81 3.24 -22.12
CA PRO F 355 -37.93 4.25 -22.69
C PRO F 355 -36.71 4.47 -21.80
N CYS F 356 -35.61 4.87 -22.41
CA CYS F 356 -34.37 5.05 -21.69
C CYS F 356 -33.72 6.35 -22.12
N ARG F 357 -32.91 6.92 -21.23
CA ARG F 357 -32.12 8.10 -21.52
C ARG F 357 -30.64 7.75 -21.39
N ILE F 358 -29.87 8.11 -22.40
CA ILE F 358 -28.43 7.87 -22.40
C ILE F 358 -27.74 9.01 -21.67
N LYS F 359 -26.71 8.68 -20.90
CA LYS F 359 -25.90 9.71 -20.27
C LYS F 359 -24.42 9.44 -20.51
N GLN F 360 -23.62 10.50 -20.46
CA GLN F 360 -22.18 10.41 -20.69
C GLN F 360 -21.35 10.76 -19.47
N ILE F 361 -21.58 11.90 -18.84
CA ILE F 361 -20.85 12.29 -17.64
C ILE F 361 -21.40 11.46 -16.49
N ILE F 362 -20.58 10.53 -15.98
CA ILE F 362 -21.03 9.49 -15.07
C ILE F 362 -20.31 9.65 -13.74
N ASN F 363 -21.07 9.58 -12.65
CA ASN F 363 -20.54 9.35 -11.30
C ASN F 363 -20.97 7.93 -10.96
N MET F 364 -20.15 6.96 -11.35
CA MET F 364 -20.56 5.56 -11.32
C MET F 364 -20.84 5.12 -9.89
N TRP F 365 -19.98 5.50 -8.96
CA TRP F 365 -20.14 5.15 -7.55
C TRP F 365 -20.72 6.32 -6.78
N GLN F 366 -20.87 6.11 -5.47
CA GLN F 366 -21.53 7.08 -4.60
C GLN F 366 -20.53 8.12 -4.10
N ARG F 367 -19.81 8.75 -5.03
CA ARG F 367 -18.76 9.70 -4.68
C ARG F 367 -19.10 11.07 -5.23
N ILE F 368 -18.46 12.09 -4.62
CA ILE F 368 -18.68 13.49 -5.06
C ILE F 368 -17.31 14.10 -5.38
N GLY F 369 -17.18 14.72 -6.55
CA GLY F 369 -15.94 15.32 -6.99
C GLY F 369 -15.07 14.45 -7.86
N GLN F 370 -15.63 13.39 -8.46
CA GLN F 370 -14.87 12.49 -9.32
C GLN F 370 -15.83 11.91 -10.35
N CYS F 371 -15.79 12.44 -11.57
CA CYS F 371 -16.66 12.01 -12.64
C CYS F 371 -15.84 11.41 -13.77
N MET F 372 -16.50 10.66 -14.63
CA MET F 372 -15.87 10.06 -15.81
C MET F 372 -16.74 10.32 -17.04
N TYR F 373 -16.10 10.69 -18.14
CA TYR F 373 -16.78 10.94 -19.41
C TYR F 373 -16.66 9.71 -20.29
N ALA F 374 -17.79 9.15 -20.68
CA ALA F 374 -17.80 7.95 -21.52
C ALA F 374 -17.86 8.36 -22.99
N PRO F 375 -16.85 8.03 -23.79
CA PRO F 375 -16.86 8.45 -25.18
C PRO F 375 -18.00 7.78 -25.93
N PRO F 376 -18.53 8.44 -26.96
CA PRO F 376 -19.62 7.82 -27.73
C PRO F 376 -19.17 6.58 -28.47
N ILE F 377 -20.10 5.65 -28.63
CA ILE F 377 -19.85 4.36 -29.29
C ILE F 377 -20.38 4.45 -30.71
N GLN F 378 -19.52 4.15 -31.68
CA GLN F 378 -19.90 4.25 -33.08
C GLN F 378 -20.95 3.21 -33.44
N GLY F 379 -21.95 3.63 -34.21
CA GLY F 379 -22.94 2.71 -34.74
C GLY F 379 -24.08 2.43 -33.78
N VAL F 380 -25.08 1.71 -34.31
CA VAL F 380 -26.21 1.30 -33.49
C VAL F 380 -25.76 0.20 -32.53
N ILE F 381 -26.21 0.29 -31.29
CA ILE F 381 -25.76 -0.62 -30.24
C ILE F 381 -26.97 -1.33 -29.64
N ARG F 382 -26.83 -2.64 -29.44
CA ARG F 382 -27.93 -3.50 -29.01
C ARG F 382 -27.35 -4.61 -28.13
N CYS F 383 -28.07 -4.93 -27.05
CA CYS F 383 -27.60 -5.95 -26.14
C CYS F 383 -28.77 -6.70 -25.52
N VAL F 384 -28.50 -7.94 -25.12
CA VAL F 384 -29.49 -8.85 -24.54
C VAL F 384 -28.98 -9.31 -23.18
N SER F 385 -29.85 -9.27 -22.17
CA SER F 385 -29.44 -9.58 -20.81
C SER F 385 -30.51 -10.40 -20.13
N ASN F 386 -30.13 -11.05 -19.03
CA ASN F 386 -31.03 -11.81 -18.19
C ASN F 386 -31.34 -11.02 -16.92
N ILE F 387 -32.61 -10.76 -16.66
CA ILE F 387 -33.05 -10.29 -15.36
C ILE F 387 -33.19 -11.53 -14.46
N THR F 388 -32.37 -11.59 -13.42
CA THR F 388 -32.37 -12.70 -12.48
C THR F 388 -32.61 -12.26 -11.04
N GLY F 389 -33.05 -11.03 -10.82
CA GLY F 389 -33.26 -10.57 -9.46
C GLY F 389 -33.80 -9.16 -9.42
N LEU F 390 -34.30 -8.79 -8.25
CA LEU F 390 -34.83 -7.47 -7.97
C LEU F 390 -34.33 -6.98 -6.62
N ILE F 391 -34.21 -5.66 -6.49
CA ILE F 391 -33.90 -5.01 -5.23
C ILE F 391 -35.10 -4.16 -4.86
N LEU F 392 -36.01 -4.73 -4.07
CA LEU F 392 -37.24 -4.07 -3.69
C LEU F 392 -37.08 -3.36 -2.36
N THR F 393 -38.07 -2.54 -2.03
CA THR F 393 -38.10 -1.80 -0.77
C THR F 393 -39.57 -1.53 -0.43
N ARG F 394 -39.94 -1.81 0.82
CA ARG F 394 -41.33 -1.67 1.24
C ARG F 394 -41.66 -0.21 1.54
N ASP F 395 -42.96 0.10 1.47
CA ASP F 395 -43.46 1.44 1.77
C ASP F 395 -44.35 1.36 3.00
N GLY F 396 -43.92 1.96 4.10
CA GLY F 396 -44.70 1.99 5.32
C GLY F 396 -44.96 0.62 5.91
N GLY F 397 -46.22 0.17 5.87
CA GLY F 397 -46.56 -1.16 6.34
C GLY F 397 -47.09 -1.22 7.76
N SER F 398 -48.14 -0.45 8.05
CA SER F 398 -48.65 -0.34 9.40
C SER F 398 -49.88 -1.24 9.63
N THR F 399 -50.49 -1.07 10.81
CA THR F 399 -51.73 -1.77 11.12
C THR F 399 -52.93 -1.28 10.31
N ASN F 400 -52.86 -0.04 9.82
CA ASN F 400 -54.04 0.60 9.25
C ASN F 400 -54.51 -0.11 8.00
N SER F 401 -53.58 -0.59 7.17
CA SER F 401 -53.91 -1.21 5.89
C SER F 401 -53.30 -2.61 5.81
N THR F 402 -53.99 -3.48 5.08
CA THR F 402 -53.51 -4.82 4.80
C THR F 402 -52.75 -4.90 3.48
N THR F 403 -52.56 -3.78 2.79
CA THR F 403 -51.87 -3.75 1.52
C THR F 403 -50.40 -3.38 1.73
N GLU F 404 -49.50 -4.16 1.14
CA GLU F 404 -48.07 -3.89 1.17
C GLU F 404 -47.63 -3.38 -0.19
N THR F 405 -46.98 -2.22 -0.20
CA THR F 405 -46.49 -1.59 -1.41
C THR F 405 -44.99 -1.79 -1.52
N PHE F 406 -44.54 -2.35 -2.64
CA PHE F 406 -43.13 -2.61 -2.88
C PHE F 406 -42.67 -1.80 -4.07
N ARG F 407 -41.63 -0.99 -3.88
CA ARG F 407 -41.16 -0.11 -4.97
C ARG F 407 -39.69 -0.47 -5.23
N PRO F 408 -39.15 -0.28 -6.45
CA PRO F 408 -37.74 -0.54 -6.68
C PRO F 408 -36.84 0.38 -5.86
N GLY F 409 -35.59 -0.02 -5.62
CA GLY F 409 -34.63 0.76 -4.88
C GLY F 409 -33.22 0.35 -5.26
N GLY F 410 -32.26 0.74 -4.43
CA GLY F 410 -30.88 0.35 -4.65
C GLY F 410 -29.90 1.49 -4.54
N GLY F 411 -29.09 1.66 -5.57
CA GLY F 411 -28.03 2.66 -5.56
C GLY F 411 -26.76 2.20 -4.89
N ASP F 412 -26.87 1.23 -4.00
CA ASP F 412 -25.71 0.68 -3.30
C ASP F 412 -25.33 -0.65 -3.93
N MET F 413 -24.19 -0.66 -4.63
CA MET F 413 -23.75 -1.86 -5.34
C MET F 413 -23.37 -3.00 -4.40
N ARG F 414 -23.24 -2.71 -3.10
CA ARG F 414 -23.02 -3.78 -2.13
C ARG F 414 -24.12 -4.82 -2.19
N ASP F 415 -25.35 -4.41 -2.51
CA ASP F 415 -26.43 -5.38 -2.68
C ASP F 415 -26.19 -6.24 -3.92
N ASN F 416 -25.68 -5.63 -5.00
CA ASN F 416 -25.37 -6.39 -6.20
C ASN F 416 -24.32 -7.45 -5.91
N TRP F 417 -23.31 -7.10 -5.12
CA TRP F 417 -22.31 -8.10 -4.73
C TRP F 417 -22.86 -9.13 -3.76
N ARG F 418 -23.72 -8.69 -2.83
CA ARG F 418 -24.27 -9.58 -1.82
C ARG F 418 -25.21 -10.60 -2.42
N SER F 419 -25.82 -10.28 -3.56
CA SER F 419 -26.66 -11.26 -4.24
C SER F 419 -25.86 -12.41 -4.81
N GLU F 420 -24.54 -12.28 -4.91
CA GLU F 420 -23.68 -13.35 -5.37
C GLU F 420 -22.82 -13.97 -4.27
N LEU F 421 -22.45 -13.20 -3.26
CA LEU F 421 -21.64 -13.69 -2.15
C LEU F 421 -22.47 -14.11 -0.95
N TYR F 422 -23.71 -14.58 -1.17
CA TYR F 422 -24.56 -14.94 -0.05
C TYR F 422 -24.27 -16.34 0.46
N LYS F 423 -23.78 -17.23 -0.40
CA LYS F 423 -23.53 -18.62 -0.02
C LYS F 423 -22.04 -18.90 0.20
N TYR F 424 -21.29 -17.91 0.67
CA TYR F 424 -19.87 -18.09 0.93
C TYR F 424 -19.49 -17.41 2.23
N LYS F 425 -18.46 -17.94 2.88
CA LYS F 425 -17.88 -17.29 4.06
C LYS F 425 -16.41 -17.69 4.15
N VAL F 426 -15.64 -16.89 4.88
CA VAL F 426 -14.20 -17.07 5.01
C VAL F 426 -13.89 -17.47 6.45
N VAL F 427 -13.14 -18.56 6.61
CA VAL F 427 -12.72 -19.02 7.93
C VAL F 427 -11.21 -19.20 7.93
N LYS F 428 -10.62 -19.13 9.12
CA LYS F 428 -9.20 -19.37 9.30
C LYS F 428 -9.03 -20.66 10.11
N ILE F 429 -8.04 -21.45 9.75
CA ILE F 429 -7.87 -22.77 10.34
C ILE F 429 -6.96 -22.68 11.56
N GLU F 430 -7.41 -23.28 12.66
CA GLU F 430 -6.64 -23.37 13.90
C GLU F 430 -6.14 -24.81 14.04
N PRO F 431 -5.02 -25.17 13.42
CA PRO F 431 -4.62 -26.58 13.39
C PRO F 431 -4.10 -27.11 14.72
N LEU F 432 -3.83 -26.24 15.69
CA LEU F 432 -3.29 -26.70 16.95
C LEU F 432 -4.41 -27.12 17.89
N GLY F 433 -4.23 -28.27 18.54
CA GLY F 433 -5.23 -28.77 19.47
C GLY F 433 -4.60 -29.58 20.59
N VAL F 434 -5.33 -29.66 21.69
CA VAL F 434 -4.92 -30.42 22.86
C VAL F 434 -6.03 -31.39 23.24
N ALA F 435 -5.70 -32.68 23.34
CA ALA F 435 -6.66 -33.74 23.57
C ALA F 435 -6.14 -34.66 24.66
N PRO F 436 -7.02 -35.37 25.37
CA PRO F 436 -6.55 -36.28 26.42
C PRO F 436 -6.22 -37.67 25.87
N THR F 437 -5.06 -38.19 26.31
CA THR F 437 -4.69 -39.57 26.03
C THR F 437 -3.87 -40.11 27.19
N ARG F 438 -3.71 -41.44 27.22
CA ARG F 438 -2.98 -42.08 28.31
C ARG F 438 -1.47 -42.02 28.12
N CYS F 439 -1.02 -41.68 26.91
CA CYS F 439 0.41 -41.74 26.61
C CYS F 439 1.17 -40.63 27.33
N LYS F 440 2.37 -40.98 27.82
CA LYS F 440 3.25 -40.06 28.49
C LYS F 440 4.61 -40.07 27.83
N ARG F 441 5.22 -38.90 27.73
CA ARG F 441 6.51 -38.74 27.07
C ARG F 441 7.62 -39.45 27.83
N ALA G 1 -16.91 -55.78 8.13
CA ALA G 1 -16.97 -56.41 6.81
C ALA G 1 -15.60 -56.40 6.13
N VAL G 2 -15.60 -56.37 4.80
CA VAL G 2 -14.35 -56.35 4.06
C VAL G 2 -13.90 -54.91 3.82
N GLY G 3 -12.62 -54.74 3.48
CA GLY G 3 -12.07 -53.39 3.27
C GLY G 3 -11.35 -53.27 1.94
N ILE G 4 -11.42 -52.10 1.31
CA ILE G 4 -10.72 -51.86 0.00
C ILE G 4 -9.48 -51.02 0.28
N GLY G 5 -9.31 -50.54 1.52
CA GLY G 5 -8.16 -49.67 1.87
C GLY G 5 -8.63 -48.27 2.20
N ALA G 6 -7.74 -47.46 2.78
CA ALA G 6 -8.11 -46.10 3.16
C ALA G 6 -8.50 -45.28 1.94
N VAL G 7 -9.11 -44.12 2.20
CA VAL G 7 -9.57 -43.22 1.15
C VAL G 7 -9.04 -41.82 1.43
N PHE G 8 -9.05 -40.99 0.39
CA PHE G 8 -8.60 -39.61 0.46
C PHE G 8 -9.83 -38.70 0.53
N LEU G 9 -10.02 -38.04 1.67
CA LEU G 9 -11.22 -37.26 1.91
C LEU G 9 -11.05 -35.78 1.56
N GLY G 10 -9.88 -35.35 1.14
CA GLY G 10 -9.66 -33.99 0.69
C GLY G 10 -9.11 -33.09 1.77
N PHE G 11 -9.10 -31.80 1.47
CA PHE G 11 -8.43 -30.81 2.31
C PHE G 11 -9.04 -30.76 3.71
N LEU G 12 -10.36 -30.79 3.80
CA LEU G 12 -11.05 -30.69 5.08
C LEU G 12 -12.16 -31.73 5.19
N GLY G 13 -11.99 -32.87 4.50
CA GLY G 13 -13.06 -33.85 4.43
C GLY G 13 -13.43 -34.46 5.77
N ALA G 14 -12.44 -34.66 6.64
CA ALA G 14 -12.69 -35.27 7.94
C ALA G 14 -13.16 -34.26 8.99
N ALA G 15 -13.65 -33.10 8.57
CA ALA G 15 -14.12 -32.11 9.54
C ALA G 15 -15.33 -32.63 10.31
N GLY G 16 -16.17 -33.42 9.65
CA GLY G 16 -17.39 -33.92 10.30
C GLY G 16 -17.16 -35.22 11.04
N SER G 17 -16.02 -35.87 10.81
CA SER G 17 -15.75 -37.15 11.43
C SER G 17 -15.28 -36.96 12.87
N THR G 18 -15.30 -38.06 13.63
CA THR G 18 -14.89 -38.02 15.02
C THR G 18 -13.39 -37.74 15.12
N MET G 19 -12.96 -37.34 16.32
CA MET G 19 -11.54 -37.05 16.55
C MET G 19 -10.67 -38.26 16.24
N GLY G 20 -11.15 -39.46 16.56
CA GLY G 20 -10.40 -40.67 16.24
C GLY G 20 -10.22 -40.85 14.74
N ALA G 21 -11.26 -40.58 13.97
CA ALA G 21 -11.15 -40.67 12.52
C ALA G 21 -10.42 -39.46 11.94
N ALA G 22 -10.61 -38.28 12.54
CA ALA G 22 -9.95 -37.07 12.04
C ALA G 22 -8.46 -37.09 12.26
N SER G 23 -7.97 -37.81 13.28
CA SER G 23 -6.54 -37.88 13.55
C SER G 23 -5.76 -38.64 12.49
N MET G 24 -6.45 -39.33 11.59
CA MET G 24 -5.79 -40.11 10.55
C MET G 24 -5.33 -39.26 9.36
N THR G 25 -5.80 -38.03 9.24
CA THR G 25 -5.53 -37.19 8.07
C THR G 25 -4.92 -35.85 8.49
N LEU G 26 -4.07 -35.87 9.51
CA LEU G 26 -3.47 -34.63 9.99
C LEU G 26 -2.55 -34.00 8.94
N THR G 27 -1.78 -34.83 8.22
CA THR G 27 -0.84 -34.30 7.25
C THR G 27 -1.55 -33.56 6.12
N VAL G 28 -2.78 -33.96 5.80
CA VAL G 28 -3.51 -33.29 4.73
C VAL G 28 -3.74 -31.83 5.07
N GLN G 29 -4.18 -31.54 6.30
CA GLN G 29 -4.34 -30.16 6.72
C GLN G 29 -2.99 -29.49 6.95
N ALA G 30 -1.97 -30.28 7.30
CA ALA G 30 -0.65 -29.70 7.55
C ALA G 30 -0.03 -29.15 6.26
N ARG G 31 -0.16 -29.87 5.15
CA ARG G 31 0.55 -29.49 3.92
C ARG G 31 0.03 -28.19 3.34
N ASN G 32 -1.24 -27.85 3.56
CA ASN G 32 -1.85 -26.71 2.92
C ASN G 32 -1.96 -25.49 3.84
N LEU G 33 -1.02 -25.32 4.77
CA LEU G 33 -0.94 -24.10 5.56
C LEU G 33 0.08 -23.11 4.99
N LEU G 34 0.79 -23.47 3.92
CA LEU G 34 1.76 -22.59 3.28
C LEU G 34 1.42 -22.24 1.84
N SER G 35 0.76 -23.14 1.11
CA SER G 35 0.39 -22.86 -0.27
C SER G 35 -0.87 -23.65 -0.66
N THR G 36 0.39 -2.00 -9.24
CA THR G 36 1.47 -2.07 -8.26
C THR G 36 0.94 -2.00 -6.85
N VAL G 37 -0.36 -1.74 -6.71
CA VAL G 37 -0.98 -1.68 -5.40
C VAL G 37 -1.45 -3.05 -4.93
N TRP G 38 -1.82 -3.95 -5.86
CA TRP G 38 -2.24 -5.29 -5.51
C TRP G 38 -1.06 -6.20 -5.17
N GLY G 39 0.10 -5.96 -5.75
CA GLY G 39 1.30 -6.66 -5.30
C GLY G 39 1.67 -6.37 -3.87
N ILE G 40 1.14 -5.30 -3.29
CA ILE G 40 1.31 -5.02 -1.87
C ILE G 40 0.43 -5.93 -1.03
N LYS G 41 -0.83 -6.09 -1.44
CA LYS G 41 -1.76 -6.89 -0.65
C LYS G 41 -1.44 -8.38 -0.79
N GLN G 42 -1.02 -8.82 -1.98
CA GLN G 42 -0.57 -10.19 -2.14
C GLN G 42 0.62 -10.49 -1.23
N LEU G 43 1.58 -9.57 -1.20
CA LEU G 43 2.76 -9.73 -0.35
C LEU G 43 2.37 -9.76 1.13
N GLN G 44 1.44 -8.89 1.53
CA GLN G 44 1.00 -8.88 2.92
C GLN G 44 0.32 -10.19 3.28
N ALA G 45 -0.52 -10.72 2.40
CA ALA G 45 -1.19 -11.99 2.67
C ALA G 45 -0.19 -13.13 2.78
N ARG G 46 0.79 -13.18 1.87
CA ARG G 46 1.80 -14.24 1.92
C ARG G 46 2.62 -14.14 3.21
N VAL G 47 3.02 -12.93 3.58
CA VAL G 47 3.81 -12.74 4.80
C VAL G 47 2.98 -13.12 6.02
N LEU G 48 1.68 -12.82 6.01
CA LEU G 48 0.81 -13.21 7.11
C LEU G 48 0.72 -14.72 7.24
N ALA G 49 0.58 -15.42 6.10
CA ALA G 49 0.54 -16.88 6.15
C ALA G 49 1.84 -17.45 6.69
N VAL G 50 2.97 -16.92 6.24
CA VAL G 50 4.27 -17.39 6.72
C VAL G 50 4.40 -17.14 8.23
N GLU G 51 3.99 -15.95 8.69
CA GLU G 51 4.07 -15.63 10.10
C GLU G 51 3.21 -16.54 10.95
N ARG G 52 1.99 -16.83 10.49
CA ARG G 52 1.12 -17.71 11.25
C ARG G 52 1.70 -19.13 11.33
N TYR G 53 2.18 -19.64 10.20
CA TYR G 53 2.75 -20.99 10.22
C TYR G 53 3.97 -21.05 11.13
N LEU G 54 4.83 -20.02 11.08
CA LEU G 54 6.01 -20.01 11.92
C LEU G 54 5.67 -19.88 13.39
N ARG G 55 4.63 -19.10 13.73
CA ARG G 55 4.21 -19.01 15.12
C ARG G 55 3.73 -20.37 15.63
N ASP G 56 2.92 -21.06 14.82
CA ASP G 56 2.46 -22.39 15.22
C ASP G 56 3.63 -23.34 15.39
N GLN G 57 4.58 -23.30 14.46
CA GLN G 57 5.73 -24.20 14.53
C GLN G 57 6.59 -23.90 15.76
N GLN G 58 6.78 -22.62 16.08
CA GLN G 58 7.54 -22.26 17.28
C GLN G 58 6.84 -22.74 18.54
N LEU G 59 5.51 -22.56 18.61
CA LEU G 59 4.77 -23.02 19.77
C LEU G 59 4.90 -24.54 19.93
N LEU G 60 4.86 -25.27 18.81
CA LEU G 60 5.11 -26.70 18.86
C LEU G 60 6.52 -27.02 19.32
N GLY G 61 7.50 -26.25 18.83
CA GLY G 61 8.89 -26.55 19.15
C GLY G 61 9.23 -26.35 20.62
N ILE G 62 8.71 -25.26 21.22
CA ILE G 62 9.04 -24.98 22.61
C ILE G 62 8.20 -25.79 23.60
N TRP G 63 7.34 -26.68 23.12
CA TRP G 63 6.74 -27.69 23.96
C TRP G 63 7.47 -29.02 23.89
N GLY G 64 8.54 -29.11 23.08
CA GLY G 64 9.25 -30.36 22.90
C GLY G 64 8.63 -31.30 21.89
N CYS G 65 7.71 -30.82 21.06
CA CYS G 65 7.05 -31.63 20.04
C CYS G 65 7.41 -31.19 18.62
N SER G 66 8.59 -30.59 18.44
CA SER G 66 8.98 -30.08 17.14
C SER G 66 9.15 -31.22 16.13
N GLY G 67 8.72 -30.96 14.90
CA GLY G 67 8.81 -31.98 13.87
C GLY G 67 7.89 -33.16 14.08
N LYS G 68 6.86 -33.00 14.90
CA LYS G 68 6.00 -34.09 15.34
C LYS G 68 4.55 -33.68 15.14
N LEU G 69 3.72 -34.61 14.71
CA LEU G 69 2.28 -34.34 14.57
C LEU G 69 1.50 -34.76 15.80
N ILE G 70 1.83 -35.94 16.33
CA ILE G 70 1.20 -36.43 17.59
C ILE G 70 2.33 -36.54 18.62
N CYS G 71 2.22 -35.82 19.74
CA CYS G 71 3.29 -35.77 20.73
C CYS G 71 2.68 -35.80 22.12
N CYS G 72 3.06 -36.79 22.91
CA CYS G 72 2.68 -36.83 24.32
C CYS G 72 3.54 -35.89 25.14
N THR G 73 2.96 -35.36 26.22
CA THR G 73 3.65 -34.43 27.09
C THR G 73 3.53 -34.89 28.54
N ASN G 74 4.44 -34.41 29.38
CA ASN G 74 4.51 -34.82 30.77
C ASN G 74 3.55 -34.07 31.68
N VAL G 75 2.95 -32.98 31.21
CA VAL G 75 2.03 -32.21 32.05
C VAL G 75 0.78 -33.04 32.29
N PRO G 76 0.29 -33.13 33.52
CA PRO G 76 -0.94 -33.89 33.77
C PRO G 76 -2.17 -33.09 33.35
N TRP G 77 -3.30 -33.79 33.31
CA TRP G 77 -4.57 -33.16 32.98
C TRP G 77 -5.36 -32.87 34.25
N ASN G 78 -5.34 -31.61 34.67
CA ASN G 78 -6.20 -31.13 35.75
C ASN G 78 -7.65 -31.25 35.31
N SER G 79 -8.48 -31.87 36.15
CA SER G 79 -9.86 -32.15 35.77
C SER G 79 -10.69 -30.89 35.59
N SER G 80 -10.31 -29.78 36.23
CA SER G 80 -11.10 -28.57 36.12
C SER G 80 -11.18 -28.08 34.67
N TRP G 81 -10.17 -28.36 33.86
CA TRP G 81 -10.25 -28.04 32.44
C TRP G 81 -11.38 -28.81 31.75
N SER G 82 -11.51 -30.11 32.06
CA SER G 82 -12.59 -30.91 31.49
C SER G 82 -12.73 -32.18 32.33
N ASN G 83 -13.97 -32.59 32.56
CA ASN G 83 -14.27 -33.79 33.34
C ASN G 83 -14.79 -34.92 32.46
N ARG G 84 -14.64 -34.83 31.15
CA ARG G 84 -15.07 -35.87 30.24
C ARG G 84 -14.01 -36.94 30.11
N ASN G 85 -14.45 -38.18 29.91
CA ASN G 85 -13.56 -39.32 29.77
C ASN G 85 -13.31 -39.65 28.29
N LEU G 86 -12.41 -40.59 28.05
CA LEU G 86 -12.03 -40.93 26.69
C LEU G 86 -13.18 -41.56 25.93
N SER G 87 -14.04 -42.32 26.60
CA SER G 87 -15.11 -43.03 25.91
C SER G 87 -16.14 -42.08 25.31
N GLU G 88 -16.14 -40.81 25.72
CA GLU G 88 -17.06 -39.81 25.20
C GLU G 88 -16.34 -38.67 24.50
N ILE G 89 -15.10 -38.89 24.10
CA ILE G 89 -14.30 -37.84 23.48
C ILE G 89 -13.79 -38.31 22.12
N TRP G 90 -13.09 -39.43 22.09
CA TRP G 90 -12.41 -39.86 20.88
C TRP G 90 -13.28 -40.69 19.94
N ASP G 91 -14.54 -40.92 20.29
CA ASP G 91 -15.43 -41.72 19.45
C ASP G 91 -16.80 -41.11 19.23
N ASN G 92 -17.14 -40.02 19.93
CA ASN G 92 -18.48 -39.44 19.82
C ASN G 92 -18.47 -37.92 19.67
N MET G 93 -17.32 -37.31 19.42
CA MET G 93 -17.25 -35.87 19.29
C MET G 93 -16.45 -35.49 18.06
N THR G 94 -16.72 -34.31 17.53
CA THR G 94 -15.95 -33.71 16.46
C THR G 94 -15.03 -32.63 17.02
N TRP G 95 -13.91 -32.42 16.34
CA TRP G 95 -12.87 -31.54 16.86
C TRP G 95 -13.36 -30.11 17.05
N LEU G 96 -14.36 -29.69 16.27
CA LEU G 96 -14.89 -28.33 16.43
C LEU G 96 -15.58 -28.17 17.77
N GLN G 97 -16.37 -29.16 18.20
CA GLN G 97 -17.00 -29.09 19.52
C GLN G 97 -15.95 -29.06 20.61
N TRP G 98 -14.89 -29.86 20.47
CA TRP G 98 -13.82 -29.86 21.46
C TRP G 98 -13.13 -28.50 21.53
N ASP G 99 -12.88 -27.89 20.38
CA ASP G 99 -12.26 -26.56 20.36
C ASP G 99 -13.17 -25.54 21.04
N LYS G 100 -14.48 -25.61 20.75
CA LYS G 100 -15.40 -24.68 21.40
C LYS G 100 -15.50 -24.93 22.89
N GLU G 101 -15.24 -26.16 23.34
CA GLU G 101 -15.25 -26.45 24.77
C GLU G 101 -14.00 -25.93 25.46
N ILE G 102 -12.84 -26.04 24.79
CA ILE G 102 -11.56 -25.79 25.44
C ILE G 102 -11.03 -24.37 25.20
N SER G 103 -11.62 -23.62 24.26
CA SER G 103 -11.01 -22.37 23.79
C SER G 103 -10.65 -21.39 24.91
N ASN G 104 -11.37 -21.41 26.02
CA ASN G 104 -11.10 -20.50 27.13
C ASN G 104 -10.04 -21.02 28.09
N TYR G 105 -9.65 -22.29 27.97
CA TYR G 105 -8.67 -22.94 28.84
C TYR G 105 -7.39 -23.23 28.08
N THR G 106 -6.96 -22.30 27.23
CA THR G 106 -5.89 -22.55 26.27
C THR G 106 -4.53 -22.05 26.74
N GLN G 107 -4.42 -20.76 27.08
CA GLN G 107 -3.11 -20.17 27.35
C GLN G 107 -2.46 -20.78 28.59
N ILE G 108 -3.29 -21.21 29.55
CA ILE G 108 -2.77 -21.83 30.76
C ILE G 108 -1.99 -23.10 30.42
N ILE G 109 -2.58 -23.95 29.59
CA ILE G 109 -1.91 -25.18 29.18
C ILE G 109 -0.65 -24.87 28.39
N TYR G 110 -0.67 -23.80 27.58
CA TYR G 110 0.50 -23.45 26.80
C TYR G 110 1.66 -23.05 27.71
N GLY G 111 1.37 -22.23 28.73
CA GLY G 111 2.41 -21.87 29.69
C GLY G 111 2.92 -23.06 30.46
N LEU G 112 2.01 -23.97 30.85
CA LEU G 112 2.42 -25.19 31.55
C LEU G 112 3.36 -26.02 30.70
N LEU G 113 3.02 -26.20 29.42
CA LEU G 113 3.90 -26.97 28.53
C LEU G 113 5.24 -26.27 28.36
N GLU G 114 5.23 -24.94 28.27
CA GLU G 114 6.49 -24.20 28.14
C GLU G 114 7.41 -24.47 29.33
N GLU G 115 6.89 -24.30 30.54
CA GLU G 115 7.75 -24.47 31.72
C GLU G 115 8.16 -25.93 31.88
N SER G 116 7.26 -26.87 31.56
CA SER G 116 7.62 -28.29 31.64
C SER G 116 8.74 -28.62 30.67
N GLN G 117 8.68 -28.11 29.44
CA GLN G 117 9.73 -28.38 28.47
C GLN G 117 11.06 -27.77 28.91
N ASN G 118 11.02 -26.55 29.46
CA ASN G 118 12.26 -25.95 29.95
C ASN G 118 12.87 -26.78 31.07
N GLN G 119 12.04 -27.25 32.01
CA GLN G 119 12.54 -28.10 33.08
C GLN G 119 13.11 -29.41 32.54
N GLN G 120 12.46 -29.98 31.53
CA GLN G 120 12.96 -31.21 30.92
C GLN G 120 14.32 -30.98 30.27
N GLU G 121 14.49 -29.85 29.59
CA GLU G 121 15.79 -29.54 28.98
C GLU G 121 16.87 -29.39 30.04
N LYS G 122 16.54 -28.72 31.15
CA LYS G 122 17.55 -28.56 32.20
C LYS G 122 17.90 -29.90 32.83
N ASN G 123 16.91 -30.78 33.01
CA ASN G 123 17.16 -32.12 33.51
C ASN G 123 18.07 -32.90 32.57
N GLU G 124 17.80 -32.81 31.26
CA GLU G 124 18.66 -33.48 30.28
C GLU G 124 20.09 -32.97 30.34
N GLN G 125 20.26 -31.65 30.44
CA GLN G 125 21.61 -31.10 30.53
C GLN G 125 22.33 -31.58 31.79
N ASP G 126 21.63 -31.58 32.92
CA ASP G 126 22.25 -32.04 34.17
C ASP G 126 22.64 -33.51 34.08
N LEU G 127 21.75 -34.35 33.52
CA LEU G 127 22.07 -35.78 33.42
C LEU G 127 23.23 -36.02 32.47
N LEU G 128 23.29 -35.30 31.34
CA LEU G 128 24.41 -35.44 30.43
C LEU G 128 25.69 -34.87 31.01
N ALA G 129 25.61 -33.99 32.00
CA ALA G 129 26.81 -33.48 32.65
C ALA G 129 27.57 -34.58 33.38
N LEU G 130 26.86 -35.60 33.85
CA LEU G 130 27.50 -36.70 34.58
C LEU G 130 28.15 -37.70 33.64
N ALA H 1 16.23 -20.02 53.19
CA ALA H 1 14.96 -19.71 53.83
C ALA H 1 13.80 -20.32 53.05
N VAL H 2 12.57 -19.94 53.41
CA VAL H 2 11.39 -20.49 52.75
C VAL H 2 11.13 -19.73 51.45
N GLY H 3 10.27 -20.31 50.62
CA GLY H 3 9.90 -19.70 49.37
C GLY H 3 8.46 -20.01 49.03
N ILE H 4 7.98 -19.36 47.96
CA ILE H 4 6.61 -19.53 47.51
C ILE H 4 6.61 -19.91 46.04
N GLY H 5 7.79 -20.25 45.51
CA GLY H 5 7.92 -20.68 44.14
C GLY H 5 8.67 -19.68 43.29
N ALA H 6 8.72 -19.99 42.00
CA ALA H 6 9.41 -19.14 41.03
C ALA H 6 8.60 -17.88 40.76
N VAL H 7 9.28 -16.88 40.18
CA VAL H 7 8.68 -15.58 39.90
C VAL H 7 8.90 -15.24 38.43
N PHE H 8 8.01 -14.40 37.90
CA PHE H 8 8.09 -13.93 36.53
C PHE H 8 8.75 -12.56 36.51
N LEU H 9 9.82 -12.42 35.73
CA LEU H 9 10.58 -11.19 35.66
C LEU H 9 10.23 -10.32 34.46
N GLY H 10 9.75 -10.91 33.37
CA GLY H 10 9.34 -10.16 32.20
C GLY H 10 10.12 -10.56 30.96
N PHE H 11 10.04 -9.70 29.95
CA PHE H 11 10.66 -9.99 28.66
C PHE H 11 12.18 -10.13 28.78
N LEU H 12 12.83 -9.15 29.38
CA LEU H 12 14.28 -9.15 29.52
C LEU H 12 14.68 -9.03 30.98
N GLY H 13 13.84 -9.53 31.89
CA GLY H 13 14.07 -9.37 33.32
C GLY H 13 15.37 -9.97 33.82
N ALA H 14 15.78 -11.12 33.29
CA ALA H 14 16.98 -11.80 33.72
C ALA H 14 18.24 -11.27 33.06
N ALA H 15 18.20 -10.06 32.49
CA ALA H 15 19.39 -9.50 31.85
C ALA H 15 20.50 -9.27 32.87
N GLY H 16 20.15 -8.80 34.06
CA GLY H 16 21.14 -8.58 35.10
C GLY H 16 21.47 -9.79 35.95
N SER H 17 20.74 -10.88 35.78
CA SER H 17 21.00 -12.09 36.54
C SER H 17 22.13 -12.90 35.91
N THR H 18 22.66 -13.84 36.68
CA THR H 18 23.74 -14.69 36.21
C THR H 18 23.23 -15.70 35.18
N MET H 19 24.19 -16.34 34.51
CA MET H 19 23.84 -17.38 33.53
C MET H 19 23.01 -18.49 34.17
N GLY H 20 23.34 -18.88 35.40
CA GLY H 20 22.59 -19.94 36.06
C GLY H 20 21.13 -19.58 36.28
N ALA H 21 20.86 -18.33 36.67
CA ALA H 21 19.48 -17.90 36.84
C ALA H 21 18.84 -17.55 35.51
N ALA H 22 19.62 -17.00 34.57
CA ALA H 22 19.07 -16.61 33.28
C ALA H 22 18.71 -17.79 32.40
N SER H 23 19.28 -18.96 32.67
CA SER H 23 19.01 -20.15 31.87
C SER H 23 17.59 -20.67 32.06
N MET H 24 16.85 -20.17 33.05
CA MET H 24 15.50 -20.63 33.35
C MET H 24 14.43 -19.74 32.76
N THR H 25 14.79 -18.81 31.87
CA THR H 25 13.89 -17.80 31.34
C THR H 25 13.87 -17.87 29.81
N LEU H 26 14.67 -18.78 29.24
CA LEU H 26 14.96 -18.77 27.81
C LEU H 26 13.69 -18.76 26.96
N THR H 27 12.64 -19.47 27.42
CA THR H 27 11.40 -19.53 26.65
C THR H 27 10.76 -18.15 26.50
N VAL H 28 10.84 -17.32 27.53
CA VAL H 28 10.23 -16.00 27.47
C VAL H 28 10.89 -15.15 26.38
N GLN H 29 12.22 -15.14 26.34
CA GLN H 29 12.90 -14.38 25.30
C GLN H 29 12.70 -15.01 23.93
N ALA H 30 12.54 -16.33 23.87
CA ALA H 30 12.33 -16.98 22.58
C ALA H 30 10.94 -16.65 22.01
N ARG H 31 9.96 -16.42 22.88
CA ARG H 31 8.60 -16.20 22.42
C ARG H 31 8.48 -14.95 21.56
N ASN H 32 9.03 -13.82 22.01
CA ASN H 32 8.78 -12.53 21.37
C ASN H 32 9.76 -12.22 20.25
N LEU H 33 10.34 -13.24 19.61
CA LEU H 33 11.16 -13.03 18.43
C LEU H 33 10.38 -13.05 17.13
N LEU H 34 9.07 -13.33 17.18
CA LEU H 34 8.25 -13.36 15.98
C LEU H 34 7.14 -12.31 15.97
N SER H 35 6.55 -12.00 17.12
CA SER H 35 5.50 -10.99 17.20
C SER H 35 5.43 -10.38 18.59
N THR H 36 0.34 4.62 1.28
CA THR H 36 0.74 3.36 0.65
C THR H 36 2.25 3.16 0.79
N VAL H 37 2.97 4.26 0.97
CA VAL H 37 4.41 4.17 1.17
C VAL H 37 4.72 3.56 2.55
N TRP H 38 3.83 3.75 3.52
CA TRP H 38 4.05 3.26 4.88
C TRP H 38 3.54 1.84 5.10
N GLY H 39 2.92 1.23 4.09
CA GLY H 39 2.68 -0.20 4.13
C GLY H 39 3.84 -1.05 3.68
N ILE H 40 4.91 -0.41 3.21
CA ILE H 40 6.07 -1.13 2.68
C ILE H 40 7.16 -1.25 3.73
N LYS H 41 7.38 -0.21 4.52
CA LYS H 41 8.41 -0.28 5.55
C LYS H 41 8.07 -1.32 6.61
N GLN H 42 6.79 -1.39 7.00
CA GLN H 42 6.39 -2.39 7.98
C GLN H 42 6.50 -3.79 7.41
N LEU H 43 6.14 -3.96 6.14
CA LEU H 43 6.31 -5.26 5.50
C LEU H 43 7.78 -5.66 5.46
N GLN H 44 8.66 -4.70 5.17
CA GLN H 44 10.09 -4.98 5.18
C GLN H 44 10.58 -5.37 6.56
N ALA H 45 10.09 -4.68 7.59
CA ALA H 45 10.48 -5.02 8.96
C ALA H 45 10.03 -6.43 9.33
N ARG H 46 8.79 -6.79 9.01
CA ARG H 46 8.29 -8.12 9.30
C ARG H 46 9.08 -9.18 8.54
N VAL H 47 9.40 -8.91 7.27
CA VAL H 47 10.17 -9.86 6.47
C VAL H 47 11.56 -10.04 7.05
N LEU H 48 12.18 -8.95 7.49
CA LEU H 48 13.51 -9.04 8.10
C LEU H 48 13.47 -9.82 9.40
N ALA H 49 12.43 -9.62 10.21
CA ALA H 49 12.30 -10.39 11.45
C ALA H 49 12.16 -11.88 11.15
N VAL H 50 11.32 -12.21 10.16
CA VAL H 50 11.15 -13.62 9.79
C VAL H 50 12.46 -14.20 9.28
N GLU H 51 13.19 -13.44 8.47
CA GLU H 51 14.47 -13.91 7.94
C GLU H 51 15.47 -14.17 9.06
N ARG H 52 15.56 -13.24 10.02
CA ARG H 52 16.50 -13.43 11.13
C ARG H 52 16.13 -14.64 11.97
N TYR H 53 14.84 -14.81 12.26
CA TYR H 53 14.42 -15.97 13.04
C TYR H 53 14.73 -17.27 12.30
N LEU H 54 14.47 -17.30 11.00
CA LEU H 54 14.74 -18.51 10.22
C LEU H 54 16.23 -18.80 10.14
N ARG H 55 17.07 -17.76 10.01
CA ARG H 55 18.51 -17.99 10.05
C ARG H 55 18.95 -18.57 11.38
N ASP H 56 18.40 -18.04 12.48
CA ASP H 56 18.72 -18.58 13.79
C ASP H 56 18.32 -20.05 13.90
N GLN H 57 17.10 -20.36 13.46
CA GLN H 57 16.60 -21.74 13.55
C GLN H 57 17.42 -22.68 12.68
N GLN H 58 17.77 -22.25 11.47
CA GLN H 58 18.59 -23.10 10.60
C GLN H 58 19.98 -23.32 11.20
N LEU H 59 20.58 -22.27 11.75
CA LEU H 59 21.90 -22.40 12.36
C LEU H 59 21.86 -23.39 13.52
N LEU H 60 20.80 -23.33 14.33
CA LEU H 60 20.64 -24.33 15.39
C LEU H 60 20.43 -25.72 14.82
N GLY H 61 19.58 -25.84 13.78
CA GLY H 61 19.23 -27.15 13.28
C GLY H 61 20.39 -27.90 12.65
N ILE H 62 21.22 -27.20 11.87
CA ILE H 62 22.36 -27.86 11.25
C ILE H 62 23.52 -28.08 12.22
N TRP H 63 23.34 -27.74 13.50
CA TRP H 63 24.20 -28.22 14.56
C TRP H 63 23.63 -29.44 15.27
N GLY H 64 22.47 -29.94 14.83
CA GLY H 64 21.83 -31.05 15.50
C GLY H 64 20.99 -30.68 16.69
N CYS H 65 20.76 -29.39 16.92
CA CYS H 65 19.98 -28.91 18.07
C CYS H 65 18.65 -28.31 17.66
N SER H 66 18.00 -28.86 16.64
CA SER H 66 16.71 -28.34 16.20
C SER H 66 15.64 -28.59 17.25
N GLY H 67 14.87 -27.55 17.56
CA GLY H 67 13.80 -27.68 18.53
C GLY H 67 14.27 -27.83 19.96
N LYS H 68 15.47 -27.38 20.28
CA LYS H 68 16.01 -27.47 21.63
C LYS H 68 16.53 -26.11 22.06
N LEU H 69 16.30 -25.77 23.33
CA LEU H 69 16.80 -24.53 23.89
C LEU H 69 18.16 -24.69 24.55
N ILE H 70 18.43 -25.85 25.13
CA ILE H 70 19.76 -26.19 25.65
C ILE H 70 20.16 -27.51 25.01
N CYS H 71 21.26 -27.50 24.26
CA CYS H 71 21.68 -28.66 23.49
C CYS H 71 23.18 -28.89 23.69
N CYS H 72 23.53 -30.04 24.26
CA CYS H 72 24.92 -30.42 24.40
C CYS H 72 25.51 -30.79 23.03
N THR H 73 26.79 -30.49 22.87
CA THR H 73 27.49 -30.73 21.61
C THR H 73 28.74 -31.55 21.86
N ASN H 74 29.16 -32.28 20.82
CA ASN H 74 30.34 -33.13 20.90
C ASN H 74 31.63 -32.39 20.62
N VAL H 75 31.57 -31.12 20.22
CA VAL H 75 32.78 -30.34 19.95
C VAL H 75 33.49 -30.11 21.28
N PRO H 76 34.81 -30.28 21.34
CA PRO H 76 35.51 -30.05 22.61
C PRO H 76 35.88 -28.58 22.77
N TRP H 77 35.99 -28.15 24.02
CA TRP H 77 36.23 -26.75 24.34
C TRP H 77 37.74 -26.53 24.40
N ASN H 78 38.29 -25.95 23.34
CA ASN H 78 39.68 -25.51 23.35
C ASN H 78 39.81 -24.34 24.32
N SER H 79 40.89 -24.36 25.13
CA SER H 79 41.08 -23.30 26.10
C SER H 79 41.57 -22.01 25.47
N SER H 80 41.82 -22.01 24.16
CA SER H 80 42.31 -20.82 23.49
C SER H 80 41.33 -19.66 23.57
N TRP H 81 40.03 -19.93 23.37
CA TRP H 81 39.06 -18.83 23.35
C TRP H 81 38.84 -18.28 24.75
N SER H 82 38.74 -19.14 25.75
CA SER H 82 38.58 -18.69 27.13
C SER H 82 39.27 -19.67 28.06
N ASN H 83 39.72 -19.18 29.21
CA ASN H 83 40.42 -19.98 30.20
C ASN H 83 39.66 -20.07 31.51
N ARG H 84 38.68 -19.20 31.74
CA ARG H 84 37.97 -19.15 33.00
C ARG H 84 37.22 -20.46 33.26
N ASN H 85 37.18 -20.86 34.52
CA ASN H 85 36.51 -22.09 34.92
C ASN H 85 35.01 -21.87 35.10
N LEU H 86 34.29 -22.96 35.29
CA LEU H 86 32.84 -22.89 35.47
C LEU H 86 32.46 -22.16 36.75
N SER H 87 33.29 -22.24 37.79
CA SER H 87 32.98 -21.56 39.05
C SER H 87 32.93 -20.05 38.88
N GLU H 88 33.82 -19.49 38.06
CA GLU H 88 33.86 -18.06 37.80
C GLU H 88 33.09 -17.67 36.55
N ILE H 89 32.14 -18.49 36.12
CA ILE H 89 31.35 -18.20 34.94
C ILE H 89 29.85 -18.23 35.25
N TRP H 90 29.38 -19.34 35.79
CA TRP H 90 27.94 -19.57 35.87
C TRP H 90 27.29 -18.97 37.11
N ASP H 91 28.05 -18.30 37.97
CA ASP H 91 27.50 -17.76 39.21
C ASP H 91 27.91 -16.33 39.51
N ASN H 92 28.79 -15.73 38.72
CA ASN H 92 29.30 -14.40 39.06
C ASN H 92 29.38 -13.45 37.87
N MET H 93 28.81 -13.82 36.73
CA MET H 93 28.86 -12.98 35.53
C MET H 93 27.47 -12.90 34.92
N THR H 94 27.31 -11.95 34.00
CA THR H 94 26.08 -11.82 33.21
C THR H 94 26.35 -12.24 31.77
N TRP H 95 25.28 -12.68 31.09
CA TRP H 95 25.43 -13.13 29.71
C TRP H 95 25.95 -12.02 28.81
N LEU H 96 25.65 -10.76 29.12
CA LEU H 96 26.15 -9.66 28.30
C LEU H 96 27.67 -9.61 28.32
N GLN H 97 28.27 -9.76 29.50
CA GLN H 97 29.73 -9.78 29.60
C GLN H 97 30.32 -10.98 28.87
N TRP H 98 29.64 -12.13 28.94
CA TRP H 98 30.12 -13.31 28.24
C TRP H 98 30.09 -13.10 26.73
N ASP H 99 29.01 -12.50 26.21
CA ASP H 99 28.95 -12.19 24.79
C ASP H 99 30.05 -11.21 24.39
N LYS H 100 30.28 -10.21 25.24
CA LYS H 100 31.36 -9.25 24.96
C LYS H 100 32.71 -9.95 24.90
N GLU H 101 32.95 -10.92 25.79
CA GLU H 101 34.22 -11.62 25.81
C GLU H 101 34.36 -12.57 24.63
N ILE H 102 33.25 -13.16 24.17
CA ILE H 102 33.29 -14.26 23.22
C ILE H 102 33.15 -13.81 21.77
N SER H 103 32.54 -12.65 21.51
CA SER H 103 32.11 -12.29 20.16
C SER H 103 33.20 -12.42 19.10
N ASN H 104 34.47 -12.41 19.48
CA ASN H 104 35.55 -12.57 18.51
C ASN H 104 35.88 -14.03 18.21
N TYR H 105 35.29 -14.97 18.93
CA TYR H 105 35.51 -16.40 18.73
C TYR H 105 34.20 -17.08 18.35
N THR H 106 33.45 -16.46 17.43
CA THR H 106 32.07 -16.86 17.17
C THR H 106 31.95 -17.76 15.94
N GLN H 107 32.37 -17.27 14.77
CA GLN H 107 32.11 -18.01 13.53
C GLN H 107 32.90 -19.32 13.48
N ILE H 108 34.07 -19.36 14.11
CA ILE H 108 34.89 -20.56 14.08
C ILE H 108 34.18 -21.70 14.81
N ILE H 109 33.60 -21.43 15.98
CA ILE H 109 32.85 -22.46 16.70
C ILE H 109 31.66 -22.92 15.87
N TYR H 110 31.02 -22.00 15.16
CA TYR H 110 29.89 -22.34 14.31
C TYR H 110 30.33 -23.32 13.22
N GLY H 111 31.49 -23.07 12.61
CA GLY H 111 32.01 -23.99 11.61
C GLY H 111 32.33 -25.35 12.18
N LEU H 112 32.95 -25.39 13.37
CA LEU H 112 33.24 -26.68 14.00
C LEU H 112 31.96 -27.45 14.28
N LEU H 113 30.93 -26.77 14.78
CA LEU H 113 29.66 -27.45 15.04
C LEU H 113 29.02 -27.96 13.75
N GLU H 114 29.11 -27.17 12.68
CA GLU H 114 28.58 -27.60 11.39
C GLU H 114 29.25 -28.90 10.93
N GLU H 115 30.59 -28.92 10.93
CA GLU H 115 31.30 -30.10 10.48
C GLU H 115 31.05 -31.28 11.41
N SER H 116 30.93 -31.02 12.72
CA SER H 116 30.69 -32.09 13.67
C SER H 116 29.33 -32.73 13.43
N GLN H 117 28.29 -31.91 13.22
CA GLN H 117 26.96 -32.47 12.98
C GLN H 117 26.92 -33.24 11.67
N ASN H 118 27.63 -32.75 10.64
CA ASN H 118 27.70 -33.52 9.40
C ASN H 118 28.36 -34.88 9.62
N GLN H 119 29.44 -34.91 10.42
CA GLN H 119 30.09 -36.17 10.72
C GLN H 119 29.17 -37.10 11.51
N GLN H 120 28.42 -36.55 12.45
CA GLN H 120 27.47 -37.37 13.22
C GLN H 120 26.40 -37.96 12.30
N GLU H 121 25.90 -37.17 11.35
CA GLU H 121 24.93 -37.70 10.40
C GLU H 121 25.52 -38.84 9.57
N LYS H 122 26.75 -38.67 9.10
CA LYS H 122 27.39 -39.74 8.33
C LYS H 122 27.55 -41.01 9.17
N ASN H 123 28.01 -40.86 10.41
CA ASN H 123 28.19 -42.03 11.27
C ASN H 123 26.86 -42.70 11.58
N GLU H 124 25.81 -41.91 11.79
CA GLU H 124 24.50 -42.48 12.08
C GLU H 124 23.96 -43.25 10.88
N GLN H 125 24.11 -42.71 9.67
CA GLN H 125 23.65 -43.44 8.49
C GLN H 125 24.46 -44.70 8.29
N ASP H 126 25.77 -44.65 8.57
CA ASP H 126 26.60 -45.85 8.45
C ASP H 126 26.16 -46.92 9.44
N LEU H 127 25.88 -46.53 10.69
CA LEU H 127 25.45 -47.51 11.68
C LEU H 127 24.08 -48.08 11.33
N LEU H 128 23.16 -47.22 10.90
CA LEU H 128 21.83 -47.69 10.54
C LEU H 128 21.84 -48.52 9.26
N ALA H 129 22.91 -48.44 8.47
CA ALA H 129 23.05 -49.36 7.34
C ALA H 129 23.13 -50.80 7.80
N LEU H 130 23.78 -51.05 8.93
CA LEU H 130 23.86 -52.40 9.49
C LEU H 130 22.50 -52.84 10.04
C1 NAG I . -41.80 6.76 -16.75
C2 NAG I . -41.74 8.28 -16.69
C3 NAG I . -43.10 8.83 -16.23
C4 NAG I . -44.21 8.34 -17.14
C5 NAG I . -44.19 6.82 -17.27
C6 NAG I . -45.11 6.33 -18.36
C7 NAG I . -40.15 9.95 -15.88
C8 NAG I . -39.07 10.26 -14.89
N2 NAG I . -40.69 8.73 -15.80
O3 NAG I . -43.04 10.25 -16.27
O4 NAG I . -45.47 8.77 -16.65
O5 NAG I . -42.87 6.35 -17.62
O6 NAG I . -44.72 6.91 -19.60
O7 NAG I . -40.50 10.77 -16.73
C1 NAG I . -46.06 9.74 -17.56
C2 NAG I . -47.57 9.80 -17.32
C3 NAG I . -48.20 10.85 -18.22
C4 NAG I . -47.49 12.20 -18.05
C5 NAG I . -45.99 12.02 -18.27
C6 NAG I . -45.22 13.30 -18.02
C7 NAG I . -48.62 7.72 -16.56
C8 NAG I . -49.24 6.41 -16.97
N2 NAG I . -48.19 8.50 -17.54
O3 NAG I . -49.57 10.99 -17.88
O4 NAG I . -48.01 13.12 -19.00
O5 NAG I . -45.48 11.04 -17.37
O6 NAG I . -44.22 13.50 -19.00
O7 NAG I . -48.52 8.04 -15.38
C1 NAG J . -25.02 -9.67 -20.23
C2 NAG J . -24.55 -8.27 -20.62
C3 NAG J . -24.68 -8.06 -22.12
C4 NAG J . -23.99 -9.17 -22.89
C5 NAG J . -24.43 -10.55 -22.39
C6 NAG J . -23.60 -11.67 -22.97
C7 NAG J . -24.70 -6.19 -19.35
C8 NAG J . -25.61 -5.23 -18.63
N2 NAG J . -25.28 -7.25 -19.89
O3 NAG J . -24.10 -6.81 -22.46
O4 NAG J . -24.28 -9.06 -24.29
O5 NAG J . -24.28 -10.64 -20.96
O6 NAG J . -22.23 -11.31 -23.03
O7 NAG J . -23.49 -5.99 -19.43
C1 NAG J . -23.06 -8.83 -25.05
C2 NAG J . -23.30 -9.26 -26.50
C3 NAG J . -22.02 -9.05 -27.31
C4 NAG J . -21.50 -7.62 -27.16
C5 NAG J . -21.43 -7.21 -25.68
C6 NAG J . -21.13 -5.74 -25.48
C7 NAG J . -24.99 -10.99 -26.87
C8 NAG J . -25.27 -12.46 -26.90
N2 NAG J . -23.74 -10.64 -26.57
O3 NAG J . -22.27 -9.32 -28.69
O4 NAG J . -20.17 -7.56 -27.68
O5 NAG J . -22.68 -7.46 -25.02
O6 NAG J . -21.92 -5.19 -24.44
O7 NAG J . -25.86 -10.16 -27.11
C1 BMA J . -20.07 -6.56 -28.70
C2 BMA J . -18.56 -6.27 -28.88
C3 BMA J . -18.32 -5.35 -30.07
C4 BMA J . -19.09 -5.83 -31.32
C5 BMA J . -20.56 -6.04 -30.96
C6 BMA J . -21.40 -6.54 -32.13
O2 BMA J . -17.86 -7.47 -29.15
O3 BMA J . -16.94 -5.25 -30.38
O4 BMA J . -18.99 -4.87 -32.36
O5 BMA J . -20.64 -7.01 -29.93
O6 BMA J . -20.90 -7.81 -32.52
C1 MAN J . -16.52 -3.88 -30.23
C2 MAN J . -15.21 -3.70 -31.03
C3 MAN J . -14.09 -4.48 -30.36
C4 MAN J . -13.96 -4.07 -28.89
C5 MAN J . -15.29 -4.29 -28.16
C6 MAN J . -15.27 -3.80 -26.73
O2 MAN J . -14.77 -2.34 -30.99
O3 MAN J . -12.85 -4.32 -31.03
O4 MAN J . -12.95 -4.84 -28.26
O5 MAN J . -16.33 -3.55 -28.85
O6 MAN J . -16.54 -4.05 -26.15
C1 MAN J . -14.78 -1.78 -32.31
C2 MAN J . -13.75 -0.63 -32.31
C3 MAN J . -14.22 0.47 -31.38
C4 MAN J . -15.65 0.91 -31.73
C5 MAN J . -16.60 -0.31 -31.75
C6 MAN J . -17.99 0.03 -32.23
O2 MAN J . -13.64 -0.03 -33.60
O3 MAN J . -13.34 1.59 -31.39
O4 MAN J . -16.12 1.85 -30.78
O5 MAN J . -16.06 -1.31 -32.65
O6 MAN J . -18.01 -0.02 -33.65
C1 NAG K . -24.81 21.26 -35.64
C2 NAG K . -25.32 20.63 -36.93
C3 NAG K . -24.29 20.76 -38.04
C4 NAG K . -23.83 22.20 -38.20
C5 NAG K . -23.40 22.77 -36.85
C6 NAG K . -23.06 24.24 -36.90
C7 NAG K . -26.92 18.81 -36.46
C8 NAG K . -27.07 17.33 -36.27
N2 NAG K . -25.67 19.23 -36.72
O3 NAG K . -24.86 20.30 -39.27
O4 NAG K . -22.72 22.24 -39.08
O5 NAG K . -24.46 22.62 -35.90
O6 NAG K . -24.16 25.04 -36.49
O7 NAG K . -27.86 19.59 -36.37
C1 NAG K . -23.06 22.95 -40.29
C2 NAG K . -21.77 23.19 -41.07
C3 NAG K . -22.08 23.91 -42.38
C4 NAG K . -23.12 23.15 -43.18
C5 NAG K . -24.36 22.89 -42.31
C6 NAG K . -25.39 22.02 -43.00
C7 NAG K . -19.91 23.38 -39.49
C8 NAG K . -19.00 24.31 -38.74
N2 NAG K . -20.83 23.95 -40.27
O3 NAG K . -20.88 24.03 -43.15
O4 NAG K . -23.50 23.88 -44.32
O5 NAG K . -23.98 22.21 -41.11
O6 NAG K . -26.48 21.72 -42.14
O7 NAG K . -19.80 22.16 -39.39
C1 NAG L . -38.64 -1.91 -30.01
C2 NAG L . -38.11 -3.21 -30.59
C3 NAG L . -39.23 -4.02 -31.25
C4 NAG L . -40.46 -3.17 -31.54
C5 NAG L . -40.95 -2.38 -30.31
C6 NAG L . -42.03 -3.10 -29.54
C7 NAG L . -35.76 -3.35 -31.32
C8 NAG L . -35.51 -4.07 -30.03
N2 NAG L . -37.03 -2.96 -31.54
O3 NAG L . -39.57 -5.11 -30.41
O4 NAG L . -40.23 -2.28 -32.61
O5 NAG L . -39.87 -2.15 -29.40
O6 NAG L . -41.48 -3.96 -28.55
O7 NAG L . -34.87 -3.13 -32.13
C1 NAG L . -40.32 -3.00 -33.86
C2 NAG L . -41.16 -2.18 -34.84
C3 NAG L . -41.22 -2.88 -36.20
C4 NAG L . -39.81 -3.17 -36.70
C5 NAG L . -39.04 -3.96 -35.65
C6 NAG L . -37.59 -4.19 -36.04
C7 NAG L . -42.81 -0.95 -33.50
C8 NAG L . -44.23 -0.87 -33.06
N2 NAG L . -42.49 -1.96 -34.32
O3 NAG L . -41.90 -2.05 -37.12
O4 NAG L . -39.88 -3.94 -37.90
O5 NAG L . -39.02 -3.22 -34.41
O6 NAG L . -37.31 -5.57 -36.22
O7 NAG L . -41.96 -0.12 -33.14
C1 NAG M . -44.09 7.10 -11.52
C2 NAG M . -43.15 8.07 -12.20
C3 NAG M . -43.65 9.51 -12.09
C4 NAG M . -45.16 9.62 -12.29
C5 NAG M . -45.94 8.49 -11.66
C6 NAG M . -47.41 8.54 -12.07
C7 NAG M . -40.78 7.67 -12.29
C8 NAG M . -39.49 7.67 -11.52
N2 NAG M . -41.85 8.02 -11.59
O3 NAG M . -42.98 10.28 -13.09
O4 NAG M . -45.58 10.84 -11.68
O5 NAG M . -45.39 7.25 -12.08
O6 NAG M . -47.52 9.22 -13.32
O7 NAG M . -40.83 7.37 -13.46
C1 NAG M . -45.72 11.81 -12.73
C2 NAG M . -47.00 12.62 -12.57
C3 NAG M . -47.18 13.54 -13.79
C4 NAG M . -45.93 14.35 -14.06
C5 NAG M . -44.71 13.44 -14.12
C6 NAG M . -43.40 14.17 -14.29
C7 NAG M . -49.19 12.06 -11.62
C8 NAG M . -50.29 11.05 -11.57
N2 NAG M . -48.15 11.77 -12.41
O3 NAG M . -48.29 14.39 -13.57
O4 NAG M . -46.05 14.99 -15.32
O5 NAG M . -44.61 12.69 -12.91
O6 NAG M . -42.72 13.71 -15.45
O7 NAG M . -49.24 13.11 -10.98
C1 NAG N . -2.73 32.31 31.16
C2 NAG N . -2.59 33.43 32.17
C3 NAG N . -3.23 33.01 33.49
C4 NAG N . -4.67 32.56 33.27
C5 NAG N . -4.74 31.53 32.13
C6 NAG N . -6.17 31.19 31.74
C7 NAG N . -0.64 34.89 31.87
C8 NAG N . 0.81 35.10 32.16
N2 NAG N . -1.19 33.78 32.37
O3 NAG N . -3.19 34.12 34.39
O4 NAG N . -5.17 31.94 34.45
O5 NAG N . -4.09 32.03 30.96
O6 NAG N . -6.39 31.47 30.36
O7 NAG N . -1.30 35.71 31.21
C1 NAG N . -5.94 32.89 35.20
C2 NAG N . -7.00 32.15 35.99
C3 NAG N . -7.80 33.13 36.87
C4 NAG N . -6.85 33.93 37.75
C5 NAG N . -5.77 34.60 36.89
C6 NAG N . -4.72 35.30 37.72
C7 NAG N . -7.65 30.18 34.67
C8 NAG N . -8.68 29.57 33.77
N2 NAG N . -7.90 31.42 35.11
O3 NAG N . -8.72 32.41 37.66
O4 NAG N . -7.57 34.92 38.47
O5 NAG N . -5.09 33.62 36.10
O6 NAG N . -4.57 36.65 37.34
O7 NAG N . -6.63 29.57 34.99
C1 NAG O . 1.44 22.82 31.32
C2 NAG O . 0.42 21.72 30.89
C3 NAG O . -0.52 21.38 32.06
C4 NAG O . 0.30 20.97 33.27
C5 NAG O . 1.16 22.17 33.66
C6 NAG O . 1.96 21.98 34.93
C7 NAG O . -0.88 21.20 28.89
C8 NAG O . -1.62 21.76 27.71
N2 NAG O . -0.33 22.10 29.72
O3 NAG O . -1.41 20.36 31.68
O4 NAG O . -0.56 20.58 34.34
O5 NAG O . 2.07 22.45 32.59
O6 NAG O . 2.79 20.83 34.89
O7 NAG O . -0.78 19.99 29.07
C1 NAG O . -0.49 19.14 34.50
C2 NAG O . -1.31 18.81 35.75
C3 NAG O . -1.31 17.31 35.97
C4 NAG O . -1.85 16.60 34.73
C5 NAG O . -1.05 17.00 33.50
C6 NAG O . -1.62 16.43 32.22
C7 NAG O . -1.30 20.65 37.36
C8 NAG O . -0.66 21.23 38.58
N2 NAG O . -0.79 19.50 36.91
O3 NAG O . -2.10 16.99 37.11
O4 NAG O . -1.81 15.19 34.92
O5 NAG O . -1.03 18.42 33.36
O6 NAG O . -0.95 15.23 31.84
O7 NAG O . -2.25 21.20 36.78
C1 NAG P . -7.76 42.50 -15.20
C2 NAG P . -6.89 43.65 -14.68
C3 NAG P . -7.26 44.97 -15.37
C4 NAG P . -7.30 44.82 -16.88
C5 NAG P . -8.17 43.63 -17.28
C6 NAG P . -8.13 43.34 -18.76
C7 NAG P . -6.03 43.63 -12.38
C8 NAG P . -6.37 43.79 -10.93
N2 NAG P . -7.03 43.78 -13.24
O3 NAG P . -6.31 45.97 -15.02
O4 NAG P . -7.84 46.01 -17.47
O5 NAG P . -7.67 42.45 -16.63
O6 NAG P . -7.16 42.36 -19.07
O7 NAG P . -4.89 43.36 -12.75
C1 NAG P . -6.89 46.53 -18.43
C2 NAG P . -7.51 47.67 -19.22
C3 NAG P . -6.48 48.25 -20.19
C4 NAG P . -5.20 48.61 -19.46
C5 NAG P . -4.69 47.42 -18.64
C6 NAG P . -3.49 47.77 -17.79
C7 NAG P . -9.91 47.14 -19.39
C8 NAG P . -11.01 46.67 -20.29
N2 NAG P . -8.70 47.23 -19.95
O3 NAG P . -7.02 49.41 -20.83
O4 NAG P . -4.19 48.98 -20.41
O5 NAG P . -5.72 46.99 -17.75
O6 NAG P . -3.88 48.06 -16.45
O7 NAG P . -10.11 47.43 -18.21
C1 NAG Q . 21.37 -7.60 41.36
C2 NAG Q . 20.64 -8.95 41.45
C3 NAG Q . 20.70 -9.50 42.88
C4 NAG Q . 22.15 -9.58 43.37
C5 NAG Q . 22.80 -8.21 43.22
C6 NAG Q . 24.27 -8.20 43.60
C7 NAG Q . 18.67 -9.77 40.24
C8 NAG Q . 17.24 -9.51 39.86
N2 NAG Q . 19.27 -8.84 41.00
O3 NAG Q . 20.10 -10.78 42.92
O4 NAG Q . 22.15 -9.92 44.74
O5 NAG Q . 22.72 -7.74 41.87
O6 NAG Q . 25.11 -8.68 42.56
O7 NAG Q . 19.26 -10.78 39.87
C1 NAG Q . 22.80 -11.18 45.02
C2 NAG Q . 23.37 -11.10 46.43
C3 NAG Q . 24.07 -12.40 46.79
C4 NAG Q . 23.10 -13.57 46.64
C5 NAG Q . 22.53 -13.58 45.21
C6 NAG Q . 21.48 -14.65 45.01
C7 NAG Q . 24.15 -9.03 47.50
C8 NAG Q . 25.17 -7.94 47.48
N2 NAG Q . 24.29 -9.97 46.55
O3 NAG Q . 24.57 -12.31 48.12
O4 NAG Q . 23.75 -14.81 46.88
O5 NAG Q . 21.91 -12.32 44.93
O6 NAG Q . 20.25 -14.11 44.54
O7 NAG Q . 23.23 -9.07 48.32
C1 BMA Q . 23.74 -15.20 48.28
C2 BMA Q . 23.15 -16.64 48.44
C3 BMA Q . 23.27 -17.10 49.90
C4 BMA Q . 24.69 -16.89 50.44
C5 BMA Q . 25.12 -15.43 50.26
C6 BMA Q . 26.54 -15.16 50.74
O2 BMA Q . 23.88 -17.58 47.66
O3 BMA Q . 22.89 -18.46 50.06
O4 BMA Q . 24.73 -17.22 51.84
O5 BMA Q . 25.05 -15.13 48.84
O6 BMA Q . 26.58 -15.39 52.14
C1 NAG R . 34.98 19.21 22.46
C2 NAG R . 35.97 18.19 21.83
C3 NAG R . 37.42 18.66 22.00
C4 NAG R . 37.60 20.09 21.54
C5 NAG R . 36.61 20.98 22.28
C6 NAG R . 36.64 22.42 21.80
C7 NAG R . 35.23 15.82 21.82
C8 NAG R . 35.16 14.56 22.63
N2 NAG R . 35.79 16.88 22.44
O3 NAG R . 38.29 17.79 21.27
O4 NAG R . 38.94 20.54 21.79
O5 NAG R . 35.29 20.51 22.02
O6 NAG R . 36.44 22.48 20.40
O7 NAG R . 34.82 15.89 20.66
C1 NAG R . 39.49 21.07 20.56
C2 NAG R . 40.62 22.06 20.90
C3 NAG R . 41.24 22.59 19.60
C4 NAG R . 41.66 21.45 18.69
C5 NAG R . 40.47 20.52 18.45
C6 NAG R . 40.83 19.31 17.62
C7 NAG R . 40.08 23.12 23.04
C8 NAG R . 39.55 24.34 23.73
N2 NAG R . 40.14 23.16 21.70
O3 NAG R . 42.38 23.38 19.91
O4 NAG R . 42.10 21.96 17.43
O5 NAG R . 39.99 20.02 19.71
O6 NAG R . 41.53 19.68 16.44
O7 NAG R . 40.44 22.13 23.68
C1 NAG S . 41.78 10.01 -30.83
C2 NAG S . 42.90 9.66 -31.78
C3 NAG S . 44.13 9.25 -30.99
C4 NAG S . 44.52 10.34 -29.99
C5 NAG S . 43.31 10.77 -29.15
C6 NAG S . 43.58 11.99 -28.30
C7 NAG S . 42.36 8.81 -34.02
C8 NAG S . 41.90 7.62 -34.81
N2 NAG S . 42.50 8.62 -32.70
O3 NAG S . 45.21 9.01 -31.89
O4 NAG S . 45.54 9.87 -29.12
O5 NAG S . 42.18 11.09 -29.99
O6 NAG S . 42.62 12.16 -27.27
O7 NAG S . 42.60 9.89 -34.54
C1 NAG S . 46.84 10.30 -29.61
C2 NAG S . 47.88 10.14 -28.50
C3 NAG S . 49.26 10.56 -29.01
C4 NAG S . 49.61 9.81 -30.29
C5 NAG S . 48.49 9.95 -31.32
C6 NAG S . 48.72 9.09 -32.55
C7 NAG S . 47.10 10.33 -26.18
C8 NAG S . 46.77 11.26 -25.06
N2 NAG S . 47.52 10.89 -27.32
O3 NAG S . 50.23 10.29 -28.01
O4 NAG S . 50.82 10.32 -30.83
O5 NAG S . 47.24 9.55 -30.77
O6 NAG S . 49.28 9.83 -33.62
O7 NAG S . 46.98 9.11 -26.07
C1 NAG T . -0.24 22.86 23.63
C2 NAG T . -0.49 23.48 22.26
C3 NAG T . -1.71 24.40 22.31
C4 NAG T . -2.91 23.66 22.88
C5 NAG T . -2.54 23.06 24.24
C6 NAG T . -3.65 22.22 24.85
C7 NAG T . 1.03 24.22 20.48
C8 NAG T . 2.26 25.00 20.15
N2 NAG T . 0.67 24.20 21.77
O3 NAG T . -2.02 24.86 21.00
O4 NAG T . -4.00 24.56 23.03
O5 NAG T . -1.41 22.19 24.09
O6 NAG T . -3.54 20.85 24.45
O7 NAG T . 0.38 23.62 19.63
C1 NAG T . -5.13 24.00 22.32
C2 NAG T . -6.38 24.66 22.87
C3 NAG T . -7.61 24.10 22.19
C4 NAG T . -7.49 24.23 20.67
C5 NAG T . -6.15 23.66 20.18
C6 NAG T . -5.89 23.93 18.72
C7 NAG T . -6.42 25.47 25.19
C8 NAG T . -6.53 25.10 26.64
N2 NAG T . -6.47 24.47 24.31
O3 NAG T . -8.77 24.80 22.64
O4 NAG T . -8.55 23.52 20.04
O5 NAG T . -5.06 24.23 20.91
O6 NAG T . -5.29 25.19 18.53
O7 NAG T . -6.30 26.64 24.83
C1 BMA T . -9.41 24.45 19.35
C2 BMA T . -10.26 23.61 18.37
C3 BMA T . -11.23 24.52 17.64
C4 BMA T . -12.03 25.40 18.62
C5 BMA T . -11.09 26.14 19.60
C6 BMA T . -11.83 26.91 20.68
O2 BMA T . -11.05 22.67 19.09
O3 BMA T . -12.12 23.77 16.82
O4 BMA T . -12.78 26.37 17.89
O5 BMA T . -10.25 25.16 20.25
O6 BMA T . -12.46 25.96 21.54
C1 MAN T . -11.98 24.21 15.45
C2 MAN T . -13.22 23.70 14.66
C3 MAN T . -13.17 22.19 14.55
C4 MAN T . -11.85 21.76 13.90
C5 MAN T . -10.67 22.27 14.75
C6 MAN T . -9.34 21.99 14.10
O2 MAN T . -13.18 24.17 13.32
O3 MAN T . -14.26 21.68 13.78
O4 MAN T . -11.78 20.34 13.83
O5 MAN T . -10.77 23.71 14.89
O6 MAN T . -8.31 22.25 15.06
C1 MAN T . -14.34 25.00 13.05
C2 MAN T . -14.62 24.91 11.54
C3 MAN T . -13.48 25.58 10.77
C4 MAN T . -13.22 27.00 11.30
C5 MAN T . -12.97 26.97 12.82
C6 MAN T . -12.84 28.35 13.42
O2 MAN T . -15.80 25.62 11.18
O3 MAN T . -13.72 25.60 9.37
O4 MAN T . -12.08 27.55 10.65
O5 MAN T . -14.10 26.32 13.46
O6 MAN T . -14.13 28.77 13.87
C1 NAG U . 39.72 0.65 -24.74
C2 NAG U . 39.45 1.05 -23.28
C3 NAG U . 40.75 1.06 -22.48
C4 NAG U . 41.45 -0.28 -22.59
C5 NAG U . 41.70 -0.59 -24.07
C6 NAG U . 42.33 -1.95 -24.29
C7 NAG U . 37.52 2.50 -22.81
C8 NAG U . 37.01 3.91 -22.81
N2 NAG U . 38.79 2.35 -23.22
O3 NAG U . 40.45 1.34 -21.11
O4 NAG U . 42.69 -0.25 -21.88
O5 NAG U . 40.44 -0.59 -24.76
O6 NAG U . 41.47 -2.99 -23.88
O7 NAG U . 36.83 1.56 -22.46
C1 NAG U . 42.63 -1.23 -20.81
C2 NAG U . 44.06 -1.62 -20.43
C3 NAG U . 44.04 -2.62 -19.29
C4 NAG U . 43.23 -2.08 -18.11
C5 NAG U . 41.84 -1.65 -18.58
C6 NAG U . 41.02 -1.00 -17.49
C7 NAG U . 45.55 -1.42 -22.37
C8 NAG U . 46.21 -2.14 -23.51
N2 NAG U . 44.77 -2.16 -21.58
O3 NAG U . 45.38 -2.88 -18.86
O4 NAG U . 43.09 -3.09 -17.11
O5 NAG U . 41.95 -0.70 -19.66
O6 NAG U . 40.51 -1.96 -16.57
O7 NAG U . 45.72 -0.22 -22.17
C1 NAG V . -10.02 46.48 -0.16
C2 NAG V . -10.97 47.07 0.86
C3 NAG V . -12.42 46.85 0.42
C4 NAG V . -12.63 47.37 -0.99
C5 NAG V . -11.59 46.79 -1.94
C6 NAG V . -11.68 47.33 -3.35
C7 NAG V . -10.07 47.15 3.13
C8 NAG V . -9.94 46.44 4.44
N2 NAG V . -10.75 46.51 2.18
O3 NAG V . -13.27 47.53 1.35
O4 NAG V . -13.92 46.96 -1.44
O5 NAG V . -10.26 47.07 -1.45
O6 NAG V . -10.52 48.06 -3.73
O7 NAG V . -9.59 48.26 2.95
C1 NAG V . -14.81 48.08 -1.60
C2 NAG V . -16.00 47.61 -2.42
C3 NAG V . -16.99 48.76 -2.61
C4 NAG V . -17.39 49.34 -1.26
C5 NAG V . -16.14 49.74 -0.48
C6 NAG V . -16.45 50.24 0.92
C7 NAG V . -15.65 45.78 -4.01
C8 NAG V . -15.18 45.39 -5.38
N2 NAG V . -15.58 47.08 -3.70
O3 NAG V . -18.14 48.29 -3.29
O4 NAG V . -18.21 50.47 -1.44
O5 NAG V . -15.26 48.62 -0.34
O6 NAG V . -16.24 49.22 1.90
O7 NAG V . -16.06 44.95 -3.21
C1 NAG W . 3.78 36.84 -29.92
C2 NAG W . 3.89 36.42 -31.38
C3 NAG W . 3.73 37.66 -32.28
C4 NAG W . 2.48 38.45 -31.91
C5 NAG W . 2.39 38.70 -30.41
C6 NAG W . 1.07 39.28 -29.98
C7 NAG W . 5.39 34.99 -32.70
C8 NAG W . 6.75 34.40 -32.80
N2 NAG W . 5.15 35.77 -31.63
O3 NAG W . 3.65 37.25 -33.64
O4 NAG W . 2.52 39.73 -32.56
O5 NAG W . 2.53 37.46 -29.70
O6 NAG W . 0.25 38.29 -29.37
O7 NAG W . 4.52 34.79 -33.55
C1 NAG W . 1.33 39.85 -33.37
C2 NAG W . 1.00 41.34 -33.58
C3 NAG W . -0.22 41.47 -34.50
C4 NAG W . -0.02 40.67 -35.78
C5 NAG W . 0.36 39.23 -35.45
C6 NAG W . 0.68 38.40 -36.67
C7 NAG W . 1.61 42.89 -31.78
C8 NAG W . 1.18 43.49 -30.47
N2 NAG W . 0.76 42.01 -32.32
O3 NAG W . -0.41 42.85 -34.81
O4 NAG W . -1.23 40.67 -36.54
O5 NAG W . 1.53 39.22 -34.64
O6 NAG W . 0.24 37.05 -36.51
O7 NAG W . 2.66 43.20 -32.32
C1 NAG X . -1.37 39.96 26.69
C2 NAG X . -2.85 39.61 26.82
C3 NAG X . -3.72 40.81 26.49
C4 NAG X . -3.32 42.00 27.35
C5 NAG X . -1.85 42.29 27.18
C6 NAG X . -1.35 43.41 28.08
C7 NAG X . -3.51 37.28 26.49
C8 NAG X . -3.83 36.21 25.49
N2 NAG X . -3.18 38.47 25.98
O3 NAG X . -5.08 40.46 26.73
O4 NAG X . -4.07 43.17 27.00
O5 NAG X . -1.08 41.12 27.50
O6 NAG X . -0.15 43.07 28.75
O7 NAG X . -3.55 37.07 27.70
C1 NAG X . -5.19 43.30 27.89
C2 NAG X . -5.61 44.78 27.98
C3 NAG X . -6.88 44.92 28.81
C4 NAG X . -7.97 43.99 28.31
C5 NAG X . -7.44 42.56 28.25
C6 NAG X . -8.43 41.58 27.66
C7 NAG X . -3.77 46.39 27.78
C8 NAG X . -2.72 47.18 28.51
N2 NAG X . -4.54 45.59 28.53
O3 NAG X . -7.32 46.27 28.79
O4 NAG X . -9.10 44.04 29.17
O5 NAG X . -6.28 42.51 27.41
O6 NAG X . -9.31 41.10 28.67
O7 NAG X . -3.92 46.48 26.56
C1 NAG Y . 36.31 -35.07 -12.41
C2 NAG Y . 36.44 -35.18 -10.89
C3 NAG Y . 37.72 -35.92 -10.52
C4 NAG Y . 37.81 -37.25 -11.25
C5 NAG Y . 37.63 -37.03 -12.76
C6 NAG Y . 37.58 -38.31 -13.54
C7 NAG Y . 36.08 -33.65 -8.99
C8 NAG Y . 36.12 -32.22 -8.53
N2 NAG Y . 36.42 -33.86 -10.27
O3 NAG Y . 37.76 -36.15 -9.12
O4 NAG Y . 39.06 -37.86 -11.00
O5 NAG Y . 36.39 -36.36 -12.99
O6 NAG Y . 36.28 -38.49 -14.09
O7 NAG Y . 35.74 -34.56 -8.25
C1 NAG Y . 38.79 -39.12 -10.35
C2 NAG Y . 39.77 -40.18 -10.85
C3 NAG Y . 39.52 -41.50 -10.16
C4 NAG Y . 39.56 -41.32 -8.65
C5 NAG Y . 38.61 -40.21 -8.21
C6 NAG Y . 38.68 -39.89 -6.73
C7 NAG Y . 40.69 -40.05 -13.13
C8 NAG Y . 40.41 -40.29 -14.59
N2 NAG Y . 39.68 -40.34 -12.29
O3 NAG Y . 40.50 -42.45 -10.58
O4 NAG Y . 39.19 -42.53 -7.99
O5 NAG Y . 38.92 -39.00 -8.92
O6 NAG Y . 37.57 -39.14 -6.31
O7 NAG Y . 41.77 -39.63 -12.73
C1 BMA Y . 40.41 -43.17 -7.55
C2 BMA Y . 40.17 -43.70 -6.13
C3 BMA Y . 41.39 -44.51 -5.69
C4 BMA Y . 41.79 -45.56 -6.76
C5 BMA Y . 41.98 -44.86 -8.11
C6 BMA Y . 42.33 -45.82 -9.24
O2 BMA Y . 39.06 -44.58 -6.10
O3 BMA Y . 41.17 -45.16 -4.44
O4 BMA Y . 42.99 -46.20 -6.39
O5 BMA Y . 40.76 -44.20 -8.45
O6 BMA Y . 41.18 -46.63 -9.48
C1 NAG Z . 18.04 42.48 19.62
C2 NAG Z . 17.28 42.48 18.29
C3 NAG Z . 18.05 43.29 17.25
C4 NAG Z . 18.31 44.70 17.77
C5 NAG Z . 19.07 44.61 19.10
C6 NAG Z . 19.30 45.95 19.74
C7 NAG Z . 15.89 40.72 17.28
C8 NAG Z . 15.82 39.29 16.86
N2 NAG Z . 17.05 41.13 17.82
O3 NAG Z . 17.30 43.34 16.05
O4 NAG Z . 19.04 45.47 16.84
O5 NAG Z . 18.30 43.83 20.03
O6 NAG Z . 18.89 45.97 21.10
O7 NAG Z . 14.94 41.49 17.16
C1 NAG Z . 18.11 46.41 16.26
C2 NAG Z . 18.79 47.77 16.07
C3 NAG Z . 17.83 48.75 15.41
C4 NAG Z . 17.26 48.17 14.12
C5 NAG Z . 16.66 46.79 14.38
C6 NAG Z . 16.20 46.09 13.12
C7 NAG Z . 20.56 48.55 17.58
C8 NAG Z . 20.87 49.10 18.94
N2 NAG Z . 19.27 48.30 17.34
O3 NAG Z . 18.50 49.97 15.14
O4 NAG Z . 16.26 49.02 13.60
O5 NAG Z . 17.64 45.94 14.99
O6 NAG Z . 17.14 46.25 12.07
O7 NAG Z . 21.43 48.34 16.75
C1 NAG AA . 16.83 -21.80 -39.25
C2 NAG AA . 15.89 -22.96 -38.91
C3 NAG AA . 15.47 -23.71 -40.19
C4 NAG AA . 14.93 -22.75 -41.25
C5 NAG AA . 15.94 -21.63 -41.48
C6 NAG AA . 15.43 -20.56 -42.42
C7 NAG AA . 16.52 -23.73 -36.65
C8 NAG AA . 17.24 -24.78 -35.87
N2 NAG AA . 16.53 -23.88 -37.97
O3 NAG AA . 14.49 -24.70 -39.87
O4 NAG AA . 14.71 -23.47 -42.46
O5 NAG AA . 16.24 -20.98 -40.25
O6 NAG AA . 15.70 -20.86 -43.78
O7 NAG AA . 15.94 -22.79 -36.10
C1 NAG AA . 13.40 -23.14 -43.00
C2 NAG AA . 13.38 -23.52 -44.49
C3 NAG AA . 12.02 -23.17 -45.10
C4 NAG AA . 10.89 -23.79 -44.27
C5 NAG AA . 11.03 -23.42 -42.80
C6 NAG AA . 9.99 -24.09 -41.92
C7 NAG AA . 15.65 -23.42 -45.43
C8 NAG AA . 16.63 -22.60 -46.20
N2 NAG AA . 14.44 -22.86 -45.21
O3 NAG AA . 11.94 -23.64 -46.44
O4 NAG AA . 9.63 -23.34 -44.76
O5 NAG AA . 12.32 -23.82 -42.31
O6 NAG AA . 8.71 -24.08 -42.53
O7 NAG AA . 15.92 -24.53 -44.99
C1 NAG BA . 25.44 9.37 -45.64
C2 NAG BA . 24.29 10.10 -46.35
C3 NAG BA . 24.24 9.72 -47.85
C4 NAG BA . 25.60 9.88 -48.50
C5 NAG BA . 26.63 9.06 -47.74
C6 NAG BA . 28.02 9.24 -48.27
C7 NAG BA . 22.00 10.60 -45.58
C8 NAG BA . 20.78 10.03 -44.92
N2 NAG BA . 23.02 9.76 -45.72
O3 NAG BA . 23.26 10.48 -48.53
O4 NAG BA . 25.57 9.46 -49.86
O5 NAG BA . 26.65 9.52 -46.39
O6 NAG BA . 28.34 10.63 -48.32
O7 NAG BA . 22.04 11.77 -45.95
C1 NAG BA . 25.79 10.67 -50.62
C2 NAG BA . 26.34 10.35 -52.03
C3 NAG BA . 26.46 11.63 -52.85
C4 NAG BA . 25.15 12.42 -52.84
C5 NAG BA . 24.71 12.65 -51.40
C6 NAG BA . 23.38 13.36 -51.29
C7 NAG BA . 27.79 8.38 -52.17
C8 NAG BA . 29.20 7.86 -52.05
N2 NAG BA . 27.63 9.68 -51.94
O3 NAG BA . 26.80 11.30 -54.20
O4 NAG BA . 25.33 13.67 -53.48
O5 NAG BA . 24.56 11.38 -50.74
O6 NAG BA . 23.42 14.37 -50.29
O7 NAG BA . 26.86 7.63 -52.46
C1 NAG CA . 33.31 5.22 -23.24
C2 NAG CA . 32.25 6.31 -23.39
C3 NAG CA . 32.90 7.69 -23.42
C4 NAG CA . 33.80 7.87 -22.20
C5 NAG CA . 34.80 6.72 -22.11
C6 NAG CA . 35.67 6.76 -20.89
C7 NAG CA . 30.19 6.49 -24.72
C8 NAG CA . 29.54 6.19 -26.05
N2 NAG CA . 31.46 6.10 -24.60
O3 NAG CA . 31.88 8.69 -23.42
O4 NAG CA . 34.49 9.11 -22.30
O5 NAG CA . 34.08 5.47 -22.07
O6 NAG CA . 34.89 6.82 -19.71
O7 NAG CA . 29.59 7.06 -23.82
C1 NAG CA . 34.25 9.92 -21.11
C2 NAG CA . 35.38 10.93 -21.00
C3 NAG CA . 35.17 11.80 -19.76
C4 NAG CA . 33.77 12.43 -19.77
C5 NAG CA . 32.71 11.36 -19.99
C6 NAG CA . 31.32 11.93 -20.16
C7 NAG CA . 37.59 10.41 -21.91
C8 NAG CA . 38.88 9.67 -21.70
N2 NAG CA . 36.68 10.28 -20.95
O3 NAG CA . 36.16 12.82 -19.72
O4 NAG CA . 33.54 13.07 -18.53
O5 NAG CA . 32.99 10.60 -21.18
O6 NAG CA . 31.01 12.13 -21.54
O7 NAG CA . 37.41 11.11 -22.90
C1 BMA CA . 33.37 14.49 -18.71
C2 BMA CA . 32.63 15.04 -17.48
C3 BMA CA . 32.56 16.56 -17.54
C4 BMA CA . 33.93 17.18 -17.85
C5 BMA CA . 34.53 16.54 -19.11
C6 BMA CA . 35.91 17.05 -19.46
O2 BMA CA . 33.34 14.71 -16.29
O3 BMA CA . 32.06 17.10 -16.31
O4 BMA CA . 33.80 18.58 -18.06
O5 BMA CA . 34.63 15.12 -18.89
O6 BMA CA . 36.85 16.40 -18.62
C1 MAN CA . 30.84 17.84 -16.57
C2 MAN CA . 30.55 18.71 -15.34
C3 MAN CA . 30.24 17.81 -14.16
C4 MAN CA . 29.06 16.90 -14.49
C5 MAN CA . 29.36 16.07 -15.76
C6 MAN CA . 28.17 15.28 -16.24
O2 MAN CA . 29.38 19.48 -15.53
O3 MAN CA . 29.97 18.56 -12.98
O4 MAN CA . 28.79 16.02 -13.42
O5 MAN CA . 29.76 16.96 -16.84
O6 MAN CA . 28.57 14.48 -17.35
C1 MAN CA . 29.66 20.88 -15.37
C2 MAN CA . 28.35 21.57 -14.91
C3 MAN CA . 27.33 21.58 -16.05
C4 MAN CA . 27.96 22.14 -17.34
C5 MAN CA . 29.23 21.35 -17.69
C6 MAN CA . 29.95 21.87 -18.92
O2 MAN CA . 28.56 22.94 -14.56
O3 MAN CA . 26.16 22.31 -15.72
O4 MAN CA . 27.04 22.05 -18.41
O5 MAN CA . 30.15 21.43 -16.58
O6 MAN CA . 30.86 22.87 -18.50
C1 NAG DA . 19.02 35.06 -33.84
C2 NAG DA . 20.44 35.62 -33.84
C3 NAG DA . 20.59 36.68 -32.76
C4 NAG DA . 19.48 37.73 -32.86
C5 NAG DA . 18.12 37.06 -32.94
C6 NAG DA . 17.00 38.04 -33.20
C7 NAG DA . 22.06 33.97 -34.66
C8 NAG DA . 23.05 32.91 -34.28
N2 NAG DA . 21.43 34.56 -33.65
O3 NAG DA . 21.87 37.30 -32.86
O4 NAG DA . 19.53 38.57 -31.71
O5 NAG DA . 18.09 36.11 -34.00
O6 NAG DA . 16.48 37.87 -34.52
O7 NAG DA . 21.86 34.27 -35.84
C1 NAG DA . 19.80 39.94 -32.10
C2 NAG DA . 19.50 40.84 -30.91
C3 NAG DA . 19.82 42.30 -31.26
C4 NAG DA . 21.24 42.41 -31.78
C5 NAG DA . 21.48 41.44 -32.92
C6 NAG DA . 22.91 41.41 -33.39
C7 NAG DA . 17.73 39.89 -29.49
C8 NAG DA . 16.26 39.88 -29.18
N2 NAG DA . 18.12 40.71 -30.48
O3 NAG DA . 19.65 43.11 -30.11
O4 NAG DA . 21.48 43.74 -32.24
O5 NAG DA . 21.16 40.10 -32.50
O6 NAG DA . 23.12 40.39 -34.37
O7 NAG DA . 18.53 39.19 -28.88
C1 NAG EA . 39.08 14.13 -37.35
C2 NAG EA . 39.65 15.02 -36.26
C3 NAG EA . 39.75 16.46 -36.76
C4 NAG EA . 40.57 16.51 -38.03
C5 NAG EA . 39.98 15.56 -39.07
C6 NAG EA . 40.81 15.47 -40.32
C7 NAG EA . 39.11 14.04 -34.08
C8 NAG EA . 38.21 14.08 -32.90
N2 NAG EA . 38.87 14.94 -35.04
O3 NAG EA . 40.33 17.27 -35.74
O4 NAG EA . 40.63 17.83 -38.56
O5 NAG EA . 39.89 14.23 -38.53
O6 NAG EA . 40.49 14.31 -41.07
O7 NAG EA . 40.01 13.22 -34.18
C1 NAG EA . 41.88 18.42 -38.15
C2 NAG EA . 42.23 19.60 -39.07
C3 NAG EA . 43.51 20.28 -38.58
C4 NAG EA . 43.40 20.65 -37.11
C5 NAG EA . 43.01 19.43 -36.29
C6 NAG EA . 42.78 19.76 -34.83
C7 NAG EA . 41.34 18.96 -41.27
C8 NAG EA . 41.68 18.50 -42.66
N2 NAG EA . 42.38 19.15 -40.45
O3 NAG EA . 43.75 21.45 -39.37
O4 NAG EA . 44.65 21.15 -36.65
O5 NAG EA . 41.79 18.88 -36.79
O6 NAG EA . 43.80 19.22 -34.01
O7 NAG EA . 40.19 19.15 -40.91
C1 NAG FA . 25.28 5.41 -49.09
C2 NAG FA . 24.16 6.13 -48.35
C3 NAG FA . 22.89 6.30 -49.18
C4 NAG FA . 23.26 6.73 -50.59
C5 NAG FA . 24.18 5.67 -51.15
C6 NAG FA . 24.36 5.83 -52.65
C7 NAG FA . 23.05 5.87 -46.20
C8 NAG FA . 22.03 4.93 -45.66
N2 NAG FA . 23.84 5.39 -47.15
O3 NAG FA . 22.05 7.29 -48.56
O4 NAG FA . 22.11 6.87 -51.43
O5 NAG FA . 25.41 5.81 -50.45
O6 NAG FA . 25.62 5.29 -53.04
O7 NAG FA . 23.15 7.03 -45.80
C1 NAG FA . 21.79 8.27 -51.46
C2 NAG FA . 21.48 8.75 -52.87
C3 NAG FA . 21.30 10.26 -52.84
C4 NAG FA . 20.22 10.64 -51.84
C5 NAG FA . 20.49 10.01 -50.47
C6 NAG FA . 19.36 10.19 -49.48
C7 NAG FA . 22.31 7.88 -55.02
C8 NAG FA . 23.53 7.52 -55.84
N2 NAG FA . 22.54 8.37 -53.80
O3 NAG FA . 20.96 10.76 -54.14
O4 NAG FA . 20.20 12.05 -51.66
O5 NAG FA . 20.67 8.59 -50.60
O6 NAG FA . 18.23 10.81 -50.09
O7 NAG FA . 21.17 7.73 -55.46
C1 NAG GA . -35.13 -10.60 -28.04
C2 NAG GA . -36.54 -11.13 -28.33
C3 NAG GA . -36.49 -12.63 -28.63
C4 NAG GA . -35.48 -12.91 -29.73
C5 NAG GA . -34.12 -12.31 -29.35
C6 NAG GA . -33.08 -12.47 -30.44
C7 NAG GA . -37.93 -9.65 -26.95
C8 NAG GA . -38.84 -9.56 -25.75
N2 NAG GA . -37.44 -10.86 -27.21
O3 NAG GA . -37.78 -13.07 -29.03
O4 NAG GA . -35.35 -14.31 -29.94
O5 NAG GA . -34.28 -10.91 -29.12
O6 NAG GA . -32.37 -11.25 -30.65
O7 NAG GA . -37.67 -8.67 -27.63
C1 NAG GA . -35.79 -14.58 -31.28
C2 NAG GA . -35.34 -15.98 -31.69
C3 NAG GA . -35.84 -16.31 -33.09
C4 NAG GA . -37.35 -16.11 -33.18
C5 NAG GA . -37.73 -14.71 -32.69
C6 NAG GA . -39.22 -14.49 -32.63
C7 NAG GA . -33.22 -16.40 -30.51
C8 NAG GA . -31.73 -16.48 -30.63
N2 NAG GA . -33.89 -16.10 -31.63
O3 NAG GA . -35.51 -17.65 -33.42
O4 NAG GA . -37.78 -16.27 -34.52
O5 NAG GA . -37.23 -14.51 -31.37
O6 NAG GA . -39.75 -14.81 -31.35
O7 NAG GA . -33.80 -16.62 -29.44
C1 NAG HA . -29.61 -16.36 -19.67
C2 NAG HA . -28.16 -16.58 -20.11
C3 NAG HA . -28.04 -17.86 -20.93
C4 NAG HA . -28.61 -19.04 -20.17
C5 NAG HA . -30.05 -18.73 -19.77
C6 NAG HA . -30.69 -19.82 -18.92
C7 NAG HA . -26.67 -14.65 -20.46
C8 NAG HA . -26.31 -13.53 -21.37
N2 NAG HA . -27.68 -15.43 -20.87
O3 NAG HA . -26.66 -18.10 -21.22
O4 NAG HA . -28.57 -20.22 -20.97
O5 NAG HA . -30.10 -17.53 -18.99
O6 NAG HA . -29.94 -20.06 -17.74
O7 NAG HA . -26.09 -14.85 -19.40
C1 NAG HA . -27.69 -21.18 -20.35
C2 NAG HA . -28.00 -22.55 -20.93
C3 NAG HA . -27.08 -23.61 -20.33
C4 NAG HA . -25.62 -23.19 -20.48
C5 NAG HA . -25.40 -21.78 -19.94
C6 NAG HA . -24.01 -21.25 -20.18
C7 NAG HA . -30.35 -22.68 -21.62
C8 NAG HA . -31.73 -23.13 -21.24
N2 NAG HA . -29.39 -22.91 -20.73
O3 NAG HA . -27.29 -24.86 -20.97
O4 NAG HA . -24.78 -24.09 -19.79
O5 NAG HA . -26.31 -20.86 -20.57
O6 NAG HA . -23.25 -21.24 -18.98
O7 NAG HA . -30.12 -22.16 -22.71
C1 NAG IA . -14.49 32.04 -29.97
C2 NAG IA . -15.95 32.33 -29.55
C3 NAG IA . -16.47 33.58 -30.25
C4 NAG IA . -15.52 34.75 -30.06
C5 NAG IA . -14.09 34.36 -30.45
C6 NAG IA . -13.08 35.43 -30.14
C7 NAG IA . -17.96 30.95 -29.21
C8 NAG IA . -18.71 29.73 -29.64
N2 NAG IA . -16.81 31.19 -29.84
O3 NAG IA . -17.76 33.91 -29.76
O4 NAG IA . -15.93 35.83 -30.91
O5 NAG IA . -13.70 33.19 -29.71
O6 NAG IA . -12.45 35.20 -28.88
O7 NAG IA . -18.38 31.69 -28.31
C1 NAG IA . -16.30 36.97 -30.12
C2 NAG IA . -16.42 38.15 -31.10
C3 NAG IA . -16.85 39.40 -30.34
C4 NAG IA . -18.13 39.14 -29.56
C5 NAG IA . -17.95 37.93 -28.65
C6 NAG IA . -19.21 37.54 -27.93
C7 NAG IA . -14.95 37.91 -33.04
C8 NAG IA . -13.61 38.22 -33.62
N2 NAG IA . -15.18 38.37 -31.80
O3 NAG IA . -17.06 40.46 -31.28
O4 NAG IA . -18.47 40.27 -28.78
O5 NAG IA . -17.55 36.79 -29.43
O6 NAG IA . -18.97 36.54 -26.94
O7 NAG IA . -15.79 37.26 -33.65
C1 NAG JA . -21.60 -38.93 8.79
C2 NAG JA . -20.21 -39.31 9.25
C3 NAG JA . -20.19 -40.80 9.54
C4 NAG JA . -21.28 -41.15 10.54
C5 NAG JA . -22.62 -40.46 10.25
C6 NAG JA . -23.53 -40.55 11.47
C7 NAG JA . -18.39 -37.96 8.53
C8 NAG JA . -17.80 -37.23 7.36
N2 NAG JA . -19.23 -38.95 8.25
O3 NAG JA . -18.92 -41.17 10.06
O4 NAG JA . -21.49 -42.56 10.46
O5 NAG JA . -22.44 -39.09 9.92
O6 NAG JA . -22.73 -40.47 12.66
O7 NAG JA . -18.14 -37.65 9.67
C1 NAG JA . -21.14 -43.27 11.65
C2 NAG JA . -22.18 -44.39 11.68
C3 NAG JA . -21.84 -45.40 12.78
C4 NAG JA . -20.43 -45.93 12.61
C5 NAG JA . -19.43 -44.77 12.50
C6 NAG JA . -18.03 -45.23 12.15
C7 NAG JA . -24.54 -44.15 11.06
C8 NAG JA . -25.86 -43.52 11.41
N2 NAG JA . -23.52 -43.86 11.88
O3 NAG JA . -22.79 -46.46 12.74
O4 NAG JA . -20.07 -46.72 13.73
O5 NAG JA . -19.82 -43.85 11.48
O6 NAG JA . -17.68 -44.87 10.82
O7 NAG JA . -24.40 -44.88 10.09
C1 BMA JA . -20.20 -48.14 13.50
C2 BMA JA . -18.86 -48.83 13.86
C3 BMA JA . -19.00 -50.35 13.76
C4 BMA JA . -20.22 -50.85 14.54
C5 BMA JA . -21.48 -50.12 14.06
C6 BMA JA . -22.73 -50.51 14.82
O2 BMA JA . -18.49 -48.53 15.19
O3 BMA JA . -17.82 -51.02 14.22
O4 BMA JA . -20.38 -52.25 14.35
O5 BMA JA . -21.27 -48.69 14.24
O6 BMA JA . -22.66 -49.96 16.12
C1 NAG KA . -37.46 -6.31 13.07
C2 NAG KA . -37.99 -7.55 13.75
C3 NAG KA . -39.21 -7.24 14.60
C4 NAG KA . -38.95 -6.06 15.53
C5 NAG KA . -38.18 -4.94 14.82
C6 NAG KA . -36.72 -4.90 15.25
C7 NAG KA . -37.44 -8.95 11.84
C8 NAG KA . -37.99 -9.23 10.47
N2 NAG KA . -38.33 -8.54 12.74
O3 NAG KA . -39.54 -8.38 15.39
O4 NAG KA . -40.20 -5.53 15.99
O5 NAG KA . -38.25 -5.17 13.42
O6 NAG KA . -36.26 -3.55 15.21
O7 NAG KA . -36.25 -9.07 12.09
C1 NAG LA . -38.66 -3.53 18.15
C2 NAG LA . -38.77 -3.67 19.67
C3 NAG LA . -38.25 -2.42 20.36
C4 NAG LA . -36.90 -1.98 19.79
C5 NAG LA . -36.87 -2.05 18.27
C6 NAG LA . -35.47 -1.73 17.74
C7 NAG LA . -40.91 -4.79 19.38
C8 NAG LA . -42.13 -4.23 18.72
N2 NAG LA . -40.15 -3.91 20.03
O3 NAG LA . -38.10 -2.70 21.75
O4 NAG LA . -36.65 -0.65 20.21
O5 NAG LA . -37.29 -3.33 17.84
O6 NAG LA . -34.78 -2.97 17.47
O7 NAG LA . -40.63 -5.97 19.35
C1 NAG MA . 27.80 -22.97 -32.58
C2 NAG MA . 27.93 -24.16 -31.65
C3 NAG MA . 27.14 -25.36 -32.18
C4 NAG MA . 25.71 -24.94 -32.48
C5 NAG MA . 25.69 -23.71 -33.38
C6 NAG MA . 24.30 -23.20 -33.65
C7 NAG MA . 29.83 -24.86 -30.24
C8 NAG MA . 31.29 -25.21 -30.21
N2 NAG MA . 29.32 -24.52 -31.43
O3 NAG MA . 27.17 -26.42 -31.24
O4 NAG MA . 25.02 -26.02 -33.14
O5 NAG MA . 26.43 -22.65 -32.76
O6 NAG MA . 23.33 -24.21 -33.37
O7 NAG MA . 29.14 -24.88 -29.22
C1 NAG NA . 32.11 3.11 -51.36
C2 NAG NA . 32.62 4.53 -51.15
C3 NAG NA . 33.03 5.12 -52.49
C4 NAG NA . 34.07 4.23 -53.16
C5 NAG NA . 33.51 2.80 -53.27
C6 NAG NA . 34.50 1.82 -53.84
C7 NAG NA . 31.83 6.02 -49.37
C8 NAG NA . 30.68 6.80 -48.83
N2 NAG NA . 31.61 5.34 -50.50
O3 NAG NA . 33.59 6.41 -52.29
O4 NAG NA . 34.39 4.71 -54.46
O5 NAG NA . 33.14 2.32 -51.96
O6 NAG NA . 33.83 0.62 -54.22
O7 NAG NA . 32.93 6.01 -48.82
C1 NAG OA . 34.21 28.65 -25.55
C2 NAG OA . 35.72 28.62 -25.27
C3 NAG OA . 36.01 29.13 -23.85
C4 NAG OA . 35.33 30.47 -23.59
C5 NAG OA . 33.85 30.40 -23.94
C6 NAG OA . 33.18 31.75 -23.83
C7 NAG OA . 36.69 26.78 -26.58
C8 NAG OA . 37.19 25.36 -26.53
N2 NAG OA . 36.26 27.28 -25.43
O3 NAG OA . 37.43 29.27 -23.68
O4 NAG OA . 35.47 30.79 -22.21
O5 NAG OA . 33.69 29.97 -25.30
O6 NAG OA . 33.81 32.68 -24.69
O7 NAG OA . 36.69 27.43 -27.63
C1 NAG PA . 3.13 14.39 -36.56
C2 NAG PA . 2.48 13.37 -37.48
C3 NAG PA . 3.42 12.85 -38.55
C4 NAG PA . 4.17 13.99 -39.22
C5 NAG PA . 4.84 14.83 -38.15
C6 NAG PA . 5.62 15.98 -38.79
C7 NAG PA . 0.95 12.32 -35.90
C8 NAG PA . 0.95 11.40 -34.73
N2 NAG PA . 2.01 12.23 -36.71
O3 NAG PA . 2.67 12.14 -39.54
O4 NAG PA . 5.14 13.49 -40.12
O5 NAG PA . 3.85 15.36 -37.31
O6 NAG PA . 4.71 16.73 -39.60
O7 NAG PA . 0.05 13.11 -36.11
C1 NAG QA . 16.83 28.00 -44.99
C2 NAG QA . 16.01 28.51 -46.17
C3 NAG QA . 15.52 27.32 -47.02
C4 NAG QA . 16.72 26.52 -47.49
C5 NAG QA . 17.53 26.05 -46.28
C6 NAG QA . 18.78 25.32 -46.65
C7 NAG QA . 14.84 30.64 -45.94
C8 NAG QA . 15.98 31.22 -46.71
N2 NAG QA . 14.88 29.32 -45.73
O3 NAG QA . 14.79 27.82 -48.13
O4 NAG QA . 16.28 25.36 -48.22
O5 NAG QA . 17.91 27.18 -45.49
O6 NAG QA . 19.34 25.78 -47.87
O7 NAG QA . 13.89 31.33 -45.56
C1 NAG RA . 1.78 52.02 2.27
C2 NAG RA . 2.26 53.21 1.45
C3 NAG RA . 3.79 53.24 1.39
C4 NAG RA . 4.39 53.17 2.77
C5 NAG RA . 3.83 51.96 3.53
C6 NAG RA . 4.26 51.95 4.98
C7 NAG RA . 0.99 54.17 -0.43
C8 NAG RA . 0.81 55.39 0.43
N2 NAG RA . 1.69 53.17 0.11
O3 NAG RA . 4.22 54.43 0.73
O4 NAG RA . 5.81 53.05 2.71
O5 NAG RA . 2.41 52.03 3.53
O6 NAG RA . 3.55 52.95 5.71
O7 NAG RA . 0.53 54.10 -1.56
C1 NAG SA . 27.35 14.57 31.55
C2 NAG SA . 27.58 13.23 32.26
C3 NAG SA . 29.05 12.86 32.23
C4 NAG SA . 29.57 12.89 30.80
C5 NAG SA . 29.27 14.23 30.14
C6 NAG SA . 29.65 14.29 28.69
C7 NAG SA . 26.51 12.24 34.24
C8 NAG SA . 26.07 12.46 35.65
N2 NAG SA . 27.09 13.28 33.63
O3 NAG SA . 29.24 11.56 32.79
O4 NAG SA . 30.99 12.67 30.79
O5 NAG SA . 27.86 14.49 30.21
O6 NAG SA . 30.26 13.08 28.25
O7 NAG SA . 26.33 11.17 33.66
C1 NAG TA . 16.85 44.97 27.53
C2 NAG TA . 15.61 45.82 27.24
C3 NAG TA . 15.90 47.29 27.51
C4 NAG TA . 16.44 47.46 28.94
C5 NAG TA . 17.64 46.55 29.16
C6 NAG TA . 18.16 46.57 30.57
C7 NAG TA . 14.01 45.07 25.53
C8 NAG TA . 13.72 44.98 24.07
N2 NAG TA . 15.18 45.64 25.86
O3 NAG TA . 14.71 48.05 27.36
O4 NAG TA . 16.84 48.81 29.15
O5 NAG TA . 17.28 45.19 28.88
O6 NAG TA . 19.48 46.04 30.65
O7 NAG TA . 13.23 44.64 26.38
C1 NAG UA . -16.49 38.39 14.78
C2 NAG UA . -17.09 38.32 16.19
C3 NAG UA . -18.35 37.46 16.17
C4 NAG UA . -19.32 37.96 15.11
C5 NAG UA . -18.64 38.06 13.76
C6 NAG UA . -19.51 38.70 12.70
C7 NAG UA . -15.58 38.55 18.10
C8 NAG UA . -14.61 37.86 19.01
N2 NAG UA . -16.13 37.80 17.14
O3 NAG UA . -18.95 37.48 17.45
O4 NAG UA . -20.43 37.08 15.02
O5 NAG UA . -17.47 38.89 13.85
O6 NAG UA . -19.81 40.05 13.01
O7 NAG UA . -15.85 39.74 18.23
C1 NAG VA . 13.23 35.56 -5.86
C2 NAG VA . 14.70 35.16 -5.89
C3 NAG VA . 15.41 35.63 -4.62
C4 NAG VA . 15.19 37.12 -4.41
C5 NAG VA . 13.70 37.44 -4.43
C6 NAG VA . 13.40 38.92 -4.34
C7 NAG VA . 15.44 33.16 -7.11
C8 NAG VA . 15.49 31.66 -7.11
N2 NAG VA . 14.85 33.72 -6.05
O3 NAG VA . 16.80 35.35 -4.73
O4 NAG VA . 15.74 37.53 -3.16
O5 NAG VA . 13.12 36.98 -5.65
O6 NAG VA . 13.40 39.53 -5.62
O7 NAG VA . 15.91 33.83 -8.03
C1 NAG WA . -34.57 -17.35 7.26
C2 NAG WA . -34.14 -18.65 7.94
C3 NAG WA . -34.45 -18.58 9.43
C4 NAG WA . -33.84 -17.33 10.05
C5 NAG WA . -34.27 -16.09 9.27
C6 NAG WA . -33.63 -14.81 9.78
C7 NAG WA . -34.19 -20.99 7.24
C8 NAG WA . -34.97 -22.08 6.59
N2 NAG WA . -34.78 -19.80 7.33
O3 NAG WA . -33.89 -19.73 10.06
O4 NAG WA . -34.26 -17.20 11.39
O5 NAG WA . -33.90 -16.23 7.88
O6 NAG WA . -33.83 -14.72 11.18
O7 NAG WA . -33.05 -21.19 7.69
C1 NAG XA . -50.11 1.74 -14.02
C2 NAG XA . -50.02 2.19 -15.49
C3 NAG XA . -51.31 2.89 -15.90
C4 NAG XA . -52.48 1.92 -15.72
C5 NAG XA . -52.58 1.55 -14.25
C6 NAG XA . -53.68 0.55 -13.96
C7 NAG XA . -47.83 2.66 -16.49
C8 NAG XA . -46.73 3.65 -16.63
N2 NAG XA . -48.87 3.03 -15.72
O3 NAG XA . -51.25 3.34 -17.24
O4 NAG XA . -53.69 2.52 -16.17
O5 NAG XA . -51.34 0.96 -13.79
O6 NAG XA . -54.03 0.53 -12.58
O7 NAG XA . -47.79 1.56 -17.04
C1 NAG YA . -24.68 3.47 -39.89
C2 NAG YA . -25.29 2.31 -40.69
C3 NAG YA . -24.20 1.56 -41.46
C4 NAG YA . -23.36 2.52 -42.30
C5 NAG YA . -22.82 3.66 -41.42
C6 NAG YA . -22.11 4.71 -42.22
C7 NAG YA . -27.32 1.28 -39.76
C8 NAG YA . -27.86 0.28 -38.79
N2 NAG YA . -25.99 1.39 -39.80
O3 NAG YA . -24.80 0.59 -42.31
O4 NAG YA . -22.26 1.83 -42.88
O5 NAG YA . -23.92 4.31 -40.76
O6 NAG YA . -23.03 5.50 -42.96
O7 NAG YA . -28.06 1.95 -40.48
C1 NAG ZA . -23.74 22.68 -9.85
C2 NAG ZA . -24.32 22.67 -8.45
C3 NAG ZA . -25.68 21.98 -8.38
C4 NAG ZA . -26.58 22.49 -9.49
C5 NAG ZA . -25.88 22.40 -10.83
C6 NAG ZA . -26.77 22.91 -11.95
C7 NAG ZA . -22.95 22.59 -6.49
C8 NAG ZA . -21.47 22.71 -6.37
N2 NAG ZA . -23.40 21.98 -7.57
O3 NAG ZA . -26.27 22.23 -7.11
O4 NAG ZA . -27.79 21.71 -9.52
O5 NAG ZA . -24.70 23.18 -10.78
O6 NAG ZA . -26.98 24.31 -11.78
O7 NAG ZA . -23.71 23.04 -5.64
C1 NAG AB . -34.98 24.08 -27.49
C2 NAG AB . -35.48 25.52 -27.32
C3 NAG AB . -36.04 25.72 -25.91
C4 NAG AB . -37.06 24.65 -25.54
C5 NAG AB . -36.51 23.25 -25.82
C6 NAG AB . -37.58 22.20 -25.71
C7 NAG AB . -34.56 27.58 -28.29
C8 NAG AB . -35.92 27.85 -28.85
N2 NAG AB . -34.40 26.46 -27.58
O3 NAG AB . -36.64 27.01 -25.78
O4 NAG AB . -37.40 24.74 -24.16
O5 NAG AB . -36.02 23.17 -27.16
O6 NAG AB . -38.50 22.30 -26.80
O7 NAG AB . -33.62 28.35 -28.47
#